data_7C5O
#
_entry.id   7C5O
#
_cell.length_a   89.972
_cell.length_b   89.972
_cell.length_c   342.246
_cell.angle_alpha   90.00
_cell.angle_beta   90.00
_cell.angle_gamma   90.00
#
_symmetry.space_group_name_H-M   'P 41 21 2'
#
loop_
_entity.id
_entity.type
_entity.pdbx_description
1 polymer 'Glyceraldehyde-3-phosphate dehydrogenase'
2 non-polymer NICOTINAMIDE-ADENINE-DINUCLEOTIDE
3 non-polymer 'PHOSPHATE ION'
4 non-polymer 'CHLORIDE ION'
5 water water
#
_entity_poly.entity_id   1
_entity_poly.type   'polypeptide(L)'
_entity_poly.pdbx_seq_one_letter_code
;HHHHHHSSGLVPRGSHMASMSKVGINGFGRIGRLVLRRLLEVKSNIDVVAINDLTSPKILAYLLKHDSNYGPFPWSVDFT
EDSLIVDGKSIAVYAEKEAKNIPWKAKGAEIIVECTGFYTSAEKSQAHLDAGAKKVLISAPAGEMKTIVYNVNDDTLDGN
DTIVSVASCTTNCLAPMAKALHDSFGIEVGTMTTIAAYTGTQSLVDGPRGKDLRASRAAAENIIPHTTGAAKAIGLVIPE
LSGKLKGHAQRVPVKTGSVTELVSILGKKVTAEEVNNALKQATTNNESFGYTDEEIVSSDIIGSHFGSVFDATQTEITAV
GDLQLVKTVAWYDNEYGFVTQLIRTLEKFAKL
;
_entity_poly.pdbx_strand_id   O,P,Q,R
#
loop_
_chem_comp.id
_chem_comp.type
_chem_comp.name
_chem_comp.formula
CL non-polymer 'CHLORIDE ION' 'Cl -1'
NAD non-polymer NICOTINAMIDE-ADENINE-DINUCLEOTIDE 'C21 H27 N7 O14 P2'
PO4 non-polymer 'PHOSPHATE ION' 'O4 P -3'
#
# COMPACT_ATOMS: atom_id res chain seq x y z
N SER A 15 -28.99 26.37 -41.42
CA SER A 15 -27.49 26.47 -41.42
C SER A 15 -26.84 25.14 -41.04
N HIS A 16 -26.37 24.98 -39.79
CA HIS A 16 -25.56 23.81 -39.43
C HIS A 16 -26.44 22.69 -38.89
N MET A 17 -26.52 21.59 -39.66
CA MET A 17 -27.16 20.37 -39.18
C MET A 17 -26.48 19.85 -37.92
N ALA A 18 -27.28 19.52 -36.91
CA ALA A 18 -26.74 19.09 -35.63
C ALA A 18 -25.98 17.78 -35.76
N SER A 19 -24.78 17.73 -35.21
CA SER A 19 -24.12 16.47 -34.97
C SER A 19 -24.88 15.71 -33.89
N MET A 20 -24.65 14.41 -33.79
CA MET A 20 -25.19 13.65 -32.67
C MET A 20 -24.74 14.28 -31.38
N SER A 21 -25.66 14.38 -30.41
CA SER A 21 -25.35 15.06 -29.18
C SER A 21 -25.76 14.31 -27.92
N LYS A 22 -26.51 13.21 -28.00
CA LYS A 22 -27.02 12.56 -26.80
C LYS A 22 -26.33 11.22 -26.62
N VAL A 23 -25.76 11.02 -25.42
CA VAL A 23 -24.97 9.85 -25.10
C VAL A 23 -25.62 9.05 -23.98
N GLY A 24 -25.49 7.74 -24.06
CA GLY A 24 -25.77 6.85 -22.94
C GLY A 24 -24.49 6.15 -22.53
N ILE A 25 -24.34 5.91 -21.22
CA ILE A 25 -23.19 5.19 -20.70
C ILE A 25 -23.67 3.84 -20.20
N ASN A 26 -23.06 2.77 -20.69
CA ASN A 26 -23.33 1.44 -20.17
C ASN A 26 -22.15 1.06 -19.30
N GLY A 27 -22.40 0.90 -18.00
CA GLY A 27 -21.34 0.56 -17.08
C GLY A 27 -20.79 1.83 -16.49
N PHE A 28 -21.38 2.25 -15.36
CA PHE A 28 -21.00 3.49 -14.67
C PHE A 28 -19.90 3.19 -13.64
N GLY A 29 -18.81 2.65 -14.14
CA GLY A 29 -17.71 2.18 -13.32
C GLY A 29 -16.57 3.18 -13.28
N ARG A 30 -15.34 2.67 -13.12
CA ARG A 30 -14.20 3.59 -13.07
C ARG A 30 -14.18 4.44 -14.33
N ILE A 31 -14.23 3.80 -15.49
CA ILE A 31 -14.19 4.52 -16.76
C ILE A 31 -15.50 5.29 -16.99
N GLY A 32 -16.64 4.66 -16.73
CA GLY A 32 -17.90 5.32 -17.03
C GLY A 32 -18.10 6.60 -16.25
N ARG A 33 -17.77 6.60 -14.97
CA ARG A 33 -17.92 7.79 -14.15
C ARG A 33 -16.95 8.87 -14.60
N LEU A 34 -15.74 8.49 -14.99
CA LEU A 34 -14.77 9.48 -15.46
C LEU A 34 -15.16 10.04 -16.83
N VAL A 35 -15.85 9.23 -17.65
CA VAL A 35 -16.38 9.74 -18.92
C VAL A 35 -17.26 10.97 -18.66
N LEU A 36 -18.16 10.85 -17.71
CA LEU A 36 -19.01 11.99 -17.37
C LEU A 36 -18.17 13.14 -16.82
N ARG A 37 -17.23 12.84 -15.90
CA ARG A 37 -16.44 13.92 -15.33
C ARG A 37 -15.74 14.72 -16.42
N ARG A 38 -15.11 14.03 -17.37
CA ARG A 38 -14.33 14.70 -18.40
C ARG A 38 -15.23 15.45 -19.37
N LEU A 39 -16.39 14.91 -19.73
CA LEU A 39 -17.31 15.64 -20.61
C LEU A 39 -17.74 16.96 -19.99
N LEU A 40 -18.02 16.96 -18.69
CA LEU A 40 -18.35 18.21 -18.01
C LEU A 40 -17.14 19.11 -17.91
N GLU A 41 -15.98 18.52 -17.64
CA GLU A 41 -14.77 19.32 -17.50
C GLU A 41 -14.50 20.14 -18.75
N VAL A 42 -14.64 19.53 -19.92
CA VAL A 42 -14.30 20.18 -21.18
C VAL A 42 -15.50 20.94 -21.72
N LYS A 43 -16.59 21.00 -20.96
CA LYS A 43 -17.82 21.68 -21.36
C LYS A 43 -18.27 21.22 -22.75
N SER A 44 -18.28 19.92 -22.94
CA SER A 44 -18.69 19.35 -24.21
C SER A 44 -20.12 19.72 -24.54
N ASN A 45 -20.43 19.80 -25.83
CA ASN A 45 -21.82 19.90 -26.23
C ASN A 45 -22.53 18.55 -26.28
N ILE A 46 -21.81 17.46 -26.04
CA ILE A 46 -22.43 16.17 -25.83
C ILE A 46 -23.11 16.18 -24.47
N ASP A 47 -24.31 15.58 -24.40
CA ASP A 47 -25.09 15.47 -23.16
C ASP A 47 -25.28 14.00 -22.83
N VAL A 48 -24.83 13.58 -21.64
CA VAL A 48 -25.16 12.25 -21.13
C VAL A 48 -26.61 12.26 -20.67
N VAL A 49 -27.48 11.56 -21.39
CA VAL A 49 -28.91 11.56 -21.04
C VAL A 49 -29.33 10.32 -20.27
N ALA A 50 -28.52 9.28 -20.27
CA ALA A 50 -28.89 8.05 -19.57
C ALA A 50 -27.66 7.23 -19.21
N ILE A 51 -27.81 6.44 -18.15
CA ILE A 51 -26.81 5.54 -17.63
C ILE A 51 -27.50 4.21 -17.38
N ASN A 52 -26.81 3.12 -17.70
CA ASN A 52 -27.28 1.79 -17.37
C ASN A 52 -26.20 1.11 -16.54
N ASP A 53 -26.60 0.59 -15.39
CA ASP A 53 -25.64 -0.15 -14.58
C ASP A 53 -26.42 -1.30 -13.94
N LEU A 54 -25.99 -1.78 -12.79
CA LEU A 54 -26.68 -2.87 -12.10
C LEU A 54 -27.12 -2.47 -10.72
N THR A 55 -27.14 -1.17 -10.41
CA THR A 55 -27.27 -0.74 -9.03
C THR A 55 -28.21 0.45 -8.96
N SER A 56 -28.51 0.85 -7.73
CA SER A 56 -29.46 1.92 -7.50
C SER A 56 -28.86 3.30 -7.83
N PRO A 57 -29.70 4.27 -8.18
CA PRO A 57 -29.22 5.66 -8.26
C PRO A 57 -28.49 6.14 -7.02
N LYS A 58 -28.96 5.74 -5.84
CA LYS A 58 -28.31 6.17 -4.60
C LYS A 58 -26.84 5.78 -4.58
N ILE A 59 -26.54 4.52 -4.91
CA ILE A 59 -25.16 4.04 -4.87
C ILE A 59 -24.32 4.67 -5.97
N LEU A 60 -24.88 4.81 -7.18
CA LEU A 60 -24.15 5.50 -8.24
C LEU A 60 -23.85 6.93 -7.87
N ALA A 61 -24.79 7.60 -7.20
CA ALA A 61 -24.57 8.98 -6.81
C ALA A 61 -23.46 9.08 -5.76
N TYR A 62 -23.46 8.16 -4.80
CA TYR A 62 -22.38 8.09 -3.81
C TYR A 62 -21.03 7.86 -4.49
N LEU A 63 -20.95 6.92 -5.43
CA LEU A 63 -19.67 6.66 -6.09
C LEU A 63 -19.24 7.82 -6.98
N LEU A 64 -20.20 8.52 -7.60
CA LEU A 64 -19.84 9.65 -8.45
C LEU A 64 -19.33 10.81 -7.60
N LYS A 65 -19.94 11.03 -6.45
CA LYS A 65 -19.57 12.18 -5.63
C LYS A 65 -18.21 11.99 -4.98
N HIS A 66 -17.85 10.76 -4.62
CA HIS A 66 -16.67 10.45 -3.82
C HIS A 66 -15.77 9.50 -4.59
N ASP A 67 -14.58 9.95 -4.94
CA ASP A 67 -13.68 9.18 -5.78
C ASP A 67 -12.32 9.03 -5.09
N SER A 68 -11.90 7.79 -4.82
CA SER A 68 -10.63 7.58 -4.13
C SER A 68 -9.43 8.04 -4.94
N ASN A 69 -9.54 8.13 -6.26
CA ASN A 69 -8.40 8.46 -7.10
C ASN A 69 -8.36 9.93 -7.48
N TYR A 70 -9.53 10.57 -7.68
CA TYR A 70 -9.56 11.93 -8.16
C TYR A 70 -10.27 12.88 -7.21
N GLY A 71 -10.69 12.43 -6.03
CA GLY A 71 -11.32 13.34 -5.08
C GLY A 71 -12.74 13.73 -5.44
N PRO A 72 -13.27 14.71 -4.70
CA PRO A 72 -14.70 15.06 -4.82
C PRO A 72 -15.08 15.45 -6.23
N PHE A 73 -16.27 15.04 -6.63
CA PHE A 73 -16.79 15.42 -7.94
C PHE A 73 -16.95 16.93 -8.01
N PRO A 74 -16.53 17.58 -9.10
CA PRO A 74 -16.56 19.05 -9.15
C PRO A 74 -17.92 19.67 -9.44
N TRP A 75 -19.00 18.90 -9.51
CA TRP A 75 -20.34 19.44 -9.72
C TRP A 75 -21.30 18.81 -8.73
N SER A 76 -22.47 19.44 -8.53
CA SER A 76 -23.47 18.91 -7.63
C SER A 76 -23.95 17.54 -8.10
N VAL A 77 -24.30 16.68 -7.15
CA VAL A 77 -24.82 15.35 -7.45
C VAL A 77 -25.97 15.08 -6.49
N ASP A 78 -27.15 14.80 -7.03
CA ASP A 78 -28.32 14.32 -6.30
C ASP A 78 -28.87 13.13 -7.08
N PHE A 79 -29.92 12.48 -6.57
CA PHE A 79 -30.52 11.35 -7.26
C PHE A 79 -32.00 11.30 -6.92
N THR A 80 -32.75 10.56 -7.74
CA THR A 80 -34.11 10.15 -7.42
C THR A 80 -34.17 8.63 -7.50
N GLU A 81 -35.38 8.08 -7.37
CA GLU A 81 -35.52 6.64 -7.46
C GLU A 81 -35.09 6.09 -8.82
N ASP A 82 -35.05 6.93 -9.86
CA ASP A 82 -34.73 6.43 -11.19
C ASP A 82 -33.83 7.38 -11.97
N SER A 83 -33.06 8.24 -11.30
CA SER A 83 -32.22 9.17 -12.02
C SER A 83 -31.09 9.70 -11.14
N LEU A 84 -30.09 10.27 -11.80
CA LEU A 84 -29.11 11.16 -11.20
C LEU A 84 -29.42 12.58 -11.62
N ILE A 85 -29.13 13.51 -10.74
CA ILE A 85 -29.20 14.92 -11.07
C ILE A 85 -27.80 15.47 -10.90
N VAL A 86 -27.15 15.84 -11.99
CA VAL A 86 -25.75 16.20 -12.00
C VAL A 86 -25.61 17.60 -12.56
N ASP A 87 -25.05 18.50 -11.77
CA ASP A 87 -24.98 19.90 -12.16
C ASP A 87 -26.35 20.42 -12.56
N GLY A 88 -27.38 19.98 -11.83
CA GLY A 88 -28.74 20.40 -12.11
C GLY A 88 -29.45 19.67 -13.24
N LYS A 89 -28.76 18.82 -14.00
CA LYS A 89 -29.35 18.14 -15.16
C LYS A 89 -29.71 16.71 -14.83
N SER A 90 -30.86 16.26 -15.32
CA SER A 90 -31.35 14.91 -15.03
C SER A 90 -30.74 13.88 -16.00
N ILE A 91 -30.27 12.76 -15.43
CA ILE A 91 -29.74 11.64 -16.20
C ILE A 91 -30.53 10.40 -15.79
N ALA A 92 -31.22 9.79 -16.74
CA ALA A 92 -32.00 8.61 -16.39
C ALA A 92 -31.03 7.47 -16.02
N VAL A 93 -31.45 6.63 -15.07
CA VAL A 93 -30.67 5.48 -14.64
C VAL A 93 -31.51 4.22 -14.84
N TYR A 94 -30.98 3.30 -15.63
CA TYR A 94 -31.61 2.02 -15.90
C TYR A 94 -30.73 0.95 -15.27
N ALA A 95 -31.28 -0.25 -15.12
CA ALA A 95 -30.57 -1.36 -14.49
C ALA A 95 -30.86 -2.67 -15.22
N GLU A 96 -30.54 -2.70 -16.52
CA GLU A 96 -30.73 -3.88 -17.37
C GLU A 96 -29.39 -4.58 -17.57
N LYS A 97 -29.30 -5.82 -17.13
CA LYS A 97 -28.03 -6.51 -17.31
C LYS A 97 -27.84 -7.01 -18.73
N GLU A 98 -28.90 -7.03 -19.56
CA GLU A 98 -28.75 -7.35 -20.98
C GLU A 98 -28.96 -6.09 -21.80
N ALA A 99 -27.91 -5.72 -22.56
CA ALA A 99 -27.92 -4.44 -23.26
C ALA A 99 -29.13 -4.32 -24.20
N LYS A 100 -29.54 -5.44 -24.81
CA LYS A 100 -30.67 -5.38 -25.74
C LYS A 100 -31.94 -4.87 -25.06
N ASN A 101 -32.02 -4.94 -23.74
CA ASN A 101 -33.18 -4.48 -23.00
C ASN A 101 -33.07 -3.05 -22.48
N ILE A 102 -31.94 -2.38 -22.71
CA ILE A 102 -31.83 -1.03 -22.14
C ILE A 102 -32.75 -0.10 -22.91
N PRO A 103 -33.54 0.69 -22.27
CA PRO A 103 -34.50 1.55 -23.00
C PRO A 103 -33.88 2.87 -23.45
N TRP A 104 -32.90 2.78 -24.35
CA TRP A 104 -32.15 3.95 -24.78
C TRP A 104 -33.03 4.97 -25.50
N LYS A 105 -34.10 4.53 -26.16
CA LYS A 105 -34.98 5.45 -26.89
C LYS A 105 -35.78 6.39 -25.98
N ALA A 106 -35.92 6.10 -24.69
CA ALA A 106 -36.77 6.94 -23.86
C ALA A 106 -36.25 8.37 -23.79
N LYS A 107 -34.95 8.55 -23.55
CA LYS A 107 -34.34 9.88 -23.56
C LYS A 107 -33.50 10.14 -24.81
N GLY A 108 -33.57 9.24 -25.77
CA GLY A 108 -32.99 9.50 -27.07
C GLY A 108 -31.48 9.37 -27.10
N ALA A 109 -30.90 8.47 -26.31
CA ALA A 109 -29.47 8.23 -26.37
C ALA A 109 -29.07 7.74 -27.78
N GLU A 110 -28.18 8.48 -28.42
CA GLU A 110 -27.73 8.11 -29.77
C GLU A 110 -26.42 7.33 -29.80
N ILE A 111 -25.41 7.76 -29.05
CA ILE A 111 -24.12 7.07 -28.99
C ILE A 111 -23.99 6.46 -27.59
N ILE A 112 -23.72 5.15 -27.54
CA ILE A 112 -23.50 4.46 -26.28
C ILE A 112 -22.00 4.35 -26.06
N VAL A 113 -21.55 4.83 -24.92
CA VAL A 113 -20.17 4.60 -24.50
C VAL A 113 -20.22 3.33 -23.66
N GLU A 114 -19.67 2.25 -24.19
CA GLU A 114 -19.84 0.90 -23.66
C GLU A 114 -18.64 0.58 -22.76
N CYS A 115 -18.88 0.64 -21.44
CA CYS A 115 -17.83 0.62 -20.43
C CYS A 115 -17.99 -0.52 -19.42
N THR A 116 -18.73 -1.58 -19.75
CA THR A 116 -18.93 -2.66 -18.78
C THR A 116 -17.87 -3.72 -18.87
N GLY A 117 -17.17 -3.83 -20.00
CA GLY A 117 -16.31 -4.96 -20.22
C GLY A 117 -16.99 -6.23 -20.67
N PHE A 118 -18.32 -6.22 -20.77
CA PHE A 118 -19.07 -7.42 -21.14
C PHE A 118 -19.53 -7.45 -22.59
N TYR A 119 -19.26 -6.42 -23.39
CA TYR A 119 -19.77 -6.39 -24.77
C TYR A 119 -18.65 -6.08 -25.75
N THR A 120 -17.47 -6.67 -25.52
CA THR A 120 -16.27 -6.31 -26.27
C THR A 120 -16.19 -7.02 -27.63
N SER A 121 -17.25 -6.94 -28.42
CA SER A 121 -17.20 -7.37 -29.82
C SER A 121 -18.32 -6.67 -30.55
N ALA A 122 -18.25 -6.71 -31.88
CA ALA A 122 -19.32 -6.12 -32.67
C ALA A 122 -20.61 -6.88 -32.44
N GLU A 123 -20.53 -8.21 -32.45
CA GLU A 123 -21.70 -9.05 -32.21
C GLU A 123 -22.40 -8.69 -30.90
N LYS A 124 -21.63 -8.54 -29.83
CA LYS A 124 -22.20 -8.23 -28.52
C LYS A 124 -22.72 -6.80 -28.45
N SER A 125 -21.90 -5.83 -28.86
CA SER A 125 -22.29 -4.44 -28.74
C SER A 125 -23.39 -4.05 -29.71
N GLN A 126 -23.62 -4.80 -30.79
CA GLN A 126 -24.72 -4.38 -31.63
C GLN A 126 -26.06 -4.48 -30.93
N ALA A 127 -26.13 -5.18 -29.78
CA ALA A 127 -27.37 -5.18 -29.00
C ALA A 127 -27.83 -3.77 -28.66
N HIS A 128 -26.92 -2.82 -28.48
CA HIS A 128 -27.32 -1.46 -28.17
C HIS A 128 -28.09 -0.85 -29.33
N LEU A 129 -27.71 -1.21 -30.56
CA LEU A 129 -28.44 -0.73 -31.71
C LEU A 129 -29.85 -1.29 -31.70
N ASP A 130 -29.98 -2.59 -31.41
CA ASP A 130 -31.31 -3.19 -31.30
C ASP A 130 -32.12 -2.47 -30.23
N ALA A 131 -31.44 -2.01 -29.18
CA ALA A 131 -32.07 -1.26 -28.10
C ALA A 131 -32.34 0.20 -28.45
N GLY A 132 -32.04 0.64 -29.67
CA GLY A 132 -32.45 1.96 -30.14
C GLY A 132 -31.34 2.99 -30.30
N ALA A 133 -30.11 2.69 -29.89
CA ALA A 133 -28.99 3.61 -30.15
C ALA A 133 -28.60 3.59 -31.63
N LYS A 134 -27.83 4.60 -32.04
CA LYS A 134 -27.31 4.72 -33.41
C LYS A 134 -25.88 4.23 -33.57
N LYS A 135 -25.06 4.36 -32.53
CA LYS A 135 -23.63 4.02 -32.61
C LYS A 135 -23.16 3.60 -31.23
N VAL A 136 -22.03 2.86 -31.23
CA VAL A 136 -21.42 2.37 -29.99
C VAL A 136 -19.92 2.62 -30.04
N LEU A 137 -19.39 3.16 -28.96
CA LEU A 137 -17.95 3.33 -28.77
C LEU A 137 -17.53 2.52 -27.55
N ILE A 138 -16.66 1.53 -27.74
CA ILE A 138 -16.33 0.56 -26.70
C ILE A 138 -15.03 0.98 -26.02
N SER A 139 -15.03 1.02 -24.70
CA SER A 139 -13.88 1.52 -23.94
C SER A 139 -12.83 0.44 -23.70
N ALA A 140 -12.63 -0.45 -24.65
CA ALA A 140 -11.75 -1.60 -24.49
C ALA A 140 -11.46 -2.16 -25.87
N PRO A 141 -10.41 -2.95 -26.01
CA PRO A 141 -10.24 -3.74 -27.22
C PRO A 141 -11.49 -4.57 -27.45
N ALA A 142 -11.86 -4.76 -28.72
CA ALA A 142 -13.10 -5.47 -29.03
C ALA A 142 -12.92 -6.22 -30.34
N GLY A 143 -11.89 -7.06 -30.38
CA GLY A 143 -11.57 -7.83 -31.56
C GLY A 143 -11.09 -6.94 -32.70
N GLU A 144 -11.26 -7.42 -33.93
CA GLU A 144 -10.69 -6.78 -35.10
C GLU A 144 -11.60 -5.69 -35.69
N MET A 145 -12.48 -5.09 -34.89
CA MET A 145 -13.26 -3.95 -35.39
C MET A 145 -12.38 -2.70 -35.54
N LYS A 146 -12.93 -1.68 -36.18
CA LYS A 146 -12.25 -0.40 -36.28
C LYS A 146 -11.86 0.10 -34.88
N THR A 147 -10.59 0.40 -34.69
CA THR A 147 -10.01 0.63 -33.37
C THR A 147 -9.15 1.89 -33.43
N ILE A 148 -9.44 2.89 -32.59
CA ILE A 148 -8.92 4.25 -32.76
C ILE A 148 -8.09 4.65 -31.55
N VAL A 149 -6.84 5.03 -31.80
CA VAL A 149 -6.06 5.82 -30.85
C VAL A 149 -6.04 7.24 -31.39
N TYR A 150 -6.68 8.14 -30.68
CA TYR A 150 -6.80 9.47 -31.18
C TYR A 150 -5.44 10.10 -31.36
N ASN A 151 -5.28 10.80 -32.48
CA ASN A 151 -4.04 11.44 -32.92
C ASN A 151 -2.99 10.43 -33.33
N VAL A 152 -3.38 9.17 -33.51
CA VAL A 152 -2.57 8.21 -34.26
C VAL A 152 -3.28 7.77 -35.53
N ASN A 153 -4.53 7.29 -35.41
CA ASN A 153 -5.25 6.81 -36.59
C ASN A 153 -6.73 7.21 -36.62
N ASP A 154 -7.09 8.31 -35.96
CA ASP A 154 -8.50 8.71 -35.96
C ASP A 154 -8.96 9.16 -37.34
N ASP A 155 -8.03 9.44 -38.24
CA ASP A 155 -8.41 9.79 -39.61
C ASP A 155 -8.98 8.60 -40.36
N THR A 156 -8.91 7.38 -39.81
CA THR A 156 -9.54 6.23 -40.45
C THR A 156 -11.02 6.10 -40.10
N LEU A 157 -11.53 6.91 -39.20
CA LEU A 157 -12.95 6.91 -38.88
C LEU A 157 -13.73 7.58 -39.99
N ASP A 158 -14.93 7.05 -40.30
CA ASP A 158 -15.79 7.72 -41.28
C ASP A 158 -17.23 7.55 -40.86
N GLY A 159 -18.13 8.11 -41.66
CA GLY A 159 -19.54 8.16 -41.30
C GLY A 159 -20.22 6.81 -41.35
N ASN A 160 -19.58 5.79 -41.93
CA ASN A 160 -20.18 4.46 -41.94
C ASN A 160 -19.75 3.59 -40.77
N ASP A 161 -18.83 4.07 -39.92
CA ASP A 161 -18.47 3.34 -38.72
C ASP A 161 -19.60 3.46 -37.71
N THR A 162 -20.10 2.33 -37.25
CA THR A 162 -21.22 2.29 -36.32
C THR A 162 -20.84 1.74 -34.95
N ILE A 163 -19.96 0.75 -34.91
CA ILE A 163 -19.38 0.27 -33.66
C ILE A 163 -17.87 0.41 -33.77
N VAL A 164 -17.25 1.09 -32.79
CA VAL A 164 -15.83 1.39 -32.79
C VAL A 164 -15.25 1.12 -31.41
N SER A 165 -13.95 0.78 -31.36
CA SER A 165 -13.20 0.57 -30.14
C SER A 165 -12.11 1.61 -30.00
N VAL A 166 -11.79 2.02 -28.76
CA VAL A 166 -10.63 2.88 -28.50
C VAL A 166 -9.46 2.09 -27.91
N ALA A 167 -9.51 0.77 -28.00
CA ALA A 167 -8.48 -0.16 -27.51
C ALA A 167 -8.37 0.02 -25.99
N SER A 168 -7.21 -0.34 -25.42
CA SER A 168 -6.97 -0.27 -23.98
C SER A 168 -6.21 1.00 -23.63
N CYS A 169 -6.16 1.28 -22.32
CA CYS A 169 -5.26 2.32 -21.83
C CYS A 169 -3.84 2.08 -22.35
N THR A 170 -3.39 0.82 -22.28
CA THR A 170 -2.02 0.51 -22.67
C THR A 170 -1.80 0.78 -24.15
N THR A 171 -2.77 0.43 -24.98
CA THR A 171 -2.66 0.76 -26.42
C THR A 171 -2.52 2.26 -26.62
N ASN A 172 -3.32 3.08 -25.92
CA ASN A 172 -3.22 4.54 -26.08
C ASN A 172 -1.91 5.10 -25.55
N CYS A 173 -1.20 4.35 -24.72
CA CYS A 173 0.14 4.77 -24.31
C CYS A 173 1.17 4.35 -25.35
N LEU A 174 1.08 3.09 -25.77
CA LEU A 174 2.08 2.47 -26.63
C LEU A 174 2.03 3.05 -28.05
N ALA A 175 0.84 3.17 -28.61
CA ALA A 175 0.69 3.52 -30.02
C ALA A 175 1.35 4.84 -30.41
N PRO A 176 1.19 5.95 -29.67
CA PRO A 176 1.82 7.18 -30.14
C PRO A 176 3.34 7.13 -30.07
N MET A 177 3.91 6.43 -29.08
CA MET A 177 5.36 6.24 -29.05
C MET A 177 5.82 5.35 -30.20
N ALA A 178 5.12 4.24 -30.46
CA ALA A 178 5.53 3.36 -31.55
C ALA A 178 5.36 4.06 -32.89
N LYS A 179 4.32 4.89 -33.01
CA LYS A 179 4.08 5.60 -34.26
C LYS A 179 5.23 6.54 -34.56
N ALA A 180 5.64 7.32 -33.56
CA ALA A 180 6.73 8.28 -33.74
C ALA A 180 8.02 7.57 -34.09
N LEU A 181 8.35 6.49 -33.36
CA LEU A 181 9.55 5.73 -33.64
C LEU A 181 9.52 5.11 -35.03
N HIS A 182 8.39 4.52 -35.38
CA HIS A 182 8.30 3.88 -36.68
C HIS A 182 8.41 4.90 -37.80
N ASP A 183 7.66 6.01 -37.70
CA ASP A 183 7.76 7.05 -38.72
C ASP A 183 9.21 7.53 -38.85
N SER A 184 9.91 7.70 -37.74
CA SER A 184 11.22 8.35 -37.78
C SER A 184 12.32 7.40 -38.20
N PHE A 185 12.28 6.15 -37.71
CA PHE A 185 13.43 5.26 -37.77
C PHE A 185 13.09 3.89 -38.29
N GLY A 186 11.82 3.50 -38.29
CA GLY A 186 11.42 2.15 -38.56
C GLY A 186 11.54 1.28 -37.34
N ILE A 187 10.45 0.64 -36.95
CA ILE A 187 10.49 -0.46 -35.99
C ILE A 187 10.46 -1.78 -36.74
N GLU A 188 11.51 -2.57 -36.56
CA GLU A 188 11.62 -3.89 -37.14
C GLU A 188 10.97 -4.97 -36.29
N VAL A 189 11.11 -4.86 -34.97
CA VAL A 189 10.55 -5.82 -34.01
C VAL A 189 10.69 -5.17 -32.63
N GLY A 190 9.82 -5.53 -31.70
CA GLY A 190 9.88 -4.91 -30.38
C GLY A 190 9.05 -5.68 -29.38
N THR A 191 9.33 -5.41 -28.10
CA THR A 191 8.58 -6.04 -27.02
C THR A 191 8.39 -5.02 -25.90
N MET A 192 7.19 -5.04 -25.34
CA MET A 192 6.74 -4.04 -24.39
C MET A 192 6.56 -4.68 -23.01
N THR A 193 6.85 -3.93 -21.96
CA THR A 193 6.36 -4.28 -20.62
C THR A 193 5.79 -3.01 -20.01
N THR A 194 4.52 -3.06 -19.59
CA THR A 194 3.93 -1.96 -18.88
C THR A 194 3.91 -2.28 -17.38
N ILE A 195 4.45 -1.36 -16.58
CA ILE A 195 4.42 -1.47 -15.13
C ILE A 195 3.22 -0.64 -14.73
N ALA A 196 2.14 -1.30 -14.32
CA ALA A 196 0.82 -0.69 -14.37
C ALA A 196 0.08 -0.82 -13.05
N ALA A 197 -0.70 0.21 -12.76
CA ALA A 197 -1.60 0.23 -11.62
C ALA A 197 -2.57 -0.95 -11.68
N TYR A 198 -2.97 -1.43 -10.50
CA TYR A 198 -3.92 -2.52 -10.48
C TYR A 198 -5.32 -2.02 -10.82
N THR A 199 -6.16 -2.93 -11.33
CA THR A 199 -7.51 -2.61 -11.76
C THR A 199 -8.51 -3.63 -11.22
N GLY A 200 -9.78 -3.34 -11.45
CA GLY A 200 -10.89 -4.11 -10.94
C GLY A 200 -11.00 -5.53 -11.50
N THR A 201 -10.23 -5.88 -12.54
CA THR A 201 -10.21 -7.27 -12.97
C THR A 201 -9.40 -8.16 -12.02
N GLN A 202 -8.66 -7.57 -11.11
CA GLN A 202 -7.83 -8.31 -10.17
C GLN A 202 -8.61 -8.63 -8.90
N SER A 203 -7.91 -9.09 -7.86
CA SER A 203 -8.52 -9.54 -6.61
C SER A 203 -8.01 -8.71 -5.44
N LEU A 204 -8.89 -8.45 -4.47
CA LEU A 204 -8.48 -7.75 -3.25
C LEU A 204 -7.74 -8.68 -2.30
N VAL A 205 -8.27 -9.88 -2.10
CA VAL A 205 -7.60 -10.93 -1.32
C VAL A 205 -7.44 -12.13 -2.24
N ASP A 206 -6.49 -13.00 -1.89
CA ASP A 206 -6.23 -14.22 -2.65
C ASP A 206 -7.52 -15.01 -2.73
N GLY A 207 -8.02 -15.24 -3.94
CA GLY A 207 -9.19 -16.08 -4.14
C GLY A 207 -9.55 -16.18 -5.61
N PRO A 208 -10.44 -17.11 -5.98
CA PRO A 208 -10.72 -17.35 -7.39
C PRO A 208 -11.12 -16.08 -8.12
N ARG A 209 -10.60 -15.93 -9.33
CA ARG A 209 -10.96 -14.81 -10.20
C ARG A 209 -11.09 -15.41 -11.61
N GLY A 210 -12.22 -16.05 -11.87
CA GLY A 210 -12.36 -16.86 -13.05
C GLY A 210 -11.26 -17.91 -13.13
N LYS A 211 -10.71 -18.07 -14.33
CA LYS A 211 -9.73 -19.10 -14.61
C LYS A 211 -8.30 -18.56 -14.61
N ASP A 212 -8.13 -17.27 -14.39
CA ASP A 212 -6.83 -16.60 -14.44
C ASP A 212 -6.16 -16.76 -13.08
N LEU A 213 -5.08 -17.54 -13.02
CA LEU A 213 -4.43 -17.79 -11.73
C LEU A 213 -3.85 -16.51 -11.12
N ARG A 214 -3.05 -15.77 -11.88
CA ARG A 214 -2.45 -14.57 -11.30
C ARG A 214 -3.48 -13.51 -10.94
N ALA A 215 -4.59 -13.43 -11.67
CA ALA A 215 -5.63 -12.47 -11.32
C ALA A 215 -6.25 -12.78 -9.97
N SER A 216 -6.02 -13.98 -9.45
CA SER A 216 -6.58 -14.39 -8.18
C SER A 216 -5.80 -13.89 -6.98
N ARG A 217 -4.65 -13.25 -7.18
CA ARG A 217 -3.79 -12.89 -6.06
C ARG A 217 -4.01 -11.44 -5.63
N ALA A 218 -3.79 -11.18 -4.34
CA ALA A 218 -4.02 -9.86 -3.74
C ALA A 218 -3.25 -8.77 -4.48
N ALA A 219 -4.00 -7.87 -5.12
CA ALA A 219 -3.40 -6.95 -6.06
C ALA A 219 -2.59 -5.86 -5.38
N ALA A 220 -2.98 -5.42 -4.18
CA ALA A 220 -2.23 -4.35 -3.53
C ALA A 220 -1.04 -4.87 -2.71
N GLU A 221 -0.78 -6.17 -2.74
CA GLU A 221 0.33 -6.74 -1.98
C GLU A 221 1.33 -7.47 -2.86
N ASN A 222 1.28 -7.28 -4.18
CA ASN A 222 2.09 -8.10 -5.08
C ASN A 222 2.45 -7.37 -6.35
N ILE A 223 3.59 -7.74 -6.90
CA ILE A 223 3.89 -7.54 -8.31
C ILE A 223 3.29 -8.73 -9.05
N ILE A 224 2.39 -8.48 -9.99
CA ILE A 224 1.64 -9.55 -10.64
C ILE A 224 1.76 -9.52 -12.17
N PRO A 225 2.44 -10.48 -12.80
CA PRO A 225 2.45 -10.53 -14.27
C PRO A 225 1.04 -10.74 -14.82
N HIS A 226 0.82 -10.14 -15.99
CA HIS A 226 -0.53 -9.98 -16.51
C HIS A 226 -0.40 -9.89 -18.03
N THR A 227 -1.22 -10.65 -18.74
CA THR A 227 -1.22 -10.57 -20.19
C THR A 227 -1.89 -9.27 -20.61
N THR A 228 -1.50 -8.76 -21.77
CA THR A 228 -2.21 -7.65 -22.40
C THR A 228 -2.07 -7.82 -23.90
N GLY A 229 -3.07 -7.35 -24.64
CA GLY A 229 -3.03 -7.39 -26.09
C GLY A 229 -2.55 -6.12 -26.75
N ALA A 230 -2.07 -5.13 -25.97
CA ALA A 230 -1.76 -3.83 -26.55
C ALA A 230 -0.75 -3.94 -27.68
N ALA A 231 0.28 -4.76 -27.48
CA ALA A 231 1.33 -4.93 -28.48
C ALA A 231 0.89 -5.89 -29.58
N LYS A 232 0.28 -7.00 -29.20
CA LYS A 232 -0.07 -8.05 -30.15
C LYS A 232 -1.12 -7.57 -31.16
N ALA A 233 -2.03 -6.68 -30.76
CA ALA A 233 -3.06 -6.18 -31.66
C ALA A 233 -2.73 -4.78 -32.20
N ILE A 234 -1.48 -4.35 -32.08
CA ILE A 234 -1.16 -2.98 -32.47
C ILE A 234 -1.47 -2.72 -33.94
N GLY A 235 -1.51 -3.77 -34.76
CA GLY A 235 -1.75 -3.59 -36.19
C GLY A 235 -3.09 -2.99 -36.53
N LEU A 236 -4.07 -3.06 -35.62
CA LEU A 236 -5.34 -2.38 -35.82
C LEU A 236 -5.21 -0.86 -35.82
N VAL A 237 -4.16 -0.34 -35.18
CA VAL A 237 -3.95 1.08 -35.04
C VAL A 237 -2.79 1.54 -35.91
N ILE A 238 -1.74 0.73 -36.03
CA ILE A 238 -0.58 1.04 -36.87
C ILE A 238 -0.37 -0.19 -37.76
N PRO A 239 -1.01 -0.22 -38.93
CA PRO A 239 -1.00 -1.47 -39.71
C PRO A 239 0.38 -1.94 -40.09
N GLU A 240 1.34 -1.04 -40.30
CA GLU A 240 2.69 -1.46 -40.65
C GLU A 240 3.38 -2.23 -39.54
N LEU A 241 2.94 -2.10 -38.30
CA LEU A 241 3.54 -2.88 -37.22
C LEU A 241 2.77 -4.13 -36.88
N SER A 242 1.81 -4.53 -37.71
CA SER A 242 1.06 -5.75 -37.43
C SER A 242 2.00 -6.93 -37.26
N GLY A 243 1.82 -7.67 -36.17
CA GLY A 243 2.64 -8.81 -35.85
C GLY A 243 4.10 -8.53 -35.55
N LYS A 244 4.50 -7.28 -35.40
CA LYS A 244 5.88 -6.96 -35.09
C LYS A 244 6.15 -6.79 -33.59
N LEU A 245 5.12 -6.73 -32.76
CA LEU A 245 5.30 -6.44 -31.35
C LEU A 245 4.65 -7.50 -30.49
N LYS A 246 5.26 -7.75 -29.34
CA LYS A 246 4.64 -8.50 -28.27
C LYS A 246 4.82 -7.72 -26.97
N GLY A 247 4.17 -8.18 -25.92
CA GLY A 247 4.46 -7.63 -24.60
C GLY A 247 3.51 -8.14 -23.55
N HIS A 248 3.69 -7.64 -22.34
N HIS A 248 3.71 -7.63 -22.34
CA HIS A 248 2.83 -8.00 -21.23
CA HIS A 248 2.87 -7.99 -21.20
C HIS A 248 2.88 -6.88 -20.20
C HIS A 248 2.92 -6.88 -20.17
N ALA A 249 2.25 -7.11 -19.05
CA ALA A 249 2.19 -6.13 -17.96
C ALA A 249 2.72 -6.76 -16.67
N GLN A 250 3.25 -5.89 -15.80
CA GLN A 250 3.49 -6.19 -14.39
C GLN A 250 2.57 -5.26 -13.61
N ARG A 251 1.52 -5.84 -13.03
CA ARG A 251 0.59 -5.08 -12.23
C ARG A 251 1.15 -4.90 -10.83
N VAL A 252 1.13 -3.66 -10.35
CA VAL A 252 1.77 -3.32 -9.08
C VAL A 252 0.88 -2.47 -8.20
N PRO A 253 1.23 -2.32 -6.86
CA PRO A 253 0.31 -1.62 -5.92
C PRO A 253 0.39 -0.10 -5.95
N VAL A 254 -0.04 0.50 -7.06
CA VAL A 254 -0.47 1.90 -7.09
C VAL A 254 -1.90 1.95 -7.63
N LYS A 255 -2.64 2.97 -7.23
CA LYS A 255 -4.08 3.00 -7.46
C LYS A 255 -4.44 3.39 -8.89
N THR A 256 -3.65 4.25 -9.51
CA THR A 256 -3.76 4.60 -10.93
C THR A 256 -2.46 5.30 -11.28
N GLY A 257 -2.12 5.30 -12.58
CA GLY A 257 -0.86 5.83 -13.05
C GLY A 257 0.07 4.68 -13.40
N SER A 258 0.54 4.64 -14.64
CA SER A 258 1.24 3.47 -15.14
C SER A 258 2.33 3.94 -16.09
N VAL A 259 3.17 3.01 -16.52
CA VAL A 259 4.25 3.36 -17.41
C VAL A 259 4.52 2.21 -18.36
N THR A 260 4.84 2.54 -19.60
CA THR A 260 5.06 1.53 -20.64
C THR A 260 6.49 1.65 -21.17
N GLU A 261 7.21 0.54 -21.15
CA GLU A 261 8.54 0.44 -21.73
C GLU A 261 8.47 -0.37 -23.00
N LEU A 262 9.12 0.11 -24.04
CA LEU A 262 9.20 -0.58 -25.32
C LEU A 262 10.68 -0.77 -25.64
N VAL A 263 11.07 -2.01 -25.94
CA VAL A 263 12.42 -2.32 -26.40
C VAL A 263 12.31 -2.72 -27.87
N SER A 264 12.98 -1.96 -28.74
CA SER A 264 12.86 -2.11 -30.19
C SER A 264 14.20 -2.37 -30.87
N ILE A 265 14.16 -3.09 -31.98
CA ILE A 265 15.18 -3.01 -33.02
C ILE A 265 14.63 -2.03 -34.04
N LEU A 266 15.36 -0.94 -34.26
CA LEU A 266 14.94 0.07 -35.22
C LEU A 266 15.66 -0.17 -36.55
N GLY A 267 15.18 0.52 -37.59
CA GLY A 267 15.72 0.37 -38.94
C GLY A 267 17.00 1.12 -39.20
N LYS A 268 17.52 1.82 -38.20
CA LYS A 268 18.62 2.76 -38.33
C LYS A 268 19.37 2.81 -37.00
N LYS A 269 20.67 3.07 -37.03
CA LYS A 269 21.39 3.42 -35.80
C LYS A 269 20.99 4.81 -35.32
N VAL A 270 20.78 4.95 -34.01
CA VAL A 270 20.32 6.21 -33.42
C VAL A 270 21.11 6.53 -32.16
N THR A 271 21.09 7.80 -31.77
CA THR A 271 21.50 8.22 -30.45
C THR A 271 20.27 8.48 -29.59
N ALA A 272 20.49 8.52 -28.27
CA ALA A 272 19.39 8.82 -27.37
C ALA A 272 18.84 10.21 -27.65
N GLU A 273 19.72 11.19 -27.89
CA GLU A 273 19.22 12.52 -28.22
C GLU A 273 18.41 12.54 -29.52
N GLU A 274 18.80 11.73 -30.52
CA GLU A 274 18.04 11.73 -31.78
C GLU A 274 16.63 11.18 -31.57
N VAL A 275 16.52 10.13 -30.74
CA VAL A 275 15.21 9.56 -30.39
C VAL A 275 14.38 10.58 -29.64
N ASN A 276 14.98 11.18 -28.60
CA ASN A 276 14.23 12.17 -27.81
C ASN A 276 13.76 13.34 -28.68
N ASN A 277 14.60 13.79 -29.61
CA ASN A 277 14.17 14.89 -30.47
C ASN A 277 13.03 14.48 -31.39
N ALA A 278 13.11 13.30 -31.98
CA ALA A 278 12.01 12.82 -32.80
C ALA A 278 10.73 12.73 -31.99
N LEU A 279 10.82 12.18 -30.78
CA LEU A 279 9.64 12.09 -29.94
C LEU A 279 9.14 13.47 -29.56
N LYS A 280 10.04 14.42 -29.27
CA LYS A 280 9.57 15.76 -28.91
C LYS A 280 8.79 16.38 -30.07
N GLN A 281 9.31 16.25 -31.28
CA GLN A 281 8.58 16.76 -32.45
C GLN A 281 7.19 16.16 -32.57
N ALA A 282 7.07 14.85 -32.36
CA ALA A 282 5.77 14.21 -32.47
C ALA A 282 4.79 14.66 -31.39
N THR A 283 5.28 15.16 -30.25
CA THR A 283 4.36 15.64 -29.22
C THR A 283 4.01 17.11 -29.39
N THR A 284 4.63 17.80 -30.32
CA THR A 284 4.38 19.24 -30.46
C THR A 284 3.01 19.45 -31.10
N ASN A 285 2.25 20.39 -30.56
CA ASN A 285 0.88 20.65 -31.03
C ASN A 285 0.07 19.36 -31.09
N ASN A 286 0.20 18.52 -30.07
CA ASN A 286 -0.45 17.21 -30.03
C ASN A 286 -1.12 17.08 -28.66
N GLU A 287 -2.43 17.29 -28.61
CA GLU A 287 -3.14 17.29 -27.33
C GLU A 287 -3.28 15.89 -26.74
N SER A 288 -2.96 14.84 -27.49
CA SER A 288 -3.03 13.46 -27.00
C SER A 288 -1.72 12.94 -26.44
N PHE A 289 -0.59 13.56 -26.80
CA PHE A 289 0.73 12.96 -26.59
C PHE A 289 1.65 14.02 -26.01
N GLY A 290 2.07 13.81 -24.77
CA GLY A 290 2.93 14.74 -24.08
C GLY A 290 4.38 14.27 -24.02
N TYR A 291 5.22 15.16 -23.49
CA TYR A 291 6.65 15.00 -23.41
C TYR A 291 7.11 15.50 -22.06
N THR A 292 7.97 14.75 -21.38
CA THR A 292 8.61 15.31 -20.20
C THR A 292 10.09 14.96 -20.22
N ASP A 293 10.90 15.89 -19.71
CA ASP A 293 12.28 15.58 -19.37
C ASP A 293 12.53 15.83 -17.91
N GLU A 294 11.49 15.80 -17.08
CA GLU A 294 11.60 15.96 -15.65
C GLU A 294 11.58 14.58 -15.00
N GLU A 295 12.12 14.52 -13.79
CA GLU A 295 12.28 13.27 -13.06
C GLU A 295 10.99 12.89 -12.32
N ILE A 296 9.94 12.68 -13.10
CA ILE A 296 8.62 12.48 -12.50
C ILE A 296 8.43 11.04 -12.06
N VAL A 297 7.40 10.79 -11.25
CA VAL A 297 7.02 9.46 -10.83
C VAL A 297 5.53 9.32 -11.07
N SER A 298 5.00 8.12 -10.83
CA SER A 298 3.65 7.81 -11.32
C SER A 298 2.60 8.75 -10.74
N SER A 299 2.71 9.11 -9.47
CA SER A 299 1.66 9.99 -8.94
C SER A 299 1.62 11.32 -9.68
N ASP A 300 2.70 11.70 -10.37
CA ASP A 300 2.70 12.95 -11.12
C ASP A 300 1.86 12.82 -12.39
N ILE A 301 1.53 11.61 -12.82
CA ILE A 301 0.70 11.44 -14.02
C ILE A 301 -0.78 11.32 -13.68
N ILE A 302 -1.13 11.19 -12.41
CA ILE A 302 -2.54 11.06 -12.03
C ILE A 302 -3.24 12.34 -12.43
N GLY A 303 -4.30 12.21 -13.21
CA GLY A 303 -5.04 13.36 -13.69
C GLY A 303 -4.54 13.91 -15.00
N SER A 304 -3.58 13.25 -15.62
CA SER A 304 -3.04 13.71 -16.89
C SER A 304 -4.15 13.87 -17.93
N HIS A 305 -4.03 14.88 -18.79
CA HIS A 305 -4.94 15.04 -19.93
C HIS A 305 -4.35 14.53 -21.23
N PHE A 306 -3.30 13.73 -21.15
CA PHE A 306 -2.74 13.06 -22.31
C PHE A 306 -3.07 11.58 -22.23
N GLY A 307 -3.12 10.93 -23.40
CA GLY A 307 -3.16 9.48 -23.47
C GLY A 307 -1.83 8.83 -23.12
N SER A 308 -0.73 9.57 -23.27
CA SER A 308 0.63 9.07 -23.19
C SER A 308 1.54 10.26 -22.96
N VAL A 309 2.56 10.10 -22.13
CA VAL A 309 3.57 11.14 -21.91
C VAL A 309 4.95 10.50 -22.07
N PHE A 310 5.62 10.80 -23.18
CA PHE A 310 6.96 10.29 -23.40
C PHE A 310 7.92 10.86 -22.36
N ASP A 311 8.79 10.00 -21.82
CA ASP A 311 9.74 10.41 -20.76
C ASP A 311 11.17 10.29 -21.30
N ALA A 312 11.72 11.43 -21.72
CA ALA A 312 13.07 11.45 -22.29
C ALA A 312 14.13 11.01 -21.29
N THR A 313 13.88 11.14 -19.98
CA THR A 313 14.91 10.76 -19.01
C THR A 313 15.16 9.26 -18.98
N GLN A 314 14.25 8.44 -19.53
CA GLN A 314 14.41 6.99 -19.44
C GLN A 314 14.88 6.36 -20.74
N THR A 315 15.15 7.14 -21.77
CA THR A 315 15.60 6.60 -23.04
C THR A 315 16.97 5.95 -22.90
N GLU A 316 17.11 4.79 -23.50
CA GLU A 316 18.35 4.01 -23.38
C GLU A 316 18.67 3.33 -24.70
N ILE A 317 19.90 3.51 -25.17
CA ILE A 317 20.41 2.86 -26.38
C ILE A 317 21.53 1.90 -25.97
N THR A 318 21.34 0.62 -26.25
CA THR A 318 22.36 -0.39 -25.99
C THR A 318 22.87 -0.91 -27.31
N ALA A 319 24.17 -0.73 -27.56
CA ALA A 319 24.75 -0.96 -28.87
C ALA A 319 26.04 -1.76 -28.75
N VAL A 320 26.11 -2.88 -29.46
CA VAL A 320 27.30 -3.70 -29.60
C VAL A 320 27.52 -3.89 -31.09
N GLY A 321 28.52 -3.23 -31.66
CA GLY A 321 28.77 -3.37 -33.08
C GLY A 321 27.59 -2.88 -33.88
N ASP A 322 27.09 -3.73 -34.78
CA ASP A 322 25.93 -3.38 -35.60
C ASP A 322 24.60 -3.80 -34.95
N LEU A 323 24.62 -4.38 -33.75
CA LEU A 323 23.40 -4.69 -33.04
C LEU A 323 23.03 -3.53 -32.12
N GLN A 324 21.74 -3.20 -32.07
CA GLN A 324 21.29 -2.07 -31.30
C GLN A 324 19.91 -2.35 -30.73
N LEU A 325 19.74 -2.09 -29.43
CA LEU A 325 18.43 -2.13 -28.78
C LEU A 325 18.08 -0.74 -28.27
N VAL A 326 16.83 -0.35 -28.47
CA VAL A 326 16.37 0.98 -28.11
C VAL A 326 15.21 0.81 -27.13
N LYS A 327 15.36 1.40 -25.94
CA LYS A 327 14.33 1.35 -24.91
C LYS A 327 13.73 2.74 -24.80
N THR A 328 12.40 2.82 -24.98
CA THR A 328 11.69 4.08 -24.87
C THR A 328 10.53 3.89 -23.90
N VAL A 329 10.23 4.94 -23.15
CA VAL A 329 9.34 4.81 -22.00
C VAL A 329 8.35 5.95 -22.00
N ALA A 330 7.08 5.63 -21.79
CA ALA A 330 6.03 6.63 -21.72
C ALA A 330 5.10 6.33 -20.56
N TRP A 331 4.77 7.38 -19.80
CA TRP A 331 3.79 7.31 -18.71
C TRP A 331 2.37 7.39 -19.24
N TYR A 332 1.43 6.89 -18.44
CA TYR A 332 0.02 7.11 -18.76
C TYR A 332 -0.84 6.96 -17.51
N ASP A 333 -1.79 7.87 -17.36
CA ASP A 333 -2.86 7.64 -16.38
C ASP A 333 -3.88 6.72 -17.02
N ASN A 334 -3.79 5.43 -16.71
CA ASN A 334 -4.67 4.40 -17.29
C ASN A 334 -6.14 4.68 -17.08
N GLU A 335 -6.50 5.49 -16.07
CA GLU A 335 -7.89 5.93 -15.90
C GLU A 335 -8.14 7.24 -16.62
N TYR A 336 -7.82 8.38 -16.01
CA TYR A 336 -8.24 9.66 -16.59
C TYR A 336 -7.54 9.96 -17.93
N GLY A 337 -6.26 9.62 -18.07
CA GLY A 337 -5.57 9.97 -19.31
C GLY A 337 -6.20 9.23 -20.48
N PHE A 338 -6.43 7.95 -20.29
CA PHE A 338 -7.14 7.16 -21.27
C PHE A 338 -8.52 7.74 -21.57
N VAL A 339 -9.24 8.15 -20.52
CA VAL A 339 -10.57 8.69 -20.72
C VAL A 339 -10.51 9.94 -21.60
N THR A 340 -9.46 10.77 -21.45
CA THR A 340 -9.40 11.96 -22.32
C THR A 340 -9.34 11.55 -23.79
N GLN A 341 -8.63 10.45 -24.09
CA GLN A 341 -8.56 9.92 -25.44
C GLN A 341 -9.90 9.37 -25.89
N LEU A 342 -10.58 8.66 -25.00
CA LEU A 342 -11.93 8.16 -25.33
C LEU A 342 -12.86 9.32 -25.68
N ILE A 343 -12.79 10.42 -24.91
CA ILE A 343 -13.66 11.55 -25.16
C ILE A 343 -13.28 12.25 -26.46
N ARG A 344 -11.97 12.40 -26.74
CA ARG A 344 -11.60 12.99 -28.03
C ARG A 344 -12.20 12.17 -29.17
N THR A 345 -12.13 10.85 -29.05
CA THR A 345 -12.67 10.00 -30.11
C THR A 345 -14.19 10.11 -30.19
N LEU A 346 -14.85 10.15 -29.04
CA LEU A 346 -16.31 10.31 -29.00
C LEU A 346 -16.76 11.60 -29.66
N GLU A 347 -16.06 12.71 -29.39
CA GLU A 347 -16.45 14.00 -29.96
C GLU A 347 -16.37 13.97 -31.47
N LYS A 348 -15.34 13.32 -32.01
CA LYS A 348 -15.20 13.20 -33.45
C LYS A 348 -16.24 12.23 -34.02
N PHE A 349 -16.42 11.08 -33.34
CA PHE A 349 -17.41 10.08 -33.74
C PHE A 349 -18.80 10.69 -33.89
N ALA A 350 -19.19 11.53 -32.93
CA ALA A 350 -20.49 12.18 -32.95
C ALA A 350 -20.67 13.15 -34.12
N LYS A 351 -19.58 13.66 -34.68
CA LYS A 351 -19.67 14.68 -35.73
C LYS A 351 -19.49 14.14 -37.15
N LEU A 352 -19.27 12.83 -37.31
CA LEU A 352 -19.10 12.22 -38.62
C LEU A 352 -20.44 11.87 -39.25
N SER B 19 41.41 -21.48 8.32
CA SER B 19 40.22 -20.66 7.96
C SER B 19 39.93 -19.63 9.05
N MET B 20 39.25 -18.55 8.67
CA MET B 20 38.80 -17.56 9.63
C MET B 20 37.37 -17.89 10.02
N SER B 21 37.05 -17.66 11.28
CA SER B 21 35.75 -18.01 11.80
C SER B 21 35.04 -16.84 12.48
N LYS B 22 35.75 -15.74 12.76
CA LYS B 22 35.18 -14.63 13.50
C LYS B 22 34.84 -13.47 12.58
N VAL B 23 33.59 -13.02 12.65
CA VAL B 23 33.02 -12.03 11.74
C VAL B 23 32.58 -10.81 12.53
N GLY B 24 32.75 -9.64 11.93
CA GLY B 24 32.10 -8.44 12.39
C GLY B 24 31.15 -7.96 11.31
N ILE B 25 30.03 -7.36 11.75
CA ILE B 25 29.05 -6.77 10.83
C ILE B 25 29.11 -5.26 11.01
N ASN B 26 29.36 -4.53 9.92
CA ASN B 26 29.25 -3.08 9.94
C ASN B 26 27.95 -2.70 9.26
N GLY B 27 27.06 -2.10 10.02
CA GLY B 27 25.74 -1.82 9.50
C GLY B 27 24.77 -2.93 9.80
N PHE B 28 24.07 -2.81 10.93
CA PHE B 28 23.10 -3.81 11.37
C PHE B 28 21.70 -3.43 10.89
N GLY B 29 21.60 -3.22 9.59
CA GLY B 29 20.36 -2.82 8.95
C GLY B 29 19.58 -4.01 8.43
N ARG B 30 18.80 -3.77 7.37
CA ARG B 30 18.02 -4.85 6.76
C ARG B 30 18.94 -6.00 6.37
N ILE B 31 20.00 -5.73 5.62
CA ILE B 31 20.92 -6.79 5.22
C ILE B 31 21.71 -7.30 6.42
N GLY B 32 22.23 -6.38 7.24
CA GLY B 32 23.08 -6.78 8.35
C GLY B 32 22.38 -7.71 9.33
N ARG B 33 21.14 -7.36 9.70
CA ARG B 33 20.38 -8.23 10.59
C ARG B 33 20.05 -9.57 9.93
N LEU B 34 19.77 -9.58 8.63
CA LEU B 34 19.44 -10.85 7.99
C LEU B 34 20.68 -11.72 7.80
N VAL B 35 21.87 -11.11 7.67
CA VAL B 35 23.12 -11.86 7.66
C VAL B 35 23.22 -12.73 8.92
N LEU B 36 22.98 -12.12 10.07
CA LEU B 36 23.01 -12.87 11.33
C LEU B 36 21.93 -13.95 11.35
N ARG B 37 20.69 -13.59 10.95
CA ARG B 37 19.60 -14.57 10.95
C ARG B 37 19.94 -15.79 10.09
N ARG B 38 20.50 -15.56 8.91
CA ARG B 38 20.80 -16.67 8.01
C ARG B 38 21.97 -17.52 8.52
N LEU B 39 23.01 -16.87 9.08
CA LEU B 39 24.12 -17.63 9.66
C LEU B 39 23.61 -18.61 10.73
N LEU B 40 22.70 -18.14 11.59
CA LEU B 40 22.14 -19.04 12.61
C LEU B 40 21.24 -20.08 11.97
N GLU B 41 20.43 -19.68 10.99
CA GLU B 41 19.55 -20.63 10.33
C GLU B 41 20.33 -21.80 9.75
N VAL B 42 21.49 -21.55 9.14
CA VAL B 42 22.20 -22.64 8.48
C VAL B 42 23.22 -23.26 9.42
N LYS B 43 23.15 -22.90 10.71
CA LYS B 43 24.08 -23.44 11.71
C LYS B 43 25.52 -23.28 11.26
N SER B 44 25.85 -22.11 10.72
CA SER B 44 27.21 -21.85 10.31
C SER B 44 28.18 -22.01 11.48
N ASN B 45 29.41 -22.43 11.17
CA ASN B 45 30.48 -22.37 12.15
C ASN B 45 31.10 -20.97 12.24
N ILE B 46 30.69 -20.06 11.37
CA ILE B 46 31.09 -18.67 11.52
C ILE B 46 30.50 -18.08 12.79
N ASP B 47 31.29 -17.25 13.44
CA ASP B 47 31.06 -16.69 14.76
C ASP B 47 30.99 -15.17 14.61
N VAL B 48 29.81 -14.58 14.72
CA VAL B 48 29.65 -13.12 14.71
C VAL B 48 29.99 -12.62 16.11
N VAL B 49 31.14 -11.97 16.23
CA VAL B 49 31.63 -11.51 17.53
C VAL B 49 31.41 -10.02 17.80
N ALA B 50 31.10 -9.23 16.78
CA ALA B 50 30.99 -7.79 16.95
C ALA B 50 30.09 -7.21 15.86
N ILE B 51 29.41 -6.13 16.22
CA ILE B 51 28.53 -5.37 15.34
C ILE B 51 28.86 -3.90 15.54
N ASN B 52 28.99 -3.15 14.44
CA ASN B 52 29.12 -1.71 14.53
C ASN B 52 27.90 -1.05 13.89
N ASP B 53 27.30 -0.10 14.59
CA ASP B 53 26.20 0.62 13.97
C ASP B 53 26.24 2.03 14.53
N LEU B 54 25.10 2.71 14.62
CA LEU B 54 25.02 4.08 15.11
C LEU B 54 24.12 4.17 16.33
N THR B 55 23.61 3.06 16.81
CA THR B 55 22.51 3.10 17.74
C THR B 55 22.82 2.21 18.94
N SER B 56 21.89 2.19 19.86
CA SER B 56 22.06 1.51 21.12
C SER B 56 21.75 0.04 20.97
N PRO B 57 22.37 -0.82 21.80
CA PRO B 57 21.97 -2.23 21.80
C PRO B 57 20.49 -2.45 22.00
N LYS B 58 19.83 -1.59 22.77
CA LYS B 58 18.40 -1.75 23.04
C LYS B 58 17.60 -1.69 21.74
N ILE B 59 17.92 -0.71 20.90
CA ILE B 59 17.18 -0.50 19.66
C ILE B 59 17.54 -1.57 18.64
N LEU B 60 18.82 -1.95 18.57
CA LEU B 60 19.22 -3.04 17.70
C LEU B 60 18.57 -4.35 18.10
N ALA B 61 18.44 -4.60 19.42
CA ALA B 61 17.77 -5.81 19.90
C ALA B 61 16.30 -5.81 19.50
N TYR B 62 15.62 -4.67 19.68
CA TYR B 62 14.23 -4.59 19.28
C TYR B 62 14.08 -4.90 17.78
N LEU B 63 14.96 -4.37 16.96
CA LEU B 63 14.84 -4.54 15.52
C LEU B 63 15.18 -5.96 15.11
N LEU B 64 16.15 -6.59 15.80
CA LEU B 64 16.46 -7.98 15.50
C LEU B 64 15.30 -8.90 15.87
N LYS B 65 14.62 -8.60 16.98
CA LYS B 65 13.56 -9.49 17.45
C LYS B 65 12.31 -9.44 16.57
N HIS B 66 11.93 -8.24 16.11
CA HIS B 66 10.69 -8.03 15.38
C HIS B 66 11.02 -7.57 13.97
N ASP B 67 10.62 -8.35 12.97
CA ASP B 67 10.94 -8.02 11.58
C ASP B 67 9.64 -7.90 10.79
N SER B 68 9.41 -6.74 10.19
CA SER B 68 8.17 -6.55 9.43
C SER B 68 8.06 -7.47 8.23
N ASN B 69 9.19 -7.92 7.67
CA ASN B 69 9.13 -8.74 6.45
C ASN B 69 9.21 -10.24 6.72
N TYR B 70 9.92 -10.65 7.76
CA TYR B 70 10.19 -12.07 8.02
C TYR B 70 9.71 -12.56 9.38
N GLY B 71 9.07 -11.71 10.16
CA GLY B 71 8.43 -12.13 11.37
C GLY B 71 9.43 -12.32 12.51
N PRO B 72 8.97 -12.95 13.59
CA PRO B 72 9.76 -12.98 14.83
C PRO B 72 11.08 -13.72 14.67
N PHE B 73 12.13 -13.17 15.28
CA PHE B 73 13.44 -13.80 15.22
C PHE B 73 13.37 -15.20 15.85
N PRO B 74 13.93 -16.22 15.21
CA PRO B 74 13.77 -17.60 15.74
C PRO B 74 14.61 -17.92 16.97
N TRP B 75 15.41 -17.00 17.48
CA TRP B 75 16.34 -17.27 18.58
C TRP B 75 16.19 -16.18 19.63
N SER B 76 16.65 -16.47 20.85
CA SER B 76 16.52 -15.52 21.95
C SER B 76 17.37 -14.30 21.66
N VAL B 77 16.90 -13.14 22.12
CA VAL B 77 17.62 -11.87 21.97
C VAL B 77 17.49 -11.07 23.26
N ASP B 78 18.64 -10.70 23.84
CA ASP B 78 18.69 -9.74 24.95
C ASP B 78 19.83 -8.78 24.64
N PHE B 79 20.05 -7.81 25.52
CA PHE B 79 21.09 -6.82 25.30
C PHE B 79 21.62 -6.34 26.65
N THR B 80 22.80 -5.74 26.62
CA THR B 80 23.33 -4.96 27.73
C THR B 80 23.68 -3.58 27.19
N GLU B 81 24.33 -2.75 28.00
CA GLU B 81 24.60 -1.39 27.52
C GLU B 81 25.59 -1.39 26.38
N ASP B 82 26.36 -2.46 26.20
CA ASP B 82 27.32 -2.48 25.10
C ASP B 82 27.35 -3.81 24.35
N SER B 83 26.30 -4.61 24.40
CA SER B 83 26.31 -5.88 23.71
C SER B 83 24.89 -6.33 23.37
N LEU B 84 24.80 -7.24 22.41
CA LEU B 84 23.62 -8.07 22.20
C LEU B 84 23.94 -9.48 22.67
N ILE B 85 22.93 -10.17 23.19
CA ILE B 85 23.03 -11.58 23.56
C ILE B 85 22.02 -12.33 22.70
N VAL B 86 22.53 -13.11 21.75
CA VAL B 86 21.72 -13.75 20.72
C VAL B 86 21.92 -15.26 20.84
N ASP B 87 20.84 -15.98 21.08
CA ASP B 87 20.87 -17.42 21.29
C ASP B 87 21.89 -17.78 22.36
N GLY B 88 22.00 -16.92 23.35
CA GLY B 88 22.92 -17.11 24.46
C GLY B 88 24.32 -16.57 24.26
N LYS B 89 24.71 -16.15 23.05
CA LYS B 89 26.06 -15.70 22.78
C LYS B 89 26.17 -14.18 22.79
N SER B 90 27.21 -13.67 23.44
CA SER B 90 27.45 -12.23 23.50
C SER B 90 28.06 -11.73 22.19
N ILE B 91 27.55 -10.59 21.73
CA ILE B 91 28.05 -9.91 20.53
C ILE B 91 28.33 -8.47 20.94
N ALA B 92 29.58 -8.05 20.82
CA ALA B 92 29.93 -6.68 21.16
C ALA B 92 29.25 -5.72 20.19
N VAL B 93 28.82 -4.57 20.70
CA VAL B 93 28.20 -3.52 19.88
C VAL B 93 29.04 -2.26 20.01
N TYR B 94 29.55 -1.78 18.88
CA TYR B 94 30.26 -0.51 18.83
C TYR B 94 29.40 0.48 18.05
N ALA B 95 29.76 1.76 18.15
CA ALA B 95 28.99 2.82 17.50
C ALA B 95 29.95 3.86 16.92
N GLU B 96 30.82 3.43 16.02
CA GLU B 96 31.80 4.30 15.41
C GLU B 96 31.35 4.65 14.00
N LYS B 97 31.16 5.94 13.73
CA LYS B 97 30.64 6.29 12.42
C LYS B 97 31.74 6.24 11.37
N GLU B 98 33.01 6.23 11.77
CA GLU B 98 34.13 6.03 10.85
C GLU B 98 34.73 4.64 11.03
N ALA B 99 34.70 3.85 9.97
CA ALA B 99 35.14 2.47 10.03
C ALA B 99 36.56 2.33 10.57
N LYS B 100 37.45 3.27 10.24
CA LYS B 100 38.82 3.20 10.71
C LYS B 100 38.94 3.20 12.23
N ASN B 101 37.92 3.68 12.93
CA ASN B 101 37.90 3.72 14.39
C ASN B 101 37.18 2.54 15.01
N ILE B 102 36.66 1.59 14.23
CA ILE B 102 35.98 0.45 14.83
C ILE B 102 37.03 -0.44 15.49
N PRO B 103 36.87 -0.80 16.75
CA PRO B 103 37.91 -1.59 17.45
C PRO B 103 37.74 -3.09 17.21
N TRP B 104 37.87 -3.50 15.94
CA TRP B 104 37.64 -4.90 15.57
C TRP B 104 38.60 -5.88 16.28
N LYS B 105 39.79 -5.42 16.69
CA LYS B 105 40.73 -6.34 17.33
C LYS B 105 40.33 -6.72 18.75
N ALA B 106 39.39 -5.99 19.39
CA ALA B 106 39.05 -6.29 20.77
C ALA B 106 38.54 -7.71 20.90
N LYS B 107 37.65 -8.11 19.99
CA LYS B 107 37.11 -9.46 19.98
C LYS B 107 37.65 -10.27 18.81
N GLY B 108 38.62 -9.73 18.07
CA GLY B 108 39.28 -10.46 17.01
C GLY B 108 38.40 -10.73 15.80
N ALA B 109 37.51 -9.81 15.44
CA ALA B 109 36.79 -9.92 14.18
C ALA B 109 37.76 -9.93 13.02
N GLU B 110 37.72 -10.98 12.20
CA GLU B 110 38.65 -11.15 11.09
C GLU B 110 38.04 -10.79 9.75
N ILE B 111 36.79 -11.15 9.50
CA ILE B 111 36.09 -10.82 8.27
C ILE B 111 34.96 -9.87 8.61
N ILE B 112 34.97 -8.71 7.97
CA ILE B 112 33.91 -7.74 8.15
C ILE B 112 32.91 -7.90 7.01
N VAL B 113 31.65 -8.07 7.36
CA VAL B 113 30.57 -8.02 6.38
C VAL B 113 30.08 -6.58 6.39
N GLU B 114 30.39 -5.84 5.33
CA GLU B 114 30.27 -4.39 5.30
C GLU B 114 28.92 -4.05 4.65
N CYS B 115 27.95 -3.65 5.47
CA CYS B 115 26.55 -3.53 5.07
C CYS B 115 25.98 -2.12 5.28
N THR B 116 26.83 -1.09 5.35
CA THR B 116 26.32 0.26 5.59
C THR B 116 25.99 1.00 4.30
N GLY B 117 26.59 0.61 3.18
CA GLY B 117 26.50 1.37 1.96
C GLY B 117 27.45 2.54 1.86
N PHE B 118 28.26 2.81 2.89
CA PHE B 118 29.12 3.99 2.90
C PHE B 118 30.56 3.67 2.60
N TYR B 119 30.91 2.42 2.31
CA TYR B 119 32.29 1.98 2.13
C TYR B 119 32.42 1.13 0.88
N THR B 120 31.72 1.51 -0.19
CA THR B 120 31.59 0.68 -1.38
C THR B 120 32.69 0.96 -2.40
N SER B 121 33.93 0.82 -1.92
CA SER B 121 35.12 0.84 -2.79
C SER B 121 36.27 0.23 -2.01
N ALA B 122 37.28 -0.23 -2.73
CA ALA B 122 38.46 -0.78 -2.08
C ALA B 122 39.10 0.25 -1.17
N GLU B 123 39.18 1.51 -1.62
CA GLU B 123 39.85 2.54 -0.82
C GLU B 123 39.06 2.82 0.46
N LYS B 124 37.73 2.86 0.36
CA LYS B 124 36.90 3.09 1.53
C LYS B 124 36.95 1.92 2.51
N SER B 125 36.78 0.68 2.03
CA SER B 125 36.76 -0.47 2.94
C SER B 125 38.13 -0.86 3.48
N GLN B 126 39.19 -0.35 2.88
CA GLN B 126 40.54 -0.48 3.43
C GLN B 126 40.55 -0.10 4.90
N ALA B 127 39.64 0.79 5.30
CA ALA B 127 39.59 1.26 6.68
C ALA B 127 39.41 0.11 7.66
N HIS B 128 38.61 -0.89 7.30
CA HIS B 128 38.41 -2.01 8.22
C HIS B 128 39.70 -2.78 8.44
N LEU B 129 40.52 -2.85 7.40
CA LEU B 129 41.81 -3.51 7.51
C LEU B 129 42.75 -2.68 8.36
N ASP B 130 42.78 -1.36 8.16
CA ASP B 130 43.55 -0.52 9.07
C ASP B 130 43.04 -0.67 10.50
N ALA B 131 41.74 -0.95 10.69
CA ALA B 131 41.19 -1.13 12.02
C ALA B 131 41.33 -2.55 12.55
N GLY B 132 42.11 -3.41 11.89
CA GLY B 132 42.50 -4.66 12.50
C GLY B 132 41.86 -5.90 11.90
N ALA B 133 40.88 -5.73 11.00
CA ALA B 133 40.30 -6.87 10.31
C ALA B 133 41.27 -7.38 9.26
N LYS B 134 41.05 -8.62 8.81
CA LYS B 134 41.83 -9.23 7.73
C LYS B 134 41.13 -9.19 6.37
N LYS B 135 39.81 -9.30 6.33
CA LYS B 135 39.08 -9.33 5.07
C LYS B 135 37.80 -8.53 5.20
N VAL B 136 37.28 -8.06 4.06
CA VAL B 136 36.01 -7.35 3.97
C VAL B 136 35.20 -7.94 2.83
N LEU B 137 33.94 -8.24 3.10
CA LEU B 137 32.96 -8.64 2.10
C LEU B 137 31.89 -7.55 2.08
N ILE B 138 31.79 -6.84 0.97
CA ILE B 138 30.89 -5.70 0.86
C ILE B 138 29.58 -6.16 0.25
N SER B 139 28.46 -5.83 0.92
CA SER B 139 27.13 -6.28 0.49
C SER B 139 26.53 -5.45 -0.62
N ALA B 140 27.33 -4.95 -1.55
CA ALA B 140 26.86 -4.04 -2.58
C ALA B 140 27.92 -3.95 -3.64
N PRO B 141 27.57 -3.46 -4.83
CA PRO B 141 28.59 -3.12 -5.82
C PRO B 141 29.64 -2.19 -5.24
N ALA B 142 30.90 -2.43 -5.59
CA ALA B 142 31.97 -1.63 -5.00
C ALA B 142 33.04 -1.34 -6.02
N GLY B 143 32.65 -1.03 -7.27
CA GLY B 143 33.63 -0.71 -8.28
C GLY B 143 34.38 -1.91 -8.79
N GLU B 144 35.55 -1.61 -9.36
CA GLU B 144 36.39 -2.62 -10.01
C GLU B 144 37.21 -3.33 -8.93
N MET B 145 36.57 -4.31 -8.32
CA MET B 145 37.21 -5.26 -7.42
C MET B 145 36.60 -6.63 -7.72
N LYS B 146 37.19 -7.67 -7.16
CA LYS B 146 36.61 -9.01 -7.23
C LYS B 146 35.16 -8.98 -6.76
N THR B 147 34.25 -9.42 -7.63
CA THR B 147 32.82 -9.32 -7.40
C THR B 147 32.19 -10.68 -7.70
N ILE B 148 31.52 -11.25 -6.70
CA ILE B 148 31.13 -12.66 -6.75
C ILE B 148 29.61 -12.78 -6.73
N VAL B 149 29.06 -13.47 -7.74
CA VAL B 149 27.73 -14.03 -7.66
C VAL B 149 27.91 -15.53 -7.43
N TYR B 150 27.55 -15.99 -6.24
CA TYR B 150 27.76 -17.39 -5.93
C TYR B 150 27.08 -18.28 -6.97
N ASN B 151 27.79 -19.33 -7.36
CA ASN B 151 27.37 -20.32 -8.35
C ASN B 151 27.26 -19.72 -9.76
N VAL B 152 27.83 -18.54 -9.96
CA VAL B 152 28.20 -18.05 -11.28
C VAL B 152 29.73 -17.95 -11.44
N ASN B 153 30.40 -17.25 -10.51
CA ASN B 153 31.85 -17.08 -10.64
C ASN B 153 32.59 -17.16 -9.30
N ASP B 154 32.05 -17.88 -8.33
CA ASP B 154 32.74 -17.96 -7.04
C ASP B 154 34.07 -18.68 -7.15
N ASP B 155 34.30 -19.41 -8.23
CA ASP B 155 35.60 -20.04 -8.38
C ASP B 155 36.69 -19.01 -8.65
N THR B 156 36.34 -17.74 -8.85
CA THR B 156 37.36 -16.72 -9.04
C THR B 156 37.88 -16.18 -7.71
N LEU B 157 37.23 -16.51 -6.60
CA LEU B 157 37.73 -16.11 -5.30
C LEU B 157 39.06 -16.77 -5.02
N ASP B 158 39.98 -15.97 -4.50
CA ASP B 158 41.38 -16.32 -4.41
C ASP B 158 41.87 -16.17 -2.97
N GLY B 159 42.83 -17.02 -2.59
CA GLY B 159 43.34 -16.97 -1.23
C GLY B 159 43.95 -15.63 -0.84
N ASN B 160 44.38 -14.84 -1.81
CA ASN B 160 44.97 -13.56 -1.47
C ASN B 160 43.96 -12.41 -1.48
N ASP B 161 42.72 -12.68 -1.83
CA ASP B 161 41.73 -11.60 -1.88
C ASP B 161 41.49 -11.12 -0.45
N THR B 162 41.46 -9.81 -0.23
CA THR B 162 41.08 -9.31 1.08
C THR B 162 39.88 -8.37 1.08
N ILE B 163 39.51 -7.78 -0.05
CA ILE B 163 38.28 -6.99 -0.16
C ILE B 163 37.48 -7.47 -1.35
N VAL B 164 36.26 -7.92 -1.11
CA VAL B 164 35.46 -8.54 -2.16
C VAL B 164 34.05 -7.97 -2.07
N SER B 165 33.35 -7.95 -3.21
CA SER B 165 31.97 -7.50 -3.33
C SER B 165 31.09 -8.66 -3.76
N VAL B 166 29.83 -8.65 -3.35
CA VAL B 166 28.85 -9.60 -3.86
C VAL B 166 27.85 -8.91 -4.80
N ALA B 167 28.20 -7.74 -5.30
CA ALA B 167 27.36 -6.95 -6.21
C ALA B 167 26.04 -6.64 -5.52
N SER B 168 24.99 -6.44 -6.30
CA SER B 168 23.70 -6.10 -5.73
C SER B 168 22.80 -7.32 -5.74
N CYS B 169 21.67 -7.21 -5.02
CA CYS B 169 20.58 -8.18 -5.19
C CYS B 169 20.22 -8.35 -6.66
N THR B 170 20.10 -7.24 -7.40
CA THR B 170 19.73 -7.33 -8.81
C THR B 170 20.80 -8.07 -9.63
N THR B 171 22.08 -7.84 -9.33
CA THR B 171 23.13 -8.61 -10.00
C THR B 171 22.98 -10.09 -9.72
N ASN B 172 22.64 -10.45 -8.49
CA ASN B 172 22.53 -11.87 -8.17
C ASN B 172 21.32 -12.50 -8.84
N CYS B 173 20.36 -11.67 -9.24
CA CYS B 173 19.22 -12.15 -10.00
C CYS B 173 19.57 -12.29 -11.47
N LEU B 174 20.15 -11.24 -12.04
CA LEU B 174 20.44 -11.17 -13.46
C LEU B 174 21.53 -12.16 -13.85
N ALA B 175 22.62 -12.21 -13.08
CA ALA B 175 23.79 -12.96 -13.53
C ALA B 175 23.53 -14.44 -13.81
N PRO B 176 22.84 -15.21 -12.97
CA PRO B 176 22.68 -16.63 -13.30
C PRO B 176 21.84 -16.86 -14.52
N MET B 177 20.85 -16.00 -14.76
CA MET B 177 20.03 -16.08 -15.97
C MET B 177 20.87 -15.75 -17.21
N ALA B 178 21.60 -14.64 -17.17
CA ALA B 178 22.44 -14.24 -18.29
C ALA B 178 23.52 -15.29 -18.57
N LYS B 179 24.12 -15.84 -17.53
CA LYS B 179 25.11 -16.89 -17.69
C LYS B 179 24.53 -18.08 -18.44
N ALA B 180 23.35 -18.53 -18.04
CA ALA B 180 22.76 -19.71 -18.65
C ALA B 180 22.41 -19.44 -20.11
N LEU B 181 21.83 -18.29 -20.38
CA LEU B 181 21.53 -17.89 -21.76
C LEU B 181 22.78 -17.75 -22.60
N HIS B 182 23.81 -17.09 -22.05
CA HIS B 182 25.04 -16.87 -22.79
C HIS B 182 25.74 -18.20 -23.06
N ASP B 183 25.84 -19.06 -22.05
CA ASP B 183 26.46 -20.37 -22.26
C ASP B 183 25.73 -21.17 -23.33
N SER B 184 24.39 -21.10 -23.35
CA SER B 184 23.63 -21.97 -24.24
C SER B 184 23.52 -21.40 -25.64
N PHE B 185 23.35 -20.09 -25.78
CA PHE B 185 22.95 -19.48 -27.03
C PHE B 185 23.80 -18.29 -27.40
N GLY B 186 24.52 -17.70 -26.46
CA GLY B 186 25.22 -16.47 -26.70
C GLY B 186 24.29 -15.29 -26.58
N ILE B 187 24.64 -14.35 -25.73
CA ILE B 187 23.97 -13.06 -25.63
C ILE B 187 24.82 -12.06 -26.40
N GLU B 188 24.25 -11.48 -27.45
CA GLU B 188 24.96 -10.51 -28.26
C GLU B 188 24.79 -9.10 -27.70
N VAL B 189 23.59 -8.79 -27.23
CA VAL B 189 23.34 -7.51 -26.57
C VAL B 189 22.03 -7.72 -25.81
N GLY B 190 21.83 -6.93 -24.76
CA GLY B 190 20.58 -7.05 -24.00
C GLY B 190 20.33 -5.88 -23.09
N THR B 191 19.06 -5.70 -22.72
CA THR B 191 18.72 -4.68 -21.76
C THR B 191 17.73 -5.22 -20.75
N MET B 192 17.91 -4.76 -19.51
CA MET B 192 17.21 -5.26 -18.33
C MET B 192 16.32 -4.19 -17.73
N THR B 193 15.16 -4.60 -17.22
CA THR B 193 14.40 -3.79 -16.28
C THR B 193 14.01 -4.65 -15.10
N THR B 194 14.35 -4.20 -13.91
CA THR B 194 13.89 -4.87 -12.72
C THR B 194 12.74 -4.09 -12.12
N ILE B 195 11.63 -4.78 -11.90
CA ILE B 195 10.50 -4.20 -11.18
C ILE B 195 10.69 -4.65 -9.75
N ALA B 196 11.01 -3.71 -8.86
CA ALA B 196 11.65 -4.04 -7.60
C ALA B 196 10.97 -3.38 -6.42
N ALA B 197 11.00 -4.09 -5.31
CA ALA B 197 10.52 -3.57 -4.03
C ALA B 197 11.30 -2.32 -3.65
N TYR B 198 10.65 -1.42 -2.92
CA TYR B 198 11.34 -0.23 -2.44
C TYR B 198 12.30 -0.58 -1.30
N THR B 199 13.34 0.25 -1.14
CA THR B 199 14.35 0.02 -0.10
C THR B 199 14.62 1.33 0.64
N GLY B 200 15.48 1.22 1.67
CA GLY B 200 15.77 2.33 2.56
C GLY B 200 16.51 3.49 1.94
N THR B 201 17.04 3.33 0.72
CA THR B 201 17.62 4.45 0.01
C THR B 201 16.56 5.44 -0.45
N GLN B 202 15.29 5.07 -0.41
CA GLN B 202 14.22 5.92 -0.88
C GLN B 202 13.65 6.73 0.29
N SER B 203 12.47 7.32 0.09
CA SER B 203 11.84 8.23 1.05
C SER B 203 10.45 7.75 1.43
N LEU B 204 10.07 7.96 2.69
CA LEU B 204 8.73 7.63 3.13
C LEU B 204 7.72 8.69 2.67
N VAL B 205 8.02 9.98 2.90
CA VAL B 205 7.23 11.09 2.38
C VAL B 205 8.10 11.90 1.42
N ASP B 206 7.46 12.70 0.55
CA ASP B 206 8.23 13.55 -0.37
C ASP B 206 9.15 14.46 0.42
N GLY B 207 10.45 14.38 0.16
CA GLY B 207 11.40 15.24 0.85
C GLY B 207 12.83 14.97 0.41
N PRO B 208 13.75 15.90 0.71
CA PRO B 208 15.10 15.79 0.14
C PRO B 208 15.74 14.46 0.52
N ARG B 209 16.42 13.85 -0.47
CA ARG B 209 17.12 12.60 -0.30
C ARG B 209 18.46 12.75 -1.03
N GLY B 210 19.37 13.51 -0.44
CA GLY B 210 20.58 13.88 -1.15
C GLY B 210 20.24 14.70 -2.39
N LYS B 211 20.97 14.43 -3.47
CA LYS B 211 20.76 15.07 -4.76
C LYS B 211 19.90 14.23 -5.69
N ASP B 212 19.35 13.10 -5.20
CA ASP B 212 18.66 12.12 -6.05
C ASP B 212 17.17 12.46 -6.07
N LEU B 213 16.69 13.07 -7.16
CA LEU B 213 15.34 13.61 -7.16
C LEU B 213 14.29 12.51 -7.05
N ARG B 214 14.41 11.45 -7.86
CA ARG B 214 13.41 10.37 -7.78
C ARG B 214 13.45 9.67 -6.44
N ALA B 215 14.63 9.55 -5.81
CA ALA B 215 14.74 8.97 -4.48
C ALA B 215 14.05 9.81 -3.41
N SER B 216 13.71 11.05 -3.74
CA SER B 216 13.08 11.94 -2.78
C SER B 216 11.57 11.75 -2.68
N ARG B 217 10.96 10.85 -3.46
CA ARG B 217 9.54 10.76 -3.56
C ARG B 217 9.01 9.54 -2.79
N ALA B 218 7.83 9.71 -2.21
CA ALA B 218 7.20 8.70 -1.35
C ALA B 218 7.18 7.33 -2.00
N ALA B 219 7.97 6.41 -1.46
CA ALA B 219 8.23 5.15 -2.15
C ALA B 219 7.03 4.20 -2.16
N ALA B 220 6.15 4.27 -1.17
CA ALA B 220 5.04 3.32 -1.12
C ALA B 220 3.81 3.86 -1.84
N GLU B 221 3.93 4.97 -2.56
CA GLU B 221 2.80 5.57 -3.23
C GLU B 221 3.12 5.83 -4.71
N ASN B 222 4.20 5.28 -5.24
CA ASN B 222 4.70 5.64 -6.57
C ASN B 222 5.42 4.47 -7.23
N ILE B 223 5.32 4.44 -8.57
CA ILE B 223 6.30 3.77 -9.42
C ILE B 223 7.41 4.77 -9.64
N ILE B 224 8.64 4.38 -9.35
CA ILE B 224 9.74 5.31 -9.32
C ILE B 224 10.90 4.73 -10.12
N PRO B 225 11.18 5.27 -11.31
CA PRO B 225 12.34 4.81 -12.07
C PRO B 225 13.60 5.08 -11.28
N HIS B 226 14.63 4.23 -11.48
N HIS B 226 14.55 4.16 -11.37
CA HIS B 226 15.77 4.14 -10.57
CA HIS B 226 15.83 4.47 -10.77
C HIS B 226 16.96 3.52 -11.31
C HIS B 226 16.92 3.70 -11.48
N THR B 227 18.12 4.21 -11.34
CA THR B 227 19.28 3.60 -11.96
C THR B 227 19.76 2.41 -11.14
N THR B 228 20.41 1.47 -11.81
CA THR B 228 21.08 0.37 -11.15
C THR B 228 22.22 -0.04 -12.05
N GLY B 229 23.34 -0.45 -11.44
CA GLY B 229 24.50 -0.87 -12.19
C GLY B 229 24.52 -2.33 -12.54
N ALA B 230 23.43 -3.05 -12.24
CA ALA B 230 23.49 -4.52 -12.29
C ALA B 230 23.91 -5.01 -13.65
N ALA B 231 23.37 -4.41 -14.72
CA ALA B 231 23.72 -4.84 -16.06
C ALA B 231 25.01 -4.17 -16.54
N LYS B 232 25.15 -2.88 -16.28
CA LYS B 232 26.29 -2.12 -16.73
C LYS B 232 27.61 -2.73 -16.25
N ALA B 233 27.66 -3.24 -15.02
CA ALA B 233 28.85 -3.81 -14.42
C ALA B 233 28.87 -5.33 -14.48
N ILE B 234 28.05 -5.93 -15.34
CA ILE B 234 27.91 -7.38 -15.33
C ILE B 234 29.24 -8.05 -15.66
N GLY B 235 30.13 -7.32 -16.33
CA GLY B 235 31.40 -7.88 -16.77
C GLY B 235 32.31 -8.30 -15.63
N LEU B 236 32.13 -7.70 -14.46
CA LEU B 236 32.89 -8.15 -13.29
C LEU B 236 32.55 -9.58 -12.94
N VAL B 237 31.34 -10.03 -13.28
CA VAL B 237 30.87 -11.37 -12.93
C VAL B 237 30.94 -12.31 -14.12
N ILE B 238 30.61 -11.82 -15.31
CA ILE B 238 30.62 -12.61 -16.53
C ILE B 238 31.42 -11.82 -17.55
N PRO B 239 32.74 -12.04 -17.63
CA PRO B 239 33.60 -11.17 -18.43
C PRO B 239 33.20 -11.09 -19.89
N GLU B 240 32.72 -12.18 -20.48
CA GLU B 240 32.34 -12.12 -21.89
C GLU B 240 31.17 -11.17 -22.14
N LEU B 241 30.40 -10.80 -21.13
CA LEU B 241 29.27 -9.90 -21.33
C LEU B 241 29.60 -8.46 -21.03
N SER B 242 30.88 -8.14 -20.83
CA SER B 242 31.25 -6.80 -20.42
C SER B 242 30.80 -5.83 -21.49
N GLY B 243 30.14 -4.75 -21.08
CA GLY B 243 29.63 -3.79 -22.04
C GLY B 243 28.52 -4.25 -22.97
N LYS B 244 27.97 -5.44 -22.78
CA LYS B 244 26.91 -5.92 -23.66
C LYS B 244 25.51 -5.69 -23.11
N LEU B 245 25.38 -5.26 -21.85
CA LEU B 245 24.08 -5.11 -21.19
C LEU B 245 23.94 -3.72 -20.61
N LYS B 246 22.69 -3.24 -20.63
CA LYS B 246 22.31 -2.03 -19.91
C LYS B 246 21.01 -2.33 -19.18
N GLY B 247 20.60 -1.44 -18.29
CA GLY B 247 19.30 -1.64 -17.68
C GLY B 247 19.02 -0.61 -16.62
N HIS B 248 17.84 -0.75 -16.00
CA HIS B 248 17.42 0.15 -14.94
C HIS B 248 16.34 -0.56 -14.11
N ALA B 249 15.85 0.15 -13.11
CA ALA B 249 14.82 -0.36 -12.22
C ALA B 249 13.58 0.53 -12.24
N GLN B 250 12.44 -0.08 -11.96
CA GLN B 250 11.21 0.60 -11.54
C GLN B 250 10.90 0.14 -10.12
N ARG B 251 11.06 1.04 -9.16
CA ARG B 251 10.81 0.75 -7.75
C ARG B 251 9.32 0.94 -7.48
N VAL B 252 8.69 -0.06 -6.88
CA VAL B 252 7.24 -0.03 -6.71
C VAL B 252 6.85 -0.42 -5.29
N PRO B 253 5.56 -0.24 -4.89
CA PRO B 253 5.22 -0.42 -3.46
C PRO B 253 4.93 -1.86 -3.04
N VAL B 254 5.97 -2.68 -3.02
CA VAL B 254 5.97 -3.93 -2.25
C VAL B 254 7.18 -3.91 -1.34
N LYS B 255 7.03 -4.55 -0.18
CA LYS B 255 8.01 -4.37 0.87
C LYS B 255 9.30 -5.16 0.62
N THR B 256 9.19 -6.32 -0.01
CA THR B 256 10.35 -7.05 -0.51
C THR B 256 9.84 -8.06 -1.53
N GLY B 257 10.75 -8.54 -2.36
CA GLY B 257 10.35 -9.41 -3.45
C GLY B 257 10.30 -8.60 -4.73
N SER B 258 11.09 -9.02 -5.71
CA SER B 258 11.39 -8.24 -6.91
C SER B 258 11.47 -9.18 -8.10
N VAL B 259 11.49 -8.60 -9.30
CA VAL B 259 11.55 -9.39 -10.51
C VAL B 259 12.41 -8.67 -11.55
N THR B 260 13.17 -9.44 -12.33
CA THR B 260 14.09 -8.89 -13.32
C THR B 260 13.71 -9.43 -14.69
N GLU B 261 13.50 -8.53 -15.62
CA GLU B 261 13.26 -8.87 -17.02
C GLU B 261 14.51 -8.55 -17.82
N LEU B 262 14.89 -9.46 -18.71
CA LEU B 262 16.00 -9.26 -19.63
C LEU B 262 15.48 -9.45 -21.05
N VAL B 263 15.70 -8.46 -21.90
CA VAL B 263 15.43 -8.56 -23.33
C VAL B 263 16.77 -8.67 -24.06
N SER B 264 16.95 -9.77 -24.81
CA SER B 264 18.22 -10.11 -25.44
C SER B 264 18.05 -10.40 -26.93
N ILE B 265 19.09 -10.05 -27.68
CA ILE B 265 19.41 -10.67 -28.98
C ILE B 265 20.39 -11.81 -28.69
N LEU B 266 20.01 -13.04 -29.02
CA LEU B 266 20.87 -14.19 -28.79
C LEU B 266 21.62 -14.55 -30.07
N GLY B 267 22.60 -15.46 -29.94
CA GLY B 267 23.39 -15.89 -31.10
C GLY B 267 22.75 -16.98 -31.93
N LYS B 268 21.53 -17.38 -31.58
CA LYS B 268 20.89 -18.52 -32.18
C LYS B 268 19.39 -18.28 -32.16
N LYS B 269 18.70 -18.73 -33.20
CA LYS B 269 17.24 -18.74 -33.19
C LYS B 269 16.74 -19.80 -32.22
N VAL B 270 15.77 -19.44 -31.36
CA VAL B 270 15.33 -20.34 -30.30
C VAL B 270 13.81 -20.36 -30.21
N THR B 271 13.30 -21.39 -29.57
CA THR B 271 11.91 -21.44 -29.15
C THR B 271 11.84 -21.24 -27.63
N ALA B 272 10.63 -20.90 -27.15
CA ALA B 272 10.41 -20.76 -25.71
C ALA B 272 10.79 -22.03 -24.97
N GLU B 273 10.38 -23.19 -25.49
CA GLU B 273 10.70 -24.45 -24.81
C GLU B 273 12.19 -24.66 -24.71
N GLU B 274 12.92 -24.29 -25.76
CA GLU B 274 14.35 -24.48 -25.78
C GLU B 274 15.04 -23.60 -24.73
N VAL B 275 14.65 -22.32 -24.66
CA VAL B 275 15.15 -21.43 -23.62
C VAL B 275 14.83 -22.00 -22.24
N ASN B 276 13.58 -22.39 -22.03
CA ASN B 276 13.16 -22.85 -20.72
C ASN B 276 13.91 -24.10 -20.31
N ASN B 277 14.09 -25.05 -21.24
N ASN B 277 14.10 -25.04 -21.23
CA ASN B 277 14.81 -26.28 -20.92
CA ASN B 277 14.82 -26.26 -20.90
C ASN B 277 16.28 -25.99 -20.61
C ASN B 277 16.28 -25.97 -20.58
N ALA B 278 16.92 -25.08 -21.35
CA ALA B 278 18.30 -24.70 -21.05
C ALA B 278 18.41 -24.09 -19.66
N LEU B 279 17.44 -23.26 -19.28
CA LEU B 279 17.46 -22.67 -17.94
C LEU B 279 17.19 -23.71 -16.88
N LYS B 280 16.19 -24.58 -17.12
CA LYS B 280 15.93 -25.70 -16.21
C LYS B 280 17.21 -26.46 -15.88
N GLN B 281 17.97 -26.83 -16.92
CA GLN B 281 19.22 -27.56 -16.70
C GLN B 281 20.20 -26.78 -15.86
N ALA B 282 20.31 -25.45 -16.08
CA ALA B 282 21.24 -24.64 -15.31
C ALA B 282 20.84 -24.52 -13.84
N THR B 283 19.56 -24.72 -13.53
CA THR B 283 19.11 -24.66 -12.15
C THR B 283 19.18 -26.01 -11.46
N THR B 284 19.45 -27.09 -12.19
CA THR B 284 19.47 -28.42 -11.58
C THR B 284 20.68 -28.54 -10.67
N ASN B 285 20.45 -29.02 -9.45
CA ASN B 285 21.52 -29.18 -8.47
C ASN B 285 22.22 -27.85 -8.19
N ASN B 286 21.46 -26.76 -8.25
CA ASN B 286 22.01 -25.41 -8.11
C ASN B 286 21.33 -24.77 -6.93
N GLU B 287 22.06 -24.65 -5.81
CA GLU B 287 21.44 -24.09 -4.60
C GLU B 287 21.20 -22.59 -4.68
N SER B 288 21.81 -21.90 -5.65
CA SER B 288 21.66 -20.46 -5.78
C SER B 288 20.61 -20.04 -6.78
N PHE B 289 20.19 -20.93 -7.69
CA PHE B 289 19.43 -20.56 -8.87
C PHE B 289 18.28 -21.56 -9.00
N GLY B 290 17.06 -21.09 -8.74
CA GLY B 290 15.89 -21.94 -8.78
C GLY B 290 15.09 -21.77 -10.07
N TYR B 291 14.06 -22.61 -10.22
CA TYR B 291 13.24 -22.65 -11.42
C TYR B 291 11.78 -22.78 -11.01
N THR B 292 10.91 -22.05 -11.69
CA THR B 292 9.48 -22.29 -11.50
C THR B 292 8.78 -22.23 -12.84
N ASP B 293 7.78 -23.08 -13.01
CA ASP B 293 6.81 -22.94 -14.08
C ASP B 293 5.41 -22.75 -13.53
N GLU B 294 5.31 -22.30 -12.28
CA GLU B 294 4.05 -21.92 -11.66
C GLU B 294 3.82 -20.41 -11.78
N GLU B 295 2.55 -20.02 -11.70
CA GLU B 295 2.13 -18.65 -11.94
C GLU B 295 2.30 -17.81 -10.67
N ILE B 296 3.52 -17.76 -10.17
CA ILE B 296 3.77 -17.11 -8.89
C ILE B 296 3.72 -15.59 -9.04
N VAL B 297 3.65 -14.90 -7.91
CA VAL B 297 3.71 -13.45 -7.83
C VAL B 297 4.74 -13.09 -6.76
N SER B 298 4.99 -11.78 -6.57
CA SER B 298 6.18 -11.37 -5.80
C SER B 298 6.14 -11.90 -4.38
N SER B 299 4.98 -11.87 -3.72
CA SER B 299 4.99 -12.32 -2.34
C SER B 299 5.36 -13.79 -2.21
N ASP B 300 5.27 -14.56 -3.29
CA ASP B 300 5.68 -15.97 -3.21
C ASP B 300 7.18 -16.13 -3.15
N ILE B 301 7.96 -15.09 -3.49
CA ILE B 301 9.43 -15.16 -3.44
C ILE B 301 9.99 -14.70 -2.09
N ILE B 302 9.18 -14.12 -1.22
CA ILE B 302 9.65 -13.65 0.07
C ILE B 302 10.10 -14.83 0.91
N GLY B 303 11.32 -14.77 1.40
CA GLY B 303 11.93 -15.85 2.17
C GLY B 303 12.66 -16.87 1.32
N SER B 304 12.76 -16.64 0.01
CA SER B 304 13.45 -17.56 -0.88
C SER B 304 14.88 -17.80 -0.40
N HIS B 305 15.35 -19.04 -0.59
CA HIS B 305 16.74 -19.38 -0.34
C HIS B 305 17.57 -19.42 -1.62
N PHE B 306 17.06 -18.88 -2.71
CA PHE B 306 17.83 -18.71 -3.94
C PHE B 306 18.19 -17.24 -4.13
N GLY B 307 19.31 -16.99 -4.81
CA GLY B 307 19.56 -15.64 -5.28
C GLY B 307 18.68 -15.22 -6.45
N SER B 308 18.10 -16.20 -7.15
CA SER B 308 17.35 -15.98 -8.37
C SER B 308 16.45 -17.18 -8.61
N VAL B 309 15.23 -16.95 -9.11
CA VAL B 309 14.36 -18.04 -9.52
C VAL B 309 13.80 -17.71 -10.91
N PHE B 310 14.28 -18.45 -11.91
CA PHE B 310 13.83 -18.26 -13.28
C PHE B 310 12.38 -18.69 -13.42
N ASP B 311 11.60 -17.90 -14.15
CA ASP B 311 10.17 -18.11 -14.29
C ASP B 311 9.85 -18.41 -15.76
N ALA B 312 9.66 -19.69 -16.06
CA ALA B 312 9.40 -20.14 -17.41
C ALA B 312 8.08 -19.62 -17.96
N THR B 313 7.12 -19.29 -17.09
CA THR B 313 5.83 -18.83 -17.58
C THR B 313 5.91 -17.49 -18.29
N GLN B 314 6.97 -16.71 -18.10
CA GLN B 314 7.05 -15.37 -18.67
C GLN B 314 8.01 -15.28 -19.86
N THR B 315 8.59 -16.38 -20.29
CA THR B 315 9.46 -16.38 -21.46
C THR B 315 8.69 -15.99 -22.71
N GLU B 316 9.29 -15.12 -23.52
CA GLU B 316 8.64 -14.57 -24.70
C GLU B 316 9.64 -14.46 -25.84
N ILE B 317 9.34 -15.07 -26.98
CA ILE B 317 10.15 -14.95 -28.18
C ILE B 317 9.38 -14.12 -29.20
N THR B 318 9.92 -12.98 -29.61
CA THR B 318 9.31 -12.13 -30.62
C THR B 318 10.17 -12.21 -31.88
N ALA B 319 9.59 -12.65 -32.99
CA ALA B 319 10.36 -12.95 -34.19
C ALA B 319 9.70 -12.31 -35.40
N VAL B 320 10.50 -11.59 -36.20
CA VAL B 320 10.05 -11.05 -37.47
C VAL B 320 11.18 -11.35 -38.47
N GLY B 321 10.89 -12.19 -39.45
CA GLY B 321 11.95 -12.59 -40.37
C GLY B 321 13.11 -13.22 -39.62
N ASP B 322 14.33 -12.74 -39.87
CA ASP B 322 15.50 -13.27 -39.20
C ASP B 322 15.81 -12.56 -37.89
N LEU B 323 14.95 -11.62 -37.48
CA LEU B 323 15.18 -10.86 -36.24
C LEU B 323 14.43 -11.54 -35.11
N GLN B 324 15.01 -11.50 -33.91
CA GLN B 324 14.42 -12.21 -32.79
C GLN B 324 14.80 -11.52 -31.49
N LEU B 325 13.81 -11.25 -30.66
CA LEU B 325 14.02 -10.74 -29.31
C LEU B 325 13.56 -11.79 -28.32
N VAL B 326 14.34 -11.99 -27.27
CA VAL B 326 14.08 -13.01 -26.27
C VAL B 326 13.96 -12.30 -24.93
N LYS B 327 12.80 -12.45 -24.28
CA LYS B 327 12.54 -11.86 -22.98
C LYS B 327 12.48 -13.00 -21.98
N THR B 328 13.36 -12.95 -20.98
CA THR B 328 13.39 -13.92 -19.91
C THR B 328 13.30 -13.21 -18.56
N VAL B 329 12.67 -13.86 -17.60
CA VAL B 329 12.28 -13.21 -16.37
C VAL B 329 12.67 -14.10 -15.20
N ALA B 330 13.29 -13.50 -14.18
CA ALA B 330 13.59 -14.20 -12.93
C ALA B 330 13.16 -13.37 -11.72
N TRP B 331 12.63 -14.07 -10.72
CA TRP B 331 12.28 -13.47 -9.44
C TRP B 331 13.48 -13.47 -8.50
N TYR B 332 13.43 -12.56 -7.52
CA TYR B 332 14.41 -12.60 -6.44
C TYR B 332 13.87 -11.93 -5.20
N ASP B 333 14.12 -12.53 -4.03
CA ASP B 333 13.91 -11.82 -2.77
C ASP B 333 15.13 -10.95 -2.54
N ASN B 334 15.00 -9.66 -2.85
CA ASN B 334 16.12 -8.74 -2.79
C ASN B 334 16.70 -8.62 -1.37
N GLU B 335 15.94 -9.00 -0.34
CA GLU B 335 16.53 -9.08 0.99
C GLU B 335 17.04 -10.50 1.24
N TYR B 336 16.15 -11.42 1.65
CA TYR B 336 16.63 -12.70 2.17
C TYR B 336 17.31 -13.52 1.09
N GLY B 337 16.81 -13.47 -0.14
CA GLY B 337 17.41 -14.28 -1.20
C GLY B 337 18.84 -13.87 -1.48
N PHE B 338 19.05 -12.57 -1.63
CA PHE B 338 20.38 -12.03 -1.81
C PHE B 338 21.27 -12.38 -0.62
N VAL B 339 20.73 -12.28 0.59
CA VAL B 339 21.49 -12.59 1.78
C VAL B 339 21.96 -14.05 1.74
N THR B 340 21.13 -14.97 1.21
CA THR B 340 21.62 -16.35 1.18
C THR B 340 22.84 -16.45 0.27
N GLN B 341 22.88 -15.66 -0.79
CA GLN B 341 24.06 -15.61 -1.65
C GLN B 341 25.25 -14.98 -0.93
N LEU B 342 25.01 -13.93 -0.17
CA LEU B 342 26.10 -13.30 0.58
C LEU B 342 26.73 -14.29 1.55
N ILE B 343 25.90 -15.06 2.25
CA ILE B 343 26.41 -16.06 3.19
C ILE B 343 27.16 -17.17 2.47
N ARG B 344 26.63 -17.69 1.36
CA ARG B 344 27.40 -18.67 0.61
C ARG B 344 28.79 -18.14 0.30
N THR B 345 28.86 -16.90 -0.20
CA THR B 345 30.16 -16.33 -0.56
C THR B 345 31.02 -16.17 0.68
N LEU B 346 30.42 -15.69 1.77
CA LEU B 346 31.16 -15.46 3.02
C LEU B 346 31.79 -16.76 3.52
N GLU B 347 31.01 -17.84 3.50
CA GLU B 347 31.51 -19.14 3.95
C GLU B 347 32.73 -19.56 3.15
N LYS B 348 32.66 -19.43 1.83
CA LYS B 348 33.81 -19.79 1.01
C LYS B 348 34.98 -18.86 1.27
N PHE B 349 34.70 -17.56 1.35
CA PHE B 349 35.71 -16.53 1.59
C PHE B 349 36.46 -16.81 2.89
N ALA B 350 35.72 -17.19 3.92
CA ALA B 350 36.32 -17.39 5.23
C ALA B 350 37.35 -18.50 5.19
N LYS B 351 37.20 -19.45 4.28
CA LYS B 351 38.01 -20.66 4.30
C LYS B 351 39.26 -20.56 3.45
N LEU B 352 39.40 -19.52 2.62
CA LEU B 352 40.49 -19.46 1.65
C LEU B 352 41.78 -18.95 2.29
N MET C 20 0.81 44.46 3.49
CA MET C 20 0.71 43.40 4.53
C MET C 20 2.03 42.66 4.74
N SER C 21 2.10 41.94 5.85
CA SER C 21 3.39 41.57 6.43
C SER C 21 4.15 40.56 5.57
N LYS C 22 5.45 40.60 5.75
CA LYS C 22 6.36 39.74 5.01
C LYS C 22 6.66 38.52 5.87
N VAL C 23 6.69 37.36 5.23
CA VAL C 23 6.80 36.07 5.91
C VAL C 23 8.03 35.34 5.42
N GLY C 24 8.65 34.60 6.33
CA GLY C 24 9.67 33.64 5.98
C GLY C 24 9.20 32.27 6.45
N ILE C 25 9.64 31.23 5.75
CA ILE C 25 9.26 29.85 6.08
C ILE C 25 10.55 29.13 6.45
N ASN C 26 10.61 28.58 7.67
CA ASN C 26 11.73 27.74 8.07
C ASN C 26 11.31 26.27 7.99
N GLY C 27 11.96 25.50 7.10
CA GLY C 27 11.53 24.14 6.88
C GLY C 27 10.54 24.05 5.74
N PHE C 28 11.06 23.85 4.54
CA PHE C 28 10.23 23.74 3.34
C PHE C 28 9.88 22.27 3.09
N GLY C 29 9.21 21.69 4.08
CA GLY C 29 8.83 20.28 4.07
C GLY C 29 7.39 20.09 3.63
N ARG C 30 6.80 18.95 4.04
CA ARG C 30 5.40 18.73 3.72
C ARG C 30 4.55 19.92 4.15
N ILE C 31 4.74 20.40 5.37
CA ILE C 31 3.91 21.50 5.85
C ILE C 31 4.38 22.82 5.21
N GLY C 32 5.70 23.02 5.16
CA GLY C 32 6.20 24.30 4.66
C GLY C 32 5.81 24.56 3.21
N ARG C 33 5.91 23.53 2.35
CA ARG C 33 5.52 23.69 0.95
C ARG C 33 4.03 23.94 0.81
N LEU C 34 3.22 23.27 1.62
CA LEU C 34 1.77 23.47 1.56
C LEU C 34 1.36 24.84 2.11
N VAL C 35 2.12 25.38 3.06
CA VAL C 35 1.90 26.75 3.52
C VAL C 35 1.92 27.72 2.35
N LEU C 36 2.97 27.64 1.52
CA LEU C 36 3.03 28.51 0.35
C LEU C 36 1.90 28.20 -0.63
N ARG C 37 1.64 26.92 -0.90
CA ARG C 37 0.54 26.55 -1.79
C ARG C 37 -0.76 27.19 -1.33
N ARG C 38 -1.05 27.10 -0.03
CA ARG C 38 -2.32 27.62 0.46
C ARG C 38 -2.35 29.15 0.46
N LEU C 39 -1.22 29.81 0.74
CA LEU C 39 -1.18 31.28 0.69
C LEU C 39 -1.47 31.79 -0.74
N LEU C 40 -0.89 31.15 -1.74
CA LEU C 40 -1.18 31.49 -3.13
C LEU C 40 -2.61 31.12 -3.51
N GLU C 41 -3.09 29.97 -3.04
CA GLU C 41 -4.43 29.56 -3.39
C GLU C 41 -5.47 30.58 -2.91
N VAL C 42 -5.32 31.12 -1.69
CA VAL C 42 -6.30 32.08 -1.20
C VAL C 42 -5.97 33.51 -1.60
N LYS C 43 -4.92 33.72 -2.38
CA LYS C 43 -4.49 35.04 -2.82
C LYS C 43 -4.28 35.96 -1.61
N SER C 44 -3.63 35.42 -0.59
CA SER C 44 -3.29 36.17 0.61
C SER C 44 -2.47 37.40 0.25
N ASN C 45 -2.69 38.48 1.01
CA ASN C 45 -1.83 39.66 0.95
C ASN C 45 -0.48 39.45 1.64
N ILE C 46 -0.31 38.38 2.41
CA ILE C 46 1.01 38.06 2.95
C ILE C 46 1.96 37.83 1.79
N ASP C 47 3.15 38.40 1.85
CA ASP C 47 4.20 38.16 0.89
C ASP C 47 5.23 37.23 1.52
N VAL C 48 5.38 36.04 0.95
CA VAL C 48 6.45 35.13 1.36
C VAL C 48 7.73 35.57 0.65
N VAL C 49 8.71 36.05 1.41
CA VAL C 49 9.93 36.59 0.84
C VAL C 49 11.16 35.71 1.05
N ALA C 50 11.11 34.74 1.95
CA ALA C 50 12.29 33.92 2.15
C ALA C 50 11.90 32.56 2.72
N ILE C 51 12.71 31.58 2.35
CA ILE C 51 12.59 30.17 2.76
C ILE C 51 13.95 29.73 3.26
N ASN C 52 13.98 29.04 4.40
CA ASN C 52 15.20 28.37 4.89
C ASN C 52 14.97 26.86 4.95
N ASP C 53 15.92 26.08 4.45
CA ASP C 53 15.85 24.62 4.56
C ASP C 53 17.29 24.11 4.63
N LEU C 54 17.57 22.89 4.14
CA LEU C 54 18.90 22.31 4.21
C LEU C 54 19.41 21.91 2.83
N THR C 55 18.77 22.38 1.79
CA THR C 55 19.00 21.79 0.48
C THR C 55 19.03 22.90 -0.57
N SER C 56 19.35 22.50 -1.78
CA SER C 56 19.54 23.44 -2.87
C SER C 56 18.20 23.95 -3.42
N PRO C 57 18.18 25.15 -4.00
CA PRO C 57 16.95 25.60 -4.68
C PRO C 57 16.45 24.62 -5.72
N LYS C 58 17.36 23.95 -6.44
CA LYS C 58 16.95 23.02 -7.48
C LYS C 58 16.09 21.92 -6.89
N ILE C 59 16.47 21.41 -5.72
CA ILE C 59 15.74 20.31 -5.12
C ILE C 59 14.43 20.80 -4.51
N LEU C 60 14.43 21.95 -3.82
CA LEU C 60 13.18 22.49 -3.35
C LEU C 60 12.22 22.78 -4.49
N ALA C 61 12.73 23.30 -5.61
CA ALA C 61 11.87 23.54 -6.79
C ALA C 61 11.22 22.24 -7.27
N TYR C 62 12.02 21.18 -7.34
CA TYR C 62 11.48 19.89 -7.77
C TYR C 62 10.38 19.42 -6.83
N LEU C 63 10.61 19.53 -5.51
CA LEU C 63 9.64 19.08 -4.53
C LEU C 63 8.41 19.95 -4.53
N LEU C 64 8.55 21.25 -4.84
CA LEU C 64 7.40 22.12 -4.85
C LEU C 64 6.56 21.87 -6.10
N LYS C 65 7.20 21.63 -7.24
CA LYS C 65 6.46 21.45 -8.48
C LYS C 65 5.66 20.14 -8.49
N HIS C 66 6.24 19.06 -7.93
CA HIS C 66 5.68 17.71 -8.00
C HIS C 66 5.34 17.22 -6.60
N ASP C 67 4.06 16.92 -6.37
CA ASP C 67 3.64 16.52 -5.02
C ASP C 67 2.89 15.20 -5.09
N SER C 68 3.35 14.19 -4.34
CA SER C 68 2.68 12.89 -4.40
C SER C 68 1.26 12.92 -3.83
N ASN C 69 0.94 13.86 -2.94
CA ASN C 69 -0.38 13.88 -2.32
C ASN C 69 -1.37 14.83 -2.98
N TYR C 70 -0.90 15.96 -3.54
CA TYR C 70 -1.79 16.99 -4.05
C TYR C 70 -1.54 17.33 -5.50
N GLY C 71 -0.59 16.68 -6.16
CA GLY C 71 -0.43 16.80 -7.58
C GLY C 71 0.37 18.03 -7.97
N PRO C 72 0.39 18.34 -9.27
CA PRO C 72 1.20 19.47 -9.77
C PRO C 72 0.91 20.78 -9.06
N PHE C 73 1.97 21.53 -8.79
CA PHE C 73 1.80 22.85 -8.19
C PHE C 73 0.96 23.72 -9.12
N PRO C 74 0.00 24.49 -8.60
CA PRO C 74 -0.86 25.29 -9.50
C PRO C 74 -0.24 26.55 -10.07
N TRP C 75 1.02 26.86 -9.75
CA TRP C 75 1.72 28.01 -10.30
C TRP C 75 3.07 27.59 -10.83
N SER C 76 3.62 28.44 -11.70
CA SER C 76 4.95 28.18 -12.24
C SER C 76 5.98 28.13 -11.11
N VAL C 77 6.97 27.26 -11.27
CA VAL C 77 8.08 27.09 -10.32
C VAL C 77 9.38 27.04 -11.10
N ASP C 78 10.35 27.86 -10.70
CA ASP C 78 11.71 27.82 -11.24
C ASP C 78 12.65 28.09 -10.07
N PHE C 79 13.94 27.99 -10.34
CA PHE C 79 14.91 28.29 -9.31
C PHE C 79 16.12 28.97 -9.93
N THR C 80 16.86 29.70 -9.11
CA THR C 80 18.20 30.15 -9.44
C THR C 80 19.18 29.54 -8.44
N GLU C 81 20.44 29.95 -8.52
CA GLU C 81 21.42 29.41 -7.57
C GLU C 81 21.09 29.77 -6.13
N ASP C 82 20.21 30.76 -5.89
CA ASP C 82 19.93 31.15 -4.51
C ASP C 82 18.47 31.57 -4.26
N SER C 83 17.53 31.15 -5.10
CA SER C 83 16.14 31.54 -4.91
C SER C 83 15.22 30.57 -5.64
N LEU C 84 13.94 30.63 -5.28
CA LEU C 84 12.88 30.09 -6.12
C LEU C 84 12.19 31.27 -6.80
N ILE C 85 11.75 31.03 -8.03
CA ILE C 85 10.85 31.95 -8.72
C ILE C 85 9.51 31.25 -8.82
N VAL C 86 8.51 31.76 -8.11
CA VAL C 86 7.21 31.13 -8.02
C VAL C 86 6.19 32.10 -8.56
N ASP C 87 5.49 31.69 -9.63
CA ASP C 87 4.52 32.55 -10.29
C ASP C 87 5.15 33.90 -10.63
N GLY C 88 6.42 33.86 -11.04
CA GLY C 88 7.14 35.06 -11.45
C GLY C 88 7.75 35.89 -10.32
N LYS C 89 7.68 35.44 -9.08
CA LYS C 89 8.11 36.23 -7.93
C LYS C 89 9.24 35.49 -7.22
N SER C 90 10.26 36.24 -6.83
CA SER C 90 11.47 35.67 -6.27
C SER C 90 11.32 35.48 -4.77
N ILE C 91 11.74 34.31 -4.29
CA ILE C 91 11.74 33.98 -2.88
C ILE C 91 13.14 33.55 -2.53
N ALA C 92 13.80 34.29 -1.65
CA ALA C 92 15.17 33.95 -1.30
C ALA C 92 15.20 32.59 -0.64
N VAL C 93 16.24 31.80 -0.94
CA VAL C 93 16.44 30.48 -0.36
C VAL C 93 17.73 30.49 0.45
N TYR C 94 17.61 30.18 1.74
CA TYR C 94 18.76 30.00 2.62
C TYR C 94 18.87 28.53 3.06
N ALA C 95 20.05 28.17 3.58
CA ALA C 95 20.33 26.78 3.97
C ALA C 95 21.12 26.76 5.28
N GLU C 96 20.59 27.40 6.32
CA GLU C 96 21.24 27.49 7.64
C GLU C 96 20.58 26.50 8.61
N LYS C 97 21.30 25.45 9.00
CA LYS C 97 20.70 24.50 9.93
C LYS C 97 20.48 25.10 11.33
N GLU C 98 21.11 26.23 11.63
CA GLU C 98 20.88 26.94 12.89
C GLU C 98 20.12 28.23 12.61
N ALA C 99 18.94 28.37 13.25
CA ALA C 99 18.03 29.46 12.94
C ALA C 99 18.63 30.83 13.22
N LYS C 100 19.48 30.94 14.25
CA LYS C 100 20.04 32.26 14.53
C LYS C 100 20.93 32.74 13.38
N ASN C 101 21.37 31.83 12.49
CA ASN C 101 22.16 32.24 11.32
C ASN C 101 21.32 32.60 10.09
N ILE C 102 20.00 32.56 10.16
CA ILE C 102 19.18 32.88 8.98
C ILE C 102 19.11 34.39 8.82
N PRO C 103 19.44 34.94 7.60
CA PRO C 103 19.39 36.41 7.42
C PRO C 103 18.01 36.97 7.09
N TRP C 104 17.08 36.83 8.05
CA TRP C 104 15.70 37.24 7.84
C TRP C 104 15.58 38.72 7.49
N LYS C 105 16.54 39.55 7.91
CA LYS C 105 16.41 40.97 7.67
C LYS C 105 16.72 41.34 6.23
N ALA C 106 17.44 40.48 5.52
CA ALA C 106 17.88 40.80 4.16
C ALA C 106 16.70 41.10 3.25
N LYS C 107 15.64 40.29 3.34
CA LYS C 107 14.43 40.53 2.56
C LYS C 107 13.28 41.02 3.41
N GLY C 108 13.52 41.27 4.70
CA GLY C 108 12.49 41.79 5.58
C GLY C 108 11.47 40.79 6.06
N ALA C 109 11.83 39.52 6.21
CA ALA C 109 10.88 38.57 6.78
C ALA C 109 10.62 38.90 8.24
N GLU C 110 9.38 39.25 8.55
CA GLU C 110 8.97 39.67 9.88
C GLU C 110 8.32 38.56 10.69
N ILE C 111 7.52 37.70 10.04
CA ILE C 111 6.83 36.60 10.72
C ILE C 111 7.33 35.30 10.12
N ILE C 112 7.85 34.44 10.98
CA ILE C 112 8.42 33.17 10.56
C ILE C 112 7.43 32.06 10.85
N VAL C 113 7.07 31.31 9.81
CA VAL C 113 6.32 30.07 9.96
C VAL C 113 7.35 28.96 10.18
N GLU C 114 7.43 28.45 11.41
CA GLU C 114 8.48 27.54 11.85
C GLU C 114 8.01 26.09 11.69
N CYS C 115 8.49 25.42 10.63
CA CYS C 115 7.95 24.15 10.17
C CYS C 115 8.98 23.03 10.14
N THR C 116 10.12 23.17 10.84
CA THR C 116 11.17 22.14 10.78
C THR C 116 10.99 21.02 11.80
N GLY C 117 10.21 21.24 12.85
CA GLY C 117 10.17 20.31 13.97
C GLY C 117 11.28 20.52 14.99
N PHE C 118 12.23 21.42 14.75
CA PHE C 118 13.42 21.49 15.59
C PHE C 118 13.48 22.71 16.50
N TYR C 119 12.45 23.55 16.52
CA TYR C 119 12.44 24.75 17.36
C TYR C 119 11.13 24.83 18.12
N THR C 120 10.64 23.70 18.57
CA THR C 120 9.30 23.67 19.17
C THR C 120 9.27 24.10 20.64
N SER C 121 9.82 25.28 20.96
CA SER C 121 9.71 25.88 22.29
C SER C 121 9.91 27.38 22.16
N ALA C 122 9.47 28.12 23.17
CA ALA C 122 9.74 29.55 23.16
C ALA C 122 11.24 29.82 23.16
N GLU C 123 11.99 29.08 23.99
CA GLU C 123 13.44 29.27 24.04
C GLU C 123 14.09 28.98 22.71
N LYS C 124 13.62 27.95 22.02
CA LYS C 124 14.30 27.59 20.79
C LYS C 124 13.95 28.54 19.65
N SER C 125 12.66 28.88 19.52
CA SER C 125 12.24 29.79 18.45
C SER C 125 12.66 31.22 18.70
N GLN C 126 13.17 31.53 19.90
CA GLN C 126 13.75 32.85 20.14
C GLN C 126 14.86 33.16 19.15
N ALA C 127 15.52 32.12 18.64
CA ALA C 127 16.57 32.30 17.66
C ALA C 127 16.11 33.09 16.45
N HIS C 128 14.83 32.98 16.07
CA HIS C 128 14.35 33.74 14.91
C HIS C 128 14.26 35.22 15.25
N LEU C 129 13.81 35.54 16.46
CA LEU C 129 13.77 36.93 16.88
C LEU C 129 15.18 37.50 17.03
N ASP C 130 16.11 36.70 17.56
CA ASP C 130 17.51 37.11 17.58
C ASP C 130 18.02 37.37 16.17
N ALA C 131 17.57 36.57 15.21
CA ALA C 131 18.00 36.72 13.83
C ALA C 131 17.30 37.85 13.12
N GLY C 132 16.38 38.56 13.78
CA GLY C 132 15.84 39.79 13.25
C GLY C 132 14.38 39.75 12.86
N ALA C 133 13.68 38.64 13.10
CA ALA C 133 12.24 38.55 12.88
C ALA C 133 11.49 39.11 14.08
N LYS C 134 10.22 39.42 13.86
CA LYS C 134 9.36 39.96 14.90
C LYS C 134 8.52 38.90 15.60
N LYS C 135 8.04 37.89 14.87
CA LYS C 135 7.09 36.91 15.41
C LYS C 135 7.40 35.54 14.81
N VAL C 136 7.00 34.49 15.54
CA VAL C 136 7.17 33.11 15.09
C VAL C 136 5.86 32.40 15.30
N LEU C 137 5.36 31.73 14.24
CA LEU C 137 4.22 30.82 14.34
C LEU C 137 4.76 29.40 14.11
N ILE C 138 4.68 28.57 15.15
CA ILE C 138 5.26 27.23 15.12
C ILE C 138 4.18 26.22 14.70
N SER C 139 4.48 25.41 13.69
CA SER C 139 3.50 24.49 13.11
C SER C 139 3.37 23.19 13.89
N ALA C 140 3.55 23.23 15.21
CA ALA C 140 3.57 22.03 16.05
C ALA C 140 3.31 22.45 17.49
N PRO C 141 2.90 21.52 18.34
CA PRO C 141 2.86 21.85 19.78
C PRO C 141 4.23 22.34 20.22
N ALA C 142 4.25 23.30 21.14
CA ALA C 142 5.55 23.85 21.56
C ALA C 142 5.56 24.18 23.04
N GLY C 143 5.04 23.27 23.87
CA GLY C 143 4.96 23.50 25.31
C GLY C 143 3.98 24.60 25.70
N GLU C 144 4.27 25.21 26.87
CA GLU C 144 3.37 26.16 27.54
C GLU C 144 3.57 27.53 26.91
N MET C 145 2.96 27.70 25.76
CA MET C 145 2.91 28.98 25.10
C MET C 145 1.50 29.11 24.56
N LYS C 146 1.16 30.28 24.08
CA LYS C 146 -0.15 30.44 23.50
C LYS C 146 -0.27 29.50 22.30
N THR C 147 -1.38 28.75 22.28
CA THR C 147 -1.61 27.66 21.32
C THR C 147 -3.01 27.81 20.75
N ILE C 148 -3.12 27.99 19.44
CA ILE C 148 -4.34 28.44 18.80
C ILE C 148 -4.89 27.34 17.89
N VAL C 149 -6.14 26.98 18.12
CA VAL C 149 -6.91 26.29 17.10
C VAL C 149 -7.88 27.34 16.57
N TYR C 150 -7.68 27.74 15.32
CA TYR C 150 -8.53 28.77 14.74
C TYR C 150 -9.99 28.38 14.82
N ASN C 151 -10.81 29.36 15.21
CA ASN C 151 -12.25 29.26 15.45
C ASN C 151 -12.58 28.44 16.68
N VAL C 152 -11.60 28.16 17.52
CA VAL C 152 -11.85 27.72 18.88
C VAL C 152 -11.39 28.78 19.88
N ASN C 153 -10.13 29.22 19.78
CA ASN C 153 -9.60 30.20 20.75
C ASN C 153 -8.68 31.23 20.10
N ASP C 154 -8.85 31.52 18.80
CA ASP C 154 -8.00 32.53 18.18
C ASP C 154 -8.27 33.93 18.73
N ASP C 155 -9.40 34.13 19.40
CA ASP C 155 -9.64 35.41 20.05
C ASP C 155 -8.70 35.66 21.22
N THR C 156 -7.86 34.70 21.62
CA THR C 156 -6.89 34.97 22.68
C THR C 156 -5.60 35.59 22.16
N LEU C 157 -5.41 35.66 20.85
CA LEU C 157 -4.25 36.33 20.29
C LEU C 157 -4.37 37.84 20.49
N ASP C 158 -3.25 38.51 20.74
CA ASP C 158 -3.24 39.97 20.84
C ASP C 158 -1.95 40.50 20.25
N GLY C 159 -1.82 41.82 20.23
CA GLY C 159 -0.69 42.45 19.57
C GLY C 159 0.64 42.26 20.26
N ASN C 160 0.65 41.79 21.49
CA ASN C 160 1.90 41.58 22.21
C ASN C 160 2.50 40.19 22.04
N ASP C 161 1.76 39.24 21.48
CA ASP C 161 2.31 37.90 21.25
C ASP C 161 3.40 37.94 20.19
N THR C 162 4.47 37.22 20.46
CA THR C 162 5.55 37.08 19.49
C THR C 162 5.83 35.65 19.10
N ILE C 163 5.61 34.66 19.98
CA ILE C 163 5.83 33.26 19.64
C ILE C 163 4.58 32.48 20.03
N VAL C 164 3.96 31.84 19.04
CA VAL C 164 2.67 31.17 19.19
C VAL C 164 2.75 29.83 18.46
N SER C 165 1.91 28.89 18.89
CA SER C 165 1.83 27.54 18.36
C SER C 165 0.43 27.31 17.81
N VAL C 166 0.30 26.49 16.77
CA VAL C 166 -1.00 26.04 16.30
C VAL C 166 -1.23 24.57 16.67
N ALA C 167 -0.45 24.06 17.62
CA ALA C 167 -0.60 22.69 18.08
C ALA C 167 -0.42 21.72 16.91
N SER C 168 -0.95 20.51 17.04
CA SER C 168 -0.82 19.49 16.01
C SER C 168 -2.02 19.46 15.09
N CYS C 169 -1.88 18.71 13.99
CA CYS C 169 -3.05 18.38 13.19
C CYS C 169 -4.12 17.74 14.05
N THR C 170 -3.72 16.83 14.94
CA THR C 170 -4.70 16.13 15.75
C THR C 170 -5.42 17.09 16.70
N THR C 171 -4.70 18.04 17.27
CA THR C 171 -5.35 19.03 18.11
C THR C 171 -6.39 19.79 17.32
N ASN C 172 -6.05 20.23 16.10
CA ASN C 172 -7.00 20.97 15.30
C ASN C 172 -8.21 20.12 14.92
N CYS C 173 -8.06 18.80 14.90
CA CYS C 173 -9.21 17.93 14.68
C CYS C 173 -10.02 17.77 15.95
N LEU C 174 -9.34 17.49 17.04
CA LEU C 174 -10.00 17.18 18.32
C LEU C 174 -10.70 18.39 18.92
N ALA C 175 -10.01 19.52 18.94
CA ALA C 175 -10.50 20.68 19.69
C ALA C 175 -11.88 21.17 19.26
N PRO C 176 -12.16 21.37 17.97
CA PRO C 176 -13.48 21.88 17.64
C PRO C 176 -14.59 20.93 18.07
N MET C 177 -14.35 19.63 17.98
CA MET C 177 -15.36 18.65 18.40
C MET C 177 -15.52 18.68 19.91
N ALA C 178 -14.41 18.65 20.64
CA ALA C 178 -14.47 18.72 22.11
C ALA C 178 -15.13 20.02 22.56
N LYS C 179 -14.80 21.16 21.92
CA LYS C 179 -15.41 22.43 22.28
C LYS C 179 -16.92 22.40 22.14
N ALA C 180 -17.42 21.86 21.03
CA ALA C 180 -18.86 21.83 20.80
C ALA C 180 -19.54 20.91 21.81
N LEU C 181 -18.92 19.78 22.12
CA LEU C 181 -19.54 18.86 23.07
C LEU C 181 -19.56 19.48 24.46
N HIS C 182 -18.44 20.10 24.85
CA HIS C 182 -18.38 20.68 26.17
C HIS C 182 -19.36 21.83 26.29
N ASP C 183 -19.38 22.73 25.31
CA ASP C 183 -20.35 23.82 25.32
C ASP C 183 -21.79 23.31 25.40
N SER C 184 -22.12 22.23 24.68
CA SER C 184 -23.52 21.83 24.62
C SER C 184 -23.93 20.96 25.81
N PHE C 185 -23.04 20.11 26.28
CA PHE C 185 -23.38 19.06 27.22
C PHE C 185 -22.42 18.94 28.38
N GLY C 186 -21.25 19.56 28.32
CA GLY C 186 -20.21 19.28 29.30
C GLY C 186 -19.52 17.94 29.07
N ILE C 187 -18.20 17.98 29.01
CA ILE C 187 -17.37 16.78 29.00
C ILE C 187 -16.85 16.58 30.42
N GLU C 188 -17.14 15.43 31.02
CA GLU C 188 -16.59 15.13 32.35
C GLU C 188 -15.20 14.54 32.25
N VAL C 189 -14.99 13.63 31.29
CA VAL C 189 -13.74 12.91 31.10
C VAL C 189 -13.86 12.29 29.69
N GLY C 190 -12.74 12.07 29.03
CA GLY C 190 -12.82 11.39 27.74
C GLY C 190 -11.46 10.87 27.34
N THR C 191 -11.47 9.95 26.37
CA THR C 191 -10.24 9.45 25.78
C THR C 191 -10.39 9.34 24.27
N MET C 192 -9.31 9.63 23.54
CA MET C 192 -9.35 9.66 22.08
C MET C 192 -8.33 8.68 21.47
N THR C 193 -8.68 8.21 20.28
CA THR C 193 -7.75 7.48 19.45
C THR C 193 -7.89 8.06 18.04
N THR C 194 -6.79 8.46 17.45
CA THR C 194 -6.79 8.90 16.06
C THR C 194 -6.18 7.79 15.21
N ILE C 195 -6.90 7.40 14.18
CA ILE C 195 -6.40 6.47 13.18
C ILE C 195 -5.87 7.36 12.06
N ALA C 196 -4.55 7.39 11.89
CA ALA C 196 -3.92 8.52 11.23
C ALA C 196 -2.92 8.07 10.18
N ALA C 197 -2.90 8.80 9.09
CA ALA C 197 -1.89 8.65 8.04
C ALA C 197 -0.49 8.73 8.61
N TYR C 198 0.41 7.96 8.00
CA TYR C 198 1.80 8.02 8.45
C TYR C 198 2.47 9.32 7.99
N THR C 199 3.51 9.72 8.71
CA THR C 199 4.21 10.97 8.43
C THR C 199 5.72 10.74 8.44
N GLY C 200 6.45 11.83 8.16
CA GLY C 200 7.88 11.79 8.00
C GLY C 200 8.65 11.48 9.27
N THR C 201 7.99 11.47 10.42
CA THR C 201 8.67 11.04 11.64
C THR C 201 8.86 9.54 11.70
N GLN C 202 8.17 8.80 10.84
CA GLN C 202 8.24 7.35 10.85
C GLN C 202 9.29 6.84 9.89
N SER C 203 9.30 5.53 9.64
CA SER C 203 10.36 4.86 8.91
C SER C 203 9.77 4.19 7.67
N LEU C 204 10.54 4.23 6.58
CA LEU C 204 10.15 3.52 5.35
C LEU C 204 10.40 2.03 5.48
N VAL C 205 11.62 1.65 5.88
CA VAL C 205 11.94 0.27 6.21
C VAL C 205 12.26 0.20 7.71
N ASP C 206 12.16 -1.01 8.26
CA ASP C 206 12.53 -1.21 9.66
C ASP C 206 13.95 -0.71 9.88
N GLY C 207 14.13 0.33 10.68
CA GLY C 207 15.46 0.74 11.11
C GLY C 207 15.42 1.85 12.13
N PRO C 208 16.58 2.18 12.72
CA PRO C 208 16.55 3.09 13.86
C PRO C 208 15.92 4.42 13.48
N ARG C 209 15.08 4.92 14.38
CA ARG C 209 14.43 6.20 14.21
C ARG C 209 14.47 6.91 15.57
N GLY C 210 15.66 7.43 15.90
CA GLY C 210 15.84 8.02 17.20
C GLY C 210 15.68 6.97 18.29
N LYS C 211 14.99 7.35 19.37
CA LYS C 211 14.75 6.48 20.52
C LYS C 211 13.41 5.77 20.50
N ASP C 212 12.46 6.14 19.64
CA ASP C 212 11.15 5.52 19.73
C ASP C 212 11.21 4.20 18.97
N LEU C 213 10.87 3.11 19.66
CA LEU C 213 10.94 1.80 19.02
C LEU C 213 9.87 1.67 17.95
N ARG C 214 8.62 2.02 18.26
CA ARG C 214 7.58 1.84 17.25
C ARG C 214 7.82 2.72 16.02
N ALA C 215 8.44 3.89 16.19
CA ALA C 215 8.72 4.74 15.05
C ALA C 215 9.75 4.12 14.10
N SER C 216 10.48 3.11 14.55
CA SER C 216 11.49 2.46 13.72
C SER C 216 10.89 1.48 12.71
N ARG C 217 9.60 1.28 12.71
CA ARG C 217 8.99 0.20 11.94
C ARG C 217 8.36 0.72 10.64
N ALA C 218 8.39 -0.13 9.63
CA ALA C 218 7.96 0.24 8.28
C ALA C 218 6.54 0.77 8.27
N ALA C 219 6.38 2.06 7.95
CA ALA C 219 5.12 2.75 8.21
C ALA C 219 4.03 2.33 7.23
N ALA C 220 4.39 1.97 6.02
CA ALA C 220 3.40 1.63 5.01
C ALA C 220 3.03 0.16 5.07
N GLU C 221 3.55 -0.58 6.04
CA GLU C 221 3.25 -2.00 6.14
C GLU C 221 2.68 -2.41 7.50
N ASN C 222 2.27 -1.46 8.34
CA ASN C 222 1.94 -1.75 9.73
C ASN C 222 0.89 -0.79 10.24
N ILE C 223 0.09 -1.29 11.20
CA ILE C 223 -0.61 -0.46 12.17
C ILE C 223 0.35 -0.21 13.33
N ILE C 224 0.61 1.04 13.65
CA ILE C 224 1.69 1.38 14.57
C ILE C 224 1.18 2.31 15.66
N PRO C 225 1.05 1.85 16.89
CA PRO C 225 0.65 2.76 17.98
C PRO C 225 1.68 3.86 18.16
N HIS C 226 1.19 5.03 18.54
CA HIS C 226 1.96 6.27 18.48
C HIS C 226 1.42 7.20 19.57
N THR C 227 2.29 7.76 20.40
CA THR C 227 1.83 8.75 21.36
C THR C 227 1.49 10.05 20.65
N THR C 228 0.51 10.78 21.19
CA THR C 228 0.23 12.14 20.77
C THR C 228 -0.16 12.93 22.00
N GLY C 229 0.16 14.23 21.97
CA GLY C 229 -0.23 15.12 23.04
C GLY C 229 -1.51 15.87 22.82
N ALA C 230 -2.29 15.52 21.78
CA ALA C 230 -3.44 16.33 21.43
C ALA C 230 -4.41 16.41 22.60
N ALA C 231 -4.70 15.27 23.22
CA ALA C 231 -5.66 15.23 24.33
C ALA C 231 -5.04 15.76 25.62
N LYS C 232 -3.84 15.30 25.95
CA LYS C 232 -3.24 15.65 27.23
C LYS C 232 -3.05 17.16 27.38
N ALA C 233 -2.72 17.85 26.29
CA ALA C 233 -2.44 19.29 26.37
C ALA C 233 -3.62 20.13 25.89
N ILE C 234 -4.83 19.55 25.83
CA ILE C 234 -5.96 20.26 25.24
C ILE C 234 -6.28 21.53 26.00
N GLY C 235 -5.85 21.62 27.26
CA GLY C 235 -6.16 22.75 28.11
C GLY C 235 -5.56 24.06 27.64
N LEU C 236 -4.50 24.00 26.85
CA LEU C 236 -3.97 25.23 26.28
C LEU C 236 -4.98 25.87 25.35
N VAL C 237 -5.83 25.05 24.73
CA VAL C 237 -6.79 25.49 23.73
C VAL C 237 -8.18 25.66 24.34
N ILE C 238 -8.58 24.71 25.18
CA ILE C 238 -9.87 24.74 25.86
C ILE C 238 -9.58 24.61 27.35
N PRO C 239 -9.35 25.71 28.05
CA PRO C 239 -8.89 25.62 29.45
C PRO C 239 -9.78 24.78 30.33
N GLU C 240 -11.09 24.80 30.12
CA GLU C 240 -11.98 24.04 30.99
C GLU C 240 -11.78 22.54 30.86
N LEU C 241 -11.08 22.06 29.85
CA LEU C 241 -10.89 20.63 29.67
C LEU C 241 -9.51 20.18 30.11
N SER C 242 -8.74 21.06 30.76
CA SER C 242 -7.43 20.69 31.26
C SER C 242 -7.52 19.44 32.11
N GLY C 243 -6.64 18.47 31.86
CA GLY C 243 -6.60 17.23 32.60
C GLY C 243 -7.76 16.28 32.39
N LYS C 244 -8.75 16.62 31.57
CA LYS C 244 -9.90 15.75 31.44
C LYS C 244 -9.79 14.74 30.30
N LEU C 245 -8.79 14.88 29.42
CA LEU C 245 -8.67 14.00 28.25
C LEU C 245 -7.32 13.32 28.20
N LYS C 246 -7.31 12.08 27.69
CA LYS C 246 -6.09 11.39 27.28
C LYS C 246 -6.31 10.80 25.89
N GLY C 247 -5.25 10.29 25.29
CA GLY C 247 -5.42 9.72 23.96
C GLY C 247 -4.12 9.25 23.36
N HIS C 248 -4.27 8.59 22.20
CA HIS C 248 -3.10 8.17 21.43
C HIS C 248 -3.51 8.01 19.98
N ALA C 249 -2.56 7.56 19.17
CA ALA C 249 -2.74 7.39 17.74
C ALA C 249 -2.47 5.95 17.34
N GLN C 250 -3.13 5.51 16.30
CA GLN C 250 -2.70 4.33 15.55
C GLN C 250 -2.32 4.82 14.16
N ARG C 251 -1.03 4.75 13.81
CA ARG C 251 -0.57 5.20 12.49
C ARG C 251 -0.73 4.05 11.51
N VAL C 252 -1.37 4.32 10.37
CA VAL C 252 -1.69 3.27 9.40
C VAL C 252 -1.29 3.64 7.97
N PRO C 253 -1.25 2.67 7.02
CA PRO C 253 -0.71 2.96 5.67
C PRO C 253 -1.68 3.67 4.73
N VAL C 254 -2.02 4.92 5.04
CA VAL C 254 -2.51 5.87 4.05
C VAL C 254 -1.61 7.11 4.07
N LYS C 255 -1.50 7.75 2.89
CA LYS C 255 -0.48 8.78 2.69
C LYS C 255 -0.85 10.11 3.34
N THR C 256 -2.15 10.44 3.41
CA THR C 256 -2.63 11.57 4.20
C THR C 256 -4.12 11.36 4.34
N GLY C 257 -4.71 12.03 5.31
CA GLY C 257 -6.09 11.78 5.67
C GLY C 257 -6.19 10.93 6.90
N SER C 258 -6.89 11.43 7.92
CA SER C 258 -6.84 10.84 9.25
C SER C 258 -8.21 11.00 9.89
N VAL C 259 -8.43 10.31 11.01
CA VAL C 259 -9.74 10.37 11.65
C VAL C 259 -9.53 10.26 13.15
N THR C 260 -10.30 11.03 13.94
CA THR C 260 -10.15 11.08 15.39
C THR C 260 -11.45 10.62 16.03
N GLU C 261 -11.38 9.57 16.84
CA GLU C 261 -12.48 9.14 17.69
C GLU C 261 -12.28 9.67 19.11
N LEU C 262 -13.36 10.18 19.69
CA LEU C 262 -13.36 10.59 21.10
C LEU C 262 -14.49 9.84 21.83
N VAL C 263 -14.14 9.17 22.92
CA VAL C 263 -15.12 8.52 23.81
C VAL C 263 -15.19 9.34 25.09
N SER C 264 -16.38 9.89 25.37
CA SER C 264 -16.61 10.83 26.46
C SER C 264 -17.73 10.37 27.40
N ILE C 265 -17.61 10.76 28.67
CA ILE C 265 -18.77 10.89 29.56
C ILE C 265 -19.18 12.35 29.55
N LEU C 266 -20.43 12.62 29.22
CA LEU C 266 -20.91 13.99 29.14
C LEU C 266 -21.65 14.35 30.41
N GLY C 267 -21.96 15.63 30.55
CA GLY C 267 -22.69 16.11 31.71
C GLY C 267 -24.18 15.89 31.64
N LYS C 268 -24.67 15.19 30.63
CA LYS C 268 -26.10 15.03 30.41
C LYS C 268 -26.35 13.77 29.59
N LYS C 269 -27.52 13.15 29.79
CA LYS C 269 -27.93 12.07 28.92
C LYS C 269 -28.29 12.65 27.57
N VAL C 270 -27.92 11.96 26.49
CA VAL C 270 -28.15 12.48 25.16
C VAL C 270 -28.54 11.34 24.23
N THR C 271 -29.19 11.72 23.13
CA THR C 271 -29.38 10.83 22.00
C THR C 271 -28.37 11.17 20.91
N ALA C 272 -28.23 10.23 19.98
CA ALA C 272 -27.31 10.46 18.87
C ALA C 272 -27.76 11.63 18.03
N GLU C 273 -29.08 11.74 17.77
CA GLU C 273 -29.59 12.87 16.99
C GLU C 273 -29.30 14.20 17.67
N GLU C 274 -29.45 14.24 19.00
CA GLU C 274 -29.14 15.44 19.77
C GLU C 274 -27.67 15.85 19.63
N VAL C 275 -26.76 14.88 19.79
CA VAL C 275 -25.34 15.17 19.62
C VAL C 275 -25.08 15.69 18.20
N ASN C 276 -25.58 14.96 17.20
CA ASN C 276 -25.35 15.37 15.82
C ASN C 276 -25.92 16.76 15.56
N ASN C 277 -27.10 17.07 16.12
CA ASN C 277 -27.67 18.39 15.90
C ASN C 277 -26.80 19.48 16.52
N ALA C 278 -26.28 19.23 17.72
CA ALA C 278 -25.41 20.22 18.37
C ALA C 278 -24.15 20.47 17.57
N LEU C 279 -23.55 19.40 17.04
CA LEU C 279 -22.36 19.57 16.21
C LEU C 279 -22.69 20.28 14.91
N LYS C 280 -23.83 19.96 14.31
CA LYS C 280 -24.20 20.62 13.06
C LYS C 280 -24.30 22.12 13.28
N GLN C 281 -24.87 22.53 14.41
CA GLN C 281 -24.97 23.95 14.72
C GLN C 281 -23.59 24.56 14.90
N ALA C 282 -22.67 23.82 15.52
CA ALA C 282 -21.34 24.37 15.74
C ALA C 282 -20.58 24.54 14.43
N THR C 283 -20.91 23.76 13.39
CA THR C 283 -20.20 23.88 12.12
C THR C 283 -20.84 24.90 11.17
N THR C 284 -22.00 25.43 11.50
CA THR C 284 -22.68 26.37 10.62
C THR C 284 -21.88 27.66 10.56
N ASN C 285 -21.72 28.21 9.35
CA ASN C 285 -20.93 29.42 9.14
C ASN C 285 -19.56 29.31 9.80
N ASN C 286 -18.94 28.15 9.68
CA ASN C 286 -17.70 27.88 10.40
C ASN C 286 -16.71 27.36 9.37
N GLU C 287 -15.80 28.23 8.94
CA GLU C 287 -14.89 27.87 7.86
C GLU C 287 -13.81 26.90 8.32
N SER C 288 -13.65 26.71 9.62
CA SER C 288 -12.64 25.79 10.14
C SER C 288 -13.16 24.39 10.41
N PHE C 289 -14.47 24.23 10.57
CA PHE C 289 -15.07 23.02 11.14
C PHE C 289 -16.24 22.63 10.26
N GLY C 290 -16.11 21.52 9.58
CA GLY C 290 -17.14 21.04 8.69
C GLY C 290 -17.96 19.91 9.28
N TYR C 291 -19.03 19.59 8.58
CA TYR C 291 -19.98 18.57 8.98
C TYR C 291 -20.23 17.66 7.79
N THR C 292 -20.35 16.36 8.06
CA THR C 292 -20.87 15.47 7.03
C THR C 292 -21.78 14.42 7.67
N ASP C 293 -22.82 14.06 6.92
CA ASP C 293 -23.60 12.87 7.18
C ASP C 293 -23.56 11.91 6.00
N GLU C 294 -22.51 12.03 5.17
CA GLU C 294 -22.24 11.11 4.08
C GLU C 294 -21.21 10.08 4.52
N GLU C 295 -21.29 8.89 3.95
CA GLU C 295 -20.44 7.77 4.38
C GLU C 295 -19.07 7.83 3.70
N ILE C 296 -18.31 8.85 4.06
CA ILE C 296 -17.03 9.10 3.42
C ILE C 296 -15.94 8.22 4.04
N VAL C 297 -14.79 8.18 3.36
CA VAL C 297 -13.63 7.43 3.79
C VAL C 297 -12.44 8.38 3.68
N SER C 298 -11.26 7.93 4.14
CA SER C 298 -10.19 8.91 4.36
C SER C 298 -9.81 9.65 3.07
N SER C 299 -9.74 8.95 1.93
CA SER C 299 -9.33 9.66 0.71
C SER C 299 -10.27 10.81 0.39
N ASP C 300 -11.49 10.80 0.90
CA ASP C 300 -12.43 11.88 0.64
C ASP C 300 -12.08 13.15 1.39
N ILE C 301 -11.23 13.07 2.43
CA ILE C 301 -10.82 14.25 3.16
C ILE C 301 -9.55 14.88 2.59
N ILE C 302 -8.88 14.20 1.64
CA ILE C 302 -7.64 14.74 1.08
C ILE C 302 -7.94 16.04 0.34
N GLY C 303 -7.22 17.10 0.69
CA GLY C 303 -7.47 18.40 0.14
C GLY C 303 -8.51 19.21 0.86
N SER C 304 -8.97 18.76 2.03
CA SER C 304 -10.01 19.47 2.76
C SER C 304 -9.53 20.87 3.13
N HIS C 305 -10.47 21.81 3.13
CA HIS C 305 -10.18 23.16 3.59
C HIS C 305 -10.68 23.42 4.99
N PHE C 306 -11.00 22.37 5.72
CA PHE C 306 -11.40 22.45 7.12
C PHE C 306 -10.28 21.86 7.96
N GLY C 307 -10.20 22.31 9.21
CA GLY C 307 -9.29 21.64 10.14
C GLY C 307 -9.84 20.33 10.66
N SER C 308 -11.15 20.15 10.55
CA SER C 308 -11.86 19.03 11.16
C SER C 308 -13.21 18.93 10.45
N VAL C 309 -13.66 17.71 10.20
CA VAL C 309 -15.00 17.47 9.66
C VAL C 309 -15.69 16.43 10.53
N PHE C 310 -16.66 16.87 11.34
CA PHE C 310 -17.46 15.97 12.13
C PHE C 310 -18.26 15.04 11.26
N ASP C 311 -18.25 13.75 11.59
CA ASP C 311 -18.95 12.72 10.82
C ASP C 311 -20.12 12.20 11.64
N ALA C 312 -21.31 12.73 11.36
CA ALA C 312 -22.49 12.29 12.07
C ALA C 312 -22.81 10.82 11.89
N THR C 313 -22.31 10.17 10.83
CA THR C 313 -22.62 8.76 10.62
C THR C 313 -21.95 7.85 11.64
N GLN C 314 -20.94 8.31 12.35
CA GLN C 314 -20.19 7.44 13.24
C GLN C 314 -20.50 7.68 14.72
N THR C 315 -21.47 8.53 15.02
CA THR C 315 -21.82 8.83 16.40
C THR C 315 -22.44 7.61 17.04
N GLU C 316 -22.06 7.35 18.29
CA GLU C 316 -22.52 6.16 18.99
C GLU C 316 -22.73 6.47 20.47
N ILE C 317 -23.93 6.13 20.97
CA ILE C 317 -24.27 6.27 22.40
C ILE C 317 -24.42 4.86 22.96
N THR C 318 -23.61 4.53 23.96
CA THR C 318 -23.69 3.24 24.63
C THR C 318 -24.13 3.52 26.05
N ALA C 319 -25.27 2.95 26.45
CA ALA C 319 -25.83 3.27 27.77
C ALA C 319 -26.31 2.02 28.49
N VAL C 320 -26.06 1.99 29.80
CA VAL C 320 -26.56 0.96 30.70
C VAL C 320 -26.97 1.68 31.97
N GLY C 321 -28.28 1.78 32.22
CA GLY C 321 -28.69 2.50 33.42
C GLY C 321 -28.32 3.95 33.27
N ASP C 322 -27.75 4.54 34.31
CA ASP C 322 -27.35 5.94 34.25
C ASP C 322 -25.92 6.13 33.75
N LEU C 323 -25.29 5.08 33.24
CA LEU C 323 -23.95 5.18 32.67
C LEU C 323 -24.06 5.30 31.16
N GLN C 324 -23.39 6.28 30.59
CA GLN C 324 -23.49 6.60 29.18
C GLN C 324 -22.11 6.91 28.64
N LEU C 325 -21.74 6.28 27.55
CA LEU C 325 -20.52 6.61 26.80
C LEU C 325 -20.91 7.15 25.43
N VAL C 326 -20.30 8.26 25.04
CA VAL C 326 -20.60 8.95 23.79
C VAL C 326 -19.34 8.91 22.92
N LYS C 327 -19.45 8.31 21.74
CA LYS C 327 -18.35 8.28 20.78
C LYS C 327 -18.69 9.21 19.63
N THR C 328 -17.80 10.15 19.37
CA THR C 328 -17.95 11.10 18.28
C THR C 328 -16.68 11.03 17.44
N VAL C 329 -16.82 11.21 16.13
CA VAL C 329 -15.73 10.97 15.20
C VAL C 329 -15.64 12.13 14.23
N ALA C 330 -14.42 12.60 13.99
CA ALA C 330 -14.18 13.66 13.02
C ALA C 330 -12.96 13.32 12.16
N TRP C 331 -13.07 13.63 10.88
CA TRP C 331 -11.99 13.45 9.91
C TRP C 331 -11.11 14.70 9.86
N TYR C 332 -9.88 14.52 9.39
CA TYR C 332 -9.04 15.65 9.12
C TYR C 332 -7.96 15.28 8.12
N ASP C 333 -7.71 16.19 7.19
CA ASP C 333 -6.53 16.05 6.35
C ASP C 333 -5.38 16.64 7.15
N ASN C 334 -4.60 15.75 7.78
CA ASN C 334 -3.51 16.16 8.63
C ASN C 334 -2.46 16.99 7.92
N GLU C 335 -2.37 16.93 6.59
CA GLU C 335 -1.52 17.86 5.85
C GLU C 335 -2.34 19.10 5.47
N TYR C 336 -3.12 19.05 4.39
CA TYR C 336 -3.68 20.30 3.84
C TYR C 336 -4.73 20.94 4.76
N GLY C 337 -5.55 20.14 5.43
CA GLY C 337 -6.60 20.70 6.26
C GLY C 337 -6.02 21.46 7.45
N PHE C 338 -5.08 20.84 8.12
CA PHE C 338 -4.31 21.52 9.15
C PHE C 338 -3.67 22.78 8.60
N VAL C 339 -3.09 22.72 7.39
CA VAL C 339 -2.43 23.92 6.88
C VAL C 339 -3.43 25.05 6.70
N THR C 340 -4.68 24.76 6.29
CA THR C 340 -5.62 25.85 6.17
C THR C 340 -5.85 26.54 7.51
N GLN C 341 -5.81 25.77 8.61
CA GLN C 341 -5.88 26.36 9.96
C GLN C 341 -4.62 27.15 10.29
N LEU C 342 -3.46 26.63 9.94
CA LEU C 342 -2.24 27.39 10.17
C LEU C 342 -2.32 28.72 9.43
N ILE C 343 -2.84 28.71 8.20
CA ILE C 343 -2.91 29.96 7.44
C ILE C 343 -3.95 30.92 8.03
N ARG C 344 -5.10 30.42 8.45
CA ARG C 344 -6.07 31.30 9.10
C ARG C 344 -5.44 31.99 10.31
N THR C 345 -4.67 31.24 11.10
CA THR C 345 -4.02 31.81 12.27
C THR C 345 -2.95 32.79 11.86
N LEU C 346 -2.16 32.44 10.83
CA LEU C 346 -1.10 33.33 10.36
C LEU C 346 -1.65 34.67 9.89
N GLU C 347 -2.80 34.65 9.20
CA GLU C 347 -3.37 35.88 8.67
C GLU C 347 -3.79 36.80 9.81
N LYS C 348 -4.33 36.23 10.89
CA LYS C 348 -4.73 37.04 12.02
C LYS C 348 -3.51 37.52 12.81
N PHE C 349 -2.56 36.61 13.03
CA PHE C 349 -1.33 36.92 13.74
C PHE C 349 -0.62 38.10 13.08
N ALA C 350 -0.64 38.12 11.75
CA ALA C 350 0.04 39.15 10.97
C ALA C 350 -0.70 40.48 10.96
N LYS C 351 -2.05 40.47 11.11
CA LYS C 351 -2.79 41.73 11.17
C LYS C 351 -2.61 42.42 12.51
N LEU C 352 -2.39 41.66 13.58
CA LEU C 352 -2.25 42.21 14.93
C LEU C 352 -1.02 43.10 15.10
N SER D 19 -13.68 -39.52 18.44
CA SER D 19 -15.04 -40.06 18.09
C SER D 19 -15.50 -39.59 16.70
N MET D 20 -15.18 -38.36 16.32
CA MET D 20 -15.26 -37.94 14.91
C MET D 20 -13.89 -37.47 14.47
N SER D 21 -13.53 -37.84 13.25
CA SER D 21 -12.16 -37.65 12.78
C SER D 21 -12.09 -37.18 11.34
N LYS D 22 -13.22 -36.99 10.66
CA LYS D 22 -13.24 -36.67 9.23
C LYS D 22 -14.00 -35.38 9.04
N VAL D 23 -13.34 -34.42 8.38
CA VAL D 23 -13.86 -33.08 8.22
C VAL D 23 -14.08 -32.79 6.75
N GLY D 24 -15.15 -32.09 6.44
CA GLY D 24 -15.35 -31.47 5.14
C GLY D 24 -15.33 -29.95 5.32
N ILE D 25 -14.74 -29.23 4.37
CA ILE D 25 -14.69 -27.77 4.39
C ILE D 25 -15.59 -27.27 3.28
N ASN D 26 -16.58 -26.44 3.65
CA ASN D 26 -17.36 -25.72 2.67
C ASN D 26 -16.85 -24.29 2.59
N GLY D 27 -16.31 -23.92 1.44
CA GLY D 27 -15.70 -22.61 1.25
C GLY D 27 -14.21 -22.68 1.47
N PHE D 28 -13.45 -22.91 0.41
CA PHE D 28 -11.99 -23.06 0.53
C PHE D 28 -11.33 -21.70 0.29
N GLY D 29 -11.74 -20.71 1.10
CA GLY D 29 -11.28 -19.33 1.03
C GLY D 29 -10.11 -19.04 1.95
N ARG D 30 -9.99 -17.77 2.38
CA ARG D 30 -8.92 -17.40 3.30
C ARG D 30 -8.93 -18.30 4.54
N ILE D 31 -10.10 -18.45 5.17
CA ILE D 31 -10.24 -19.26 6.38
C ILE D 31 -10.18 -20.74 6.04
N GLY D 32 -10.95 -21.18 5.04
CA GLY D 32 -10.98 -22.59 4.68
C GLY D 32 -9.60 -23.17 4.42
N ARG D 33 -8.78 -22.46 3.67
CA ARG D 33 -7.44 -22.95 3.37
C ARG D 33 -6.57 -22.95 4.60
N LEU D 34 -6.74 -21.97 5.49
CA LEU D 34 -5.93 -21.93 6.70
C LEU D 34 -6.38 -22.99 7.71
N VAL D 35 -7.64 -23.38 7.71
CA VAL D 35 -8.09 -24.50 8.53
C VAL D 35 -7.27 -25.74 8.20
N LEU D 36 -7.13 -26.04 6.90
CA LEU D 36 -6.35 -27.19 6.50
C LEU D 36 -4.88 -27.03 6.90
N ARG D 37 -4.31 -25.85 6.66
CA ARG D 37 -2.92 -25.61 7.02
C ARG D 37 -2.68 -25.86 8.51
N ARG D 38 -3.62 -25.42 9.34
CA ARG D 38 -3.43 -25.48 10.79
C ARG D 38 -3.63 -26.90 11.32
N LEU D 39 -4.63 -27.61 10.80
CA LEU D 39 -4.77 -29.02 11.15
C LEU D 39 -3.47 -29.77 10.87
N LEU D 40 -2.87 -29.56 9.70
CA LEU D 40 -1.63 -30.25 9.40
C LEU D 40 -0.50 -29.76 10.30
N GLU D 41 -0.50 -28.47 10.62
CA GLU D 41 0.58 -27.94 11.43
C GLU D 41 0.61 -28.58 12.81
N VAL D 42 -0.56 -28.81 13.40
CA VAL D 42 -0.62 -29.31 14.77
C VAL D 42 -0.71 -30.83 14.75
N LYS D 43 -0.53 -31.42 13.56
CA LYS D 43 -0.59 -32.88 13.40
C LYS D 43 -1.87 -33.43 13.99
N SER D 44 -2.99 -32.82 13.64
CA SER D 44 -4.26 -33.26 14.18
C SER D 44 -4.58 -34.68 13.72
N ASN D 45 -5.34 -35.38 14.56
CA ASN D 45 -5.99 -36.63 14.17
C ASN D 45 -7.24 -36.41 13.34
N ILE D 46 -7.77 -35.18 13.29
CA ILE D 46 -8.84 -34.87 12.34
C ILE D 46 -8.23 -34.75 10.96
N ASP D 47 -8.86 -35.37 9.97
CA ASP D 47 -8.41 -35.32 8.58
C ASP D 47 -9.46 -34.66 7.72
N VAL D 48 -9.04 -33.73 6.88
CA VAL D 48 -9.95 -33.16 5.90
C VAL D 48 -10.05 -34.14 4.74
N VAL D 49 -11.25 -34.63 4.48
CA VAL D 49 -11.45 -35.65 3.45
C VAL D 49 -12.17 -35.11 2.22
N ALA D 50 -12.85 -33.96 2.33
CA ALA D 50 -13.59 -33.36 1.23
C ALA D 50 -13.61 -31.84 1.37
N ILE D 51 -13.68 -31.16 0.24
CA ILE D 51 -13.79 -29.71 0.13
C ILE D 51 -14.86 -29.39 -0.89
N ASN D 52 -15.73 -28.43 -0.58
CA ASN D 52 -16.66 -27.87 -1.56
C ASN D 52 -16.40 -26.38 -1.78
N ASP D 53 -16.31 -25.96 -3.04
CA ASP D 53 -16.14 -24.54 -3.36
C ASP D 53 -16.84 -24.25 -4.68
N LEU D 54 -16.34 -23.27 -5.43
CA LEU D 54 -16.97 -22.85 -6.69
C LEU D 54 -16.01 -22.92 -7.87
N THR D 55 -14.93 -23.68 -7.77
CA THR D 55 -13.87 -23.56 -8.75
C THR D 55 -13.20 -24.93 -8.92
N SER D 56 -12.21 -24.98 -9.79
CA SER D 56 -11.59 -26.25 -10.15
C SER D 56 -10.53 -26.65 -9.12
N PRO D 57 -10.22 -27.94 -9.04
CA PRO D 57 -9.09 -28.35 -8.20
C PRO D 57 -7.79 -27.69 -8.61
N LYS D 58 -7.56 -27.45 -9.90
CA LYS D 58 -6.32 -26.81 -10.32
C LYS D 58 -6.16 -25.44 -9.66
N ILE D 59 -7.25 -24.68 -9.58
CA ILE D 59 -7.20 -23.33 -9.04
C ILE D 59 -7.10 -23.38 -7.52
N LEU D 60 -7.81 -24.31 -6.86
CA LEU D 60 -7.69 -24.47 -5.42
C LEU D 60 -6.29 -24.91 -5.04
N ALA D 61 -5.69 -25.78 -5.85
CA ALA D 61 -4.31 -26.19 -5.59
C ALA D 61 -3.38 -25.00 -5.69
N TYR D 62 -3.54 -24.19 -6.72
CA TYR D 62 -2.74 -22.98 -6.87
C TYR D 62 -2.84 -22.09 -5.62
N LEU D 63 -4.07 -21.83 -5.18
CA LEU D 63 -4.29 -20.93 -4.06
C LEU D 63 -3.80 -21.54 -2.74
N LEU D 64 -3.89 -22.85 -2.60
CA LEU D 64 -3.42 -23.47 -1.37
C LEU D 64 -1.91 -23.44 -1.31
N LYS D 65 -1.27 -23.62 -2.46
CA LYS D 65 0.18 -23.71 -2.52
C LYS D 65 0.85 -22.35 -2.29
N HIS D 66 0.22 -21.28 -2.77
CA HIS D 66 0.82 -19.95 -2.80
C HIS D 66 -0.09 -18.99 -2.05
N ASP D 67 0.42 -18.43 -0.96
CA ASP D 67 -0.38 -17.60 -0.08
C ASP D 67 0.31 -16.25 0.13
N SER D 68 -0.40 -15.18 -0.22
CA SER D 68 0.20 -13.85 -0.12
C SER D 68 0.51 -13.47 1.33
N ASN D 69 -0.23 -14.00 2.30
CA ASN D 69 -0.04 -13.62 3.69
C ASN D 69 0.87 -14.56 4.47
N TYR D 70 0.85 -15.85 4.20
CA TYR D 70 1.62 -16.80 5.01
C TYR D 70 2.67 -17.58 4.21
N GLY D 71 2.83 -17.29 2.93
CA GLY D 71 3.92 -17.85 2.18
C GLY D 71 3.62 -19.28 1.76
N PRO D 72 4.64 -19.98 1.25
CA PRO D 72 4.42 -21.29 0.63
C PRO D 72 3.82 -22.31 1.59
N PHE D 73 2.90 -23.13 1.06
CA PHE D 73 2.29 -24.17 1.88
C PHE D 73 3.38 -25.14 2.31
N PRO D 74 3.44 -25.54 3.58
CA PRO D 74 4.54 -26.40 4.05
C PRO D 74 4.44 -27.87 3.62
N TRP D 75 3.38 -28.29 2.93
CA TRP D 75 3.25 -29.67 2.49
C TRP D 75 3.07 -29.74 0.98
N SER D 76 3.29 -30.93 0.43
CA SER D 76 3.12 -31.11 -1.01
C SER D 76 1.65 -30.97 -1.39
N VAL D 77 1.42 -30.41 -2.57
CA VAL D 77 0.06 -30.20 -3.10
C VAL D 77 0.05 -30.58 -4.56
N ASP D 78 -0.93 -31.37 -4.96
CA ASP D 78 -1.16 -31.68 -6.35
C ASP D 78 -2.68 -31.79 -6.52
N PHE D 79 -3.14 -32.06 -7.74
CA PHE D 79 -4.58 -32.16 -7.97
C PHE D 79 -4.84 -33.15 -9.11
N THR D 80 -6.08 -33.60 -9.17
CA THR D 80 -6.65 -34.31 -10.32
C THR D 80 -7.92 -33.56 -10.71
N GLU D 81 -8.66 -34.13 -11.67
CA GLU D 81 -9.91 -33.51 -12.11
C GLU D 81 -10.92 -33.34 -10.97
N ASP D 82 -10.88 -34.20 -9.93
CA ASP D 82 -11.89 -34.12 -8.88
C ASP D 82 -11.30 -34.20 -7.46
N SER D 83 -10.02 -33.92 -7.28
CA SER D 83 -9.42 -34.03 -5.96
C SER D 83 -8.22 -33.10 -5.83
N LEU D 84 -7.87 -32.81 -4.59
CA LEU D 84 -6.54 -32.34 -4.19
C LEU D 84 -5.80 -33.51 -3.57
N ILE D 85 -4.47 -33.51 -3.73
CA ILE D 85 -3.59 -34.45 -3.06
C ILE D 85 -2.68 -33.62 -2.17
N VAL D 86 -2.88 -33.69 -0.86
CA VAL D 86 -2.17 -32.85 0.11
C VAL D 86 -1.34 -33.75 1.00
N ASP D 87 -0.02 -33.56 0.98
CA ASP D 87 0.88 -34.40 1.76
C ASP D 87 0.63 -35.87 1.44
N GLY D 88 0.44 -36.16 0.16
CA GLY D 88 0.18 -37.50 -0.32
C GLY D 88 -1.20 -38.05 -0.04
N LYS D 89 -2.12 -37.25 0.48
CA LYS D 89 -3.45 -37.73 0.84
C LYS D 89 -4.50 -37.11 -0.06
N SER D 90 -5.46 -37.91 -0.47
CA SER D 90 -6.46 -37.47 -1.42
C SER D 90 -7.63 -36.81 -0.71
N ILE D 91 -8.04 -35.64 -1.20
CA ILE D 91 -9.18 -34.89 -0.68
C ILE D 91 -10.13 -34.65 -1.84
N ALA D 92 -11.36 -35.13 -1.70
CA ALA D 92 -12.35 -34.92 -2.75
C ALA D 92 -12.72 -33.44 -2.84
N VAL D 93 -12.99 -32.99 -4.06
CA VAL D 93 -13.35 -31.60 -4.32
C VAL D 93 -14.67 -31.58 -5.07
N TYR D 94 -15.66 -30.90 -4.50
CA TYR D 94 -16.93 -30.69 -5.16
C TYR D 94 -17.11 -29.20 -5.45
N ALA D 95 -18.04 -28.90 -6.35
CA ALA D 95 -18.33 -27.51 -6.70
C ALA D 95 -19.84 -27.27 -6.69
N GLU D 96 -20.49 -27.70 -5.61
CA GLU D 96 -21.94 -27.56 -5.46
C GLU D 96 -22.27 -26.22 -4.81
N LYS D 97 -22.98 -25.36 -5.54
CA LYS D 97 -23.33 -24.06 -5.00
C LYS D 97 -24.37 -24.14 -3.88
N GLU D 98 -25.10 -25.25 -3.79
CA GLU D 98 -26.11 -25.44 -2.75
C GLU D 98 -25.72 -26.61 -1.87
N ALA D 99 -25.55 -26.36 -0.56
CA ALA D 99 -24.92 -27.33 0.32
C ALA D 99 -25.66 -28.66 0.34
N LYS D 100 -26.98 -28.63 0.19
CA LYS D 100 -27.76 -29.88 0.21
C LYS D 100 -27.26 -30.88 -0.84
N ASN D 101 -26.66 -30.39 -1.92
CA ASN D 101 -26.14 -31.25 -2.99
C ASN D 101 -24.74 -31.77 -2.72
N ILE D 102 -24.07 -31.34 -1.66
CA ILE D 102 -22.70 -31.83 -1.47
C ILE D 102 -22.74 -33.29 -1.07
N PRO D 103 -22.06 -34.15 -1.71
CA PRO D 103 -22.12 -35.57 -1.30
C PRO D 103 -21.15 -35.89 -0.19
N TRP D 104 -21.48 -35.41 1.02
CA TRP D 104 -20.56 -35.55 2.13
C TRP D 104 -20.35 -37.02 2.47
N LYS D 105 -21.33 -37.87 2.19
CA LYS D 105 -21.26 -39.27 2.58
C LYS D 105 -20.18 -40.03 1.82
N ALA D 106 -19.91 -39.66 0.56
CA ALA D 106 -18.99 -40.43 -0.27
C ALA D 106 -17.63 -40.66 0.40
N LYS D 107 -17.01 -39.59 0.92
CA LYS D 107 -15.73 -39.71 1.61
C LYS D 107 -15.87 -39.73 3.13
N GLY D 108 -17.11 -39.66 3.63
CA GLY D 108 -17.36 -39.83 5.06
C GLY D 108 -17.15 -38.60 5.91
N ALA D 109 -17.35 -37.40 5.35
CA ALA D 109 -17.16 -36.18 6.11
C ALA D 109 -18.20 -36.09 7.23
N GLU D 110 -17.74 -36.02 8.48
CA GLU D 110 -18.63 -35.99 9.62
C GLU D 110 -18.92 -34.59 10.14
N ILE D 111 -17.91 -33.72 10.21
CA ILE D 111 -18.07 -32.36 10.69
C ILE D 111 -17.71 -31.40 9.56
N ILE D 112 -18.60 -30.47 9.25
CA ILE D 112 -18.41 -29.50 8.19
C ILE D 112 -17.94 -28.20 8.82
N VAL D 113 -16.77 -27.72 8.39
CA VAL D 113 -16.30 -26.38 8.74
C VAL D 113 -16.86 -25.46 7.66
N GLU D 114 -17.86 -24.67 8.04
CA GLU D 114 -18.65 -23.87 7.11
C GLU D 114 -18.07 -22.45 7.02
N CYS D 115 -17.39 -22.16 5.89
CA CYS D 115 -16.59 -20.95 5.71
C CYS D 115 -16.98 -20.13 4.49
N THR D 116 -18.18 -20.34 3.92
CA THR D 116 -18.56 -19.59 2.73
C THR D 116 -19.16 -18.21 3.04
N GLY D 117 -19.63 -17.99 4.26
CA GLY D 117 -20.41 -16.80 4.54
C GLY D 117 -21.88 -16.91 4.19
N PHE D 118 -22.30 -17.99 3.52
CA PHE D 118 -23.66 -18.08 3.01
C PHE D 118 -24.56 -19.02 3.79
N TYR D 119 -24.10 -19.61 4.89
CA TYR D 119 -24.96 -20.53 5.64
C TYR D 119 -24.90 -20.21 7.14
N THR D 120 -24.92 -18.91 7.46
CA THR D 120 -24.71 -18.41 8.83
C THR D 120 -26.03 -18.36 9.61
N SER D 121 -26.65 -19.54 9.74
CA SER D 121 -27.83 -19.75 10.56
C SER D 121 -27.98 -21.24 10.76
N ALA D 122 -28.63 -21.63 11.87
CA ALA D 122 -28.94 -23.04 12.09
C ALA D 122 -29.81 -23.58 10.96
N GLU D 123 -30.75 -22.77 10.47
CA GLU D 123 -31.63 -23.17 9.37
C GLU D 123 -30.84 -23.47 8.11
N LYS D 124 -29.93 -22.57 7.74
CA LYS D 124 -29.16 -22.75 6.51
C LYS D 124 -28.19 -23.92 6.62
N SER D 125 -27.46 -24.02 7.73
CA SER D 125 -26.46 -25.07 7.83
C SER D 125 -27.06 -26.45 8.10
N GLN D 126 -28.35 -26.52 8.42
CA GLN D 126 -29.05 -27.80 8.42
C GLN D 126 -28.81 -28.57 7.14
N ALA D 127 -28.62 -27.86 6.02
CA ALA D 127 -28.42 -28.52 4.73
C ALA D 127 -27.26 -29.51 4.80
N HIS D 128 -26.20 -29.18 5.56
CA HIS D 128 -25.06 -30.09 5.63
C HIS D 128 -25.45 -31.40 6.31
N LEU D 129 -26.28 -31.32 7.35
CA LEU D 129 -26.77 -32.53 7.99
C LEU D 129 -27.68 -33.30 7.03
N ASP D 130 -28.62 -32.59 6.40
CA ASP D 130 -29.44 -33.19 5.34
C ASP D 130 -28.60 -33.95 4.32
N ALA D 131 -27.41 -33.43 3.99
CA ALA D 131 -26.53 -34.06 3.02
C ALA D 131 -25.60 -35.09 3.64
N GLY D 132 -25.79 -35.41 4.92
CA GLY D 132 -25.15 -36.59 5.52
C GLY D 132 -24.01 -36.32 6.48
N ALA D 133 -23.68 -35.07 6.78
CA ALA D 133 -22.72 -34.80 7.84
C ALA D 133 -23.40 -34.90 9.20
N LYS D 134 -22.60 -35.05 10.24
CA LYS D 134 -23.12 -35.11 11.61
C LYS D 134 -23.16 -33.77 12.32
N LYS D 135 -22.15 -32.92 12.12
CA LYS D 135 -22.10 -31.62 12.82
C LYS D 135 -21.59 -30.55 11.86
N VAL D 136 -21.88 -29.29 12.22
CA VAL D 136 -21.40 -28.12 11.49
C VAL D 136 -20.78 -27.13 12.46
N LEU D 137 -19.56 -26.68 12.15
CA LEU D 137 -18.89 -25.57 12.85
C LEU D 137 -18.80 -24.41 11.87
N ILE D 138 -19.52 -23.32 12.15
CA ILE D 138 -19.60 -22.15 11.28
C ILE D 138 -18.50 -21.15 11.69
N SER D 139 -17.71 -20.69 10.71
CA SER D 139 -16.58 -19.79 10.93
C SER D 139 -16.95 -18.31 11.03
N ALA D 140 -18.14 -18.02 11.55
CA ALA D 140 -18.65 -16.66 11.55
C ALA D 140 -19.86 -16.61 12.50
N PRO D 141 -20.25 -15.41 12.95
CA PRO D 141 -21.51 -15.28 13.67
C PRO D 141 -22.62 -15.93 12.89
N ALA D 142 -23.54 -16.56 13.61
CA ALA D 142 -24.65 -17.27 12.97
C ALA D 142 -25.91 -17.13 13.82
N GLY D 143 -26.24 -15.90 14.18
CA GLY D 143 -27.45 -15.65 14.95
C GLY D 143 -27.33 -16.18 16.37
N GLU D 144 -28.48 -16.57 16.95
CA GLU D 144 -28.56 -16.95 18.36
C GLU D 144 -28.43 -18.46 18.47
N MET D 145 -27.21 -18.94 18.30
CA MET D 145 -26.86 -20.33 18.50
C MET D 145 -25.70 -20.35 19.47
N LYS D 146 -25.29 -21.53 19.92
CA LYS D 146 -24.10 -21.60 20.75
C LYS D 146 -22.93 -21.03 19.98
N THR D 147 -22.25 -20.07 20.58
CA THR D 147 -21.22 -19.27 19.92
C THR D 147 -20.01 -19.28 20.85
N ILE D 148 -18.91 -19.88 20.39
CA ILE D 148 -17.82 -20.28 21.26
C ILE D 148 -16.57 -19.46 20.96
N VAL D 149 -16.01 -18.84 21.99
CA VAL D 149 -14.63 -18.39 22.00
C VAL D 149 -13.84 -19.34 22.87
N TYR D 150 -12.97 -20.13 22.26
CA TYR D 150 -12.26 -21.15 23.02
C TYR D 150 -11.47 -20.49 24.14
N ASN D 151 -11.54 -21.10 25.31
CA ASN D 151 -10.96 -20.60 26.55
C ASN D 151 -11.66 -19.36 27.09
N VAL D 152 -12.85 -19.05 26.59
CA VAL D 152 -13.80 -18.19 27.27
C VAL D 152 -15.04 -18.98 27.70
N ASN D 153 -15.68 -19.68 26.76
CA ASN D 153 -16.94 -20.34 27.06
C ASN D 153 -17.07 -21.69 26.36
N ASP D 154 -15.95 -22.33 26.01
CA ASP D 154 -16.08 -23.62 25.34
C ASP D 154 -16.64 -24.70 26.25
N ASP D 155 -16.73 -24.45 27.57
CA ASP D 155 -17.34 -25.40 28.49
C ASP D 155 -18.84 -25.54 28.26
N THR D 156 -19.46 -24.55 27.62
CA THR D 156 -20.88 -24.64 27.30
C THR D 156 -21.18 -25.64 26.18
N LEU D 157 -20.17 -26.23 25.53
CA LEU D 157 -20.42 -27.25 24.52
C LEU D 157 -20.75 -28.58 25.20
N ASP D 158 -21.75 -29.30 24.65
CA ASP D 158 -22.01 -30.68 25.09
C ASP D 158 -22.22 -31.59 23.89
N GLY D 159 -22.42 -32.89 24.17
CA GLY D 159 -22.53 -33.91 23.14
C GLY D 159 -23.78 -33.82 22.28
N ASN D 160 -24.77 -33.03 22.65
CA ASN D 160 -25.99 -32.89 21.87
C ASN D 160 -25.93 -31.77 20.85
N ASP D 161 -24.91 -30.91 20.90
CA ASP D 161 -24.79 -29.83 19.93
C ASP D 161 -24.46 -30.38 18.55
N THR D 162 -25.19 -29.90 17.53
CA THR D 162 -24.88 -30.28 16.16
C THR D 162 -24.39 -29.14 15.28
N ILE D 163 -24.82 -27.91 15.56
CA ILE D 163 -24.45 -26.73 14.78
C ILE D 163 -24.04 -25.64 15.76
N VAL D 164 -22.82 -25.13 15.62
CA VAL D 164 -22.32 -24.06 16.49
C VAL D 164 -21.49 -23.08 15.67
N SER D 165 -21.27 -21.90 16.27
CA SER D 165 -20.50 -20.81 15.68
C SER D 165 -19.25 -20.55 16.51
N VAL D 166 -18.18 -20.06 15.88
CA VAL D 166 -17.03 -19.54 16.63
C VAL D 166 -16.94 -18.02 16.52
N ALA D 167 -18.05 -17.36 16.23
CA ALA D 167 -18.16 -15.91 16.09
C ALA D 167 -17.15 -15.42 15.05
N SER D 168 -16.74 -14.16 15.17
CA SER D 168 -15.81 -13.52 14.26
C SER D 168 -14.42 -13.46 14.85
N CYS D 169 -13.46 -13.07 14.00
CA CYS D 169 -12.13 -12.79 14.50
C CYS D 169 -12.19 -11.73 15.59
N THR D 170 -13.03 -10.71 15.40
CA THR D 170 -13.09 -9.60 16.34
C THR D 170 -13.66 -10.07 17.69
N THR D 171 -14.69 -10.91 17.67
CA THR D 171 -15.19 -11.48 18.92
C THR D 171 -14.10 -12.24 19.65
N ASN D 172 -13.34 -13.07 18.93
CA ASN D 172 -12.27 -13.81 19.57
C ASN D 172 -11.18 -12.90 20.09
N CYS D 173 -11.10 -11.67 19.59
CA CYS D 173 -10.15 -10.71 20.15
C CYS D 173 -10.73 -10.00 21.35
N LEU D 174 -11.99 -9.60 21.26
CA LEU D 174 -12.60 -8.82 22.31
C LEU D 174 -12.95 -9.67 23.52
N ALA D 175 -13.42 -10.90 23.29
CA ALA D 175 -14.02 -11.65 24.41
C ALA D 175 -13.00 -11.97 25.49
N PRO D 176 -11.80 -12.48 25.19
CA PRO D 176 -10.90 -12.85 26.29
C PRO D 176 -10.48 -11.65 27.12
N MET D 177 -10.25 -10.50 26.47
CA MET D 177 -9.93 -9.28 27.21
C MET D 177 -11.10 -8.84 28.08
N ALA D 178 -12.32 -8.87 27.52
CA ALA D 178 -13.49 -8.41 28.26
C ALA D 178 -13.78 -9.33 29.43
N LYS D 179 -13.60 -10.63 29.22
CA LYS D 179 -13.79 -11.61 30.30
C LYS D 179 -12.83 -11.36 31.45
N ALA D 180 -11.55 -11.16 31.14
CA ALA D 180 -10.59 -10.94 32.22
C ALA D 180 -10.93 -9.68 33.00
N LEU D 181 -11.22 -8.58 32.29
CA LEU D 181 -11.57 -7.33 32.98
C LEU D 181 -12.84 -7.51 33.79
N HIS D 182 -13.83 -8.21 33.24
CA HIS D 182 -15.10 -8.34 33.93
C HIS D 182 -14.94 -9.17 35.18
N ASP D 183 -14.21 -10.27 35.08
CA ASP D 183 -13.97 -11.13 36.24
C ASP D 183 -13.24 -10.38 37.33
N SER D 184 -12.23 -9.57 36.96
CA SER D 184 -11.41 -8.88 37.95
C SER D 184 -12.10 -7.65 38.50
N PHE D 185 -12.74 -6.87 37.65
CA PHE D 185 -13.17 -5.53 38.03
C PHE D 185 -14.61 -5.26 37.78
N GLY D 186 -15.28 -6.05 36.93
CA GLY D 186 -16.60 -5.75 36.45
C GLY D 186 -16.56 -4.72 35.35
N ILE D 187 -17.20 -5.02 34.22
CA ILE D 187 -17.44 -4.01 33.17
C ILE D 187 -18.88 -3.55 33.29
N GLU D 188 -19.06 -2.24 33.52
CA GLU D 188 -20.38 -1.65 33.62
C GLU D 188 -20.92 -1.30 32.24
N VAL D 189 -20.04 -0.82 31.35
CA VAL D 189 -20.39 -0.40 29.99
C VAL D 189 -19.07 -0.15 29.24
N GLY D 190 -19.10 -0.30 27.92
CA GLY D 190 -17.88 -0.13 27.16
C GLY D 190 -18.18 -0.04 25.67
N THR D 191 -17.24 0.55 24.94
CA THR D 191 -17.31 0.59 23.49
C THR D 191 -15.93 0.29 22.90
N MET D 192 -15.92 -0.46 21.80
CA MET D 192 -14.69 -0.88 21.17
C MET D 192 -14.54 -0.27 19.78
N THR D 193 -13.29 -0.13 19.38
CA THR D 193 -12.96 0.16 18.00
C THR D 193 -11.83 -0.77 17.61
N THR D 194 -12.03 -1.56 16.56
CA THR D 194 -10.95 -2.37 16.07
C THR D 194 -10.37 -1.70 14.82
N ILE D 195 -9.07 -1.50 14.83
CA ILE D 195 -8.34 -1.00 13.67
C ILE D 195 -7.82 -2.24 12.97
N ALA D 196 -8.37 -2.53 11.81
CA ALA D 196 -8.41 -3.89 11.29
C ALA D 196 -7.98 -3.97 9.83
N ALA D 197 -7.27 -5.04 9.52
CA ALA D 197 -6.88 -5.39 8.16
C ALA D 197 -8.10 -5.50 7.27
N TYR D 198 -7.95 -5.11 5.99
CA TYR D 198 -9.09 -5.24 5.10
C TYR D 198 -9.31 -6.71 4.75
N THR D 199 -10.55 -7.03 4.39
CA THR D 199 -10.92 -8.41 4.05
C THR D 199 -11.69 -8.43 2.73
N GLY D 200 -12.01 -9.65 2.28
CA GLY D 200 -12.67 -9.91 1.02
C GLY D 200 -14.07 -9.35 0.88
N THR D 201 -14.72 -8.95 1.97
CA THR D 201 -16.03 -8.32 1.85
C THR D 201 -15.94 -6.93 1.23
N GLN D 202 -14.75 -6.35 1.20
CA GLN D 202 -14.52 -5.00 0.74
C GLN D 202 -14.24 -5.02 -0.76
N SER D 203 -13.77 -3.89 -1.29
CA SER D 203 -13.60 -3.66 -2.72
C SER D 203 -12.13 -3.34 -3.02
N LEU D 204 -11.66 -3.79 -4.18
CA LEU D 204 -10.32 -3.42 -4.65
C LEU D 204 -10.29 -2.03 -5.25
N VAL D 205 -11.21 -1.73 -6.16
CA VAL D 205 -11.41 -0.39 -6.72
C VAL D 205 -12.80 0.07 -6.30
N ASP D 206 -13.00 1.40 -6.32
CA ASP D 206 -14.30 1.99 -6.02
C ASP D 206 -15.36 1.42 -6.96
N GLY D 207 -16.37 0.77 -6.41
CA GLY D 207 -17.41 0.17 -7.21
C GLY D 207 -18.45 -0.51 -6.35
N PRO D 208 -19.63 -0.81 -6.90
CA PRO D 208 -20.71 -1.36 -6.06
C PRO D 208 -20.30 -2.63 -5.33
N ARG D 209 -20.72 -2.72 -4.07
CA ARG D 209 -20.46 -3.87 -3.22
C ARG D 209 -21.78 -4.08 -2.45
N GLY D 210 -22.73 -4.69 -3.13
CA GLY D 210 -24.08 -4.77 -2.60
C GLY D 210 -24.63 -3.40 -2.30
N LYS D 211 -25.26 -3.26 -1.14
CA LYS D 211 -25.91 -2.02 -0.74
C LYS D 211 -25.07 -1.21 0.24
N ASP D 212 -23.87 -1.68 0.56
CA ASP D 212 -23.06 -1.15 1.66
C ASP D 212 -22.12 -0.10 1.06
N LEU D 213 -22.38 1.18 1.35
CA LEU D 213 -21.66 2.26 0.69
C LEU D 213 -20.17 2.18 0.98
N ARG D 214 -19.78 2.12 2.26
CA ARG D 214 -18.36 2.14 2.59
C ARG D 214 -17.64 0.89 2.11
N ALA D 215 -18.33 -0.26 2.04
CA ALA D 215 -17.72 -1.44 1.47
C ALA D 215 -17.41 -1.29 -0.01
N SER D 216 -17.96 -0.26 -0.65
CA SER D 216 -17.74 -0.04 -2.07
C SER D 216 -16.42 0.67 -2.37
N ARG D 217 -15.61 1.03 -1.38
CA ARG D 217 -14.48 1.90 -1.60
C ARG D 217 -13.17 1.11 -1.53
N ALA D 218 -12.20 1.57 -2.31
CA ALA D 218 -10.91 0.91 -2.47
C ALA D 218 -10.24 0.67 -1.11
N ALA D 219 -10.13 -0.60 -0.73
CA ALA D 219 -9.79 -0.96 0.64
C ALA D 219 -8.34 -0.70 0.97
N ALA D 220 -7.45 -0.81 -0.02
CA ALA D 220 -6.04 -0.62 0.25
C ALA D 220 -5.59 0.81 0.08
N GLU D 221 -6.53 1.74 -0.13
CA GLU D 221 -6.21 3.15 -0.30
C GLU D 221 -6.97 4.02 0.69
N ASN D 222 -7.59 3.45 1.71
CA ASN D 222 -8.51 4.19 2.55
C ASN D 222 -8.56 3.64 3.97
N ILE D 223 -8.79 4.55 4.91
CA ILE D 223 -9.34 4.20 6.21
C ILE D 223 -10.86 4.20 6.03
N ILE D 224 -11.50 3.07 6.32
CA ILE D 224 -12.91 2.86 6.03
C ILE D 224 -13.69 2.42 7.26
N PRO D 225 -14.56 3.26 7.84
CA PRO D 225 -15.41 2.79 8.94
C PRO D 225 -16.29 1.63 8.48
N HIS D 226 -16.56 0.73 9.41
CA HIS D 226 -17.18 -0.56 9.11
C HIS D 226 -17.94 -1.02 10.36
N THR D 227 -19.17 -1.49 10.20
CA THR D 227 -19.86 -2.04 11.37
C THR D 227 -19.32 -3.41 11.72
N THR D 228 -19.47 -3.76 13.00
CA THR D 228 -19.19 -5.11 13.46
C THR D 228 -20.17 -5.48 14.55
N GLY D 229 -20.56 -6.75 14.60
CA GLY D 229 -21.40 -7.23 15.67
C GLY D 229 -20.64 -7.78 16.86
N ALA D 230 -19.31 -7.69 16.86
CA ALA D 230 -18.51 -8.32 17.91
C ALA D 230 -18.98 -7.88 19.29
N ALA D 231 -19.20 -6.58 19.48
CA ALA D 231 -19.54 -6.09 20.81
C ALA D 231 -21.02 -6.23 21.09
N LYS D 232 -21.86 -5.93 20.11
CA LYS D 232 -23.31 -6.00 20.28
C LYS D 232 -23.78 -7.39 20.71
N ALA D 233 -23.13 -8.45 20.21
CA ALA D 233 -23.55 -9.81 20.46
C ALA D 233 -22.66 -10.53 21.45
N ILE D 234 -21.84 -9.78 22.22
CA ILE D 234 -20.92 -10.40 23.16
C ILE D 234 -21.68 -11.29 24.15
N GLY D 235 -22.95 -10.97 24.40
CA GLY D 235 -23.72 -11.70 25.38
C GLY D 235 -23.80 -13.19 25.10
N LEU D 236 -23.70 -13.59 23.83
CA LEU D 236 -23.67 -15.01 23.51
C LEU D 236 -22.43 -15.70 24.07
N VAL D 237 -21.37 -14.94 24.33
CA VAL D 237 -20.11 -15.50 24.83
C VAL D 237 -19.90 -15.18 26.30
N ILE D 238 -20.33 -14.01 26.74
CA ILE D 238 -20.18 -13.56 28.13
C ILE D 238 -21.56 -13.05 28.52
N PRO D 239 -22.44 -13.92 28.99
CA PRO D 239 -23.84 -13.50 29.15
C PRO D 239 -24.01 -12.31 30.07
N GLU D 240 -23.16 -12.14 31.09
CA GLU D 240 -23.28 -10.99 31.99
C GLU D 240 -23.02 -9.66 31.29
N LEU D 241 -22.32 -9.65 30.15
CA LEU D 241 -22.09 -8.42 29.42
C LEU D 241 -23.11 -8.20 28.31
N SER D 242 -24.17 -9.01 28.28
CA SER D 242 -25.21 -8.84 27.28
C SER D 242 -25.73 -7.41 27.31
N GLY D 243 -25.79 -6.77 26.14
CA GLY D 243 -26.24 -5.40 26.01
C GLY D 243 -25.34 -4.34 26.62
N LYS D 244 -24.17 -4.68 27.13
CA LYS D 244 -23.34 -3.68 27.81
C LYS D 244 -22.25 -3.08 26.92
N LEU D 245 -22.03 -3.61 25.70
CA LEU D 245 -20.95 -3.13 24.84
C LEU D 245 -21.50 -2.75 23.47
N LYS D 246 -20.86 -1.75 22.86
CA LYS D 246 -21.04 -1.43 21.44
C LYS D 246 -19.66 -1.31 20.79
N GLY D 247 -19.65 -1.12 19.48
CA GLY D 247 -18.38 -0.85 18.83
C GLY D 247 -18.51 -0.86 17.33
N HIS D 248 -17.37 -0.59 16.68
N HIS D 248 -17.37 -0.66 16.68
CA HIS D 248 -17.29 -0.59 15.23
CA HIS D 248 -17.30 -0.67 15.23
C HIS D 248 -15.82 -0.71 14.85
C HIS D 248 -15.86 -0.99 14.86
N ALA D 249 -15.58 -0.91 13.56
CA ALA D 249 -14.25 -1.13 13.00
C ALA D 249 -13.82 0.07 12.16
N GLN D 250 -12.51 0.25 12.04
CA GLN D 250 -11.90 1.08 11.03
C GLN D 250 -10.99 0.17 10.22
N ARG D 251 -11.37 -0.11 8.99
CA ARG D 251 -10.63 -0.99 8.11
C ARG D 251 -9.52 -0.19 7.44
N VAL D 252 -8.29 -0.69 7.49
CA VAL D 252 -7.14 0.07 7.00
C VAL D 252 -6.25 -0.79 6.10
N PRO D 253 -5.27 -0.17 5.32
CA PRO D 253 -4.51 -0.98 4.32
C PRO D 253 -3.34 -1.80 4.86
N VAL D 254 -3.65 -2.83 5.67
CA VAL D 254 -2.74 -3.93 5.95
C VAL D 254 -3.46 -5.22 5.58
N LYS D 255 -2.68 -6.22 5.18
CA LYS D 255 -3.22 -7.42 4.55
C LYS D 255 -3.79 -8.42 5.56
N THR D 256 -3.20 -8.48 6.75
CA THR D 256 -3.76 -9.18 7.89
C THR D 256 -3.04 -8.68 9.14
N GLY D 257 -3.65 -8.91 10.30
CA GLY D 257 -3.14 -8.36 11.54
C GLY D 257 -3.92 -7.14 11.93
N SER D 258 -4.58 -7.18 13.09
CA SER D 258 -5.54 -6.18 13.49
C SER D 258 -5.38 -5.91 14.98
N VAL D 259 -6.13 -4.94 15.49
CA VAL D 259 -5.99 -4.53 16.89
C VAL D 259 -7.35 -4.02 17.35
N THR D 260 -7.71 -4.35 18.59
CA THR D 260 -8.98 -3.96 19.17
C THR D 260 -8.77 -3.11 20.41
N GLU D 261 -9.36 -1.92 20.42
CA GLU D 261 -9.34 -1.06 21.59
C GLU D 261 -10.69 -1.14 22.26
N LEU D 262 -10.68 -1.25 23.59
CA LEU D 262 -11.89 -1.29 24.38
C LEU D 262 -11.81 -0.18 25.42
N VAL D 263 -12.81 0.71 25.43
CA VAL D 263 -12.92 1.76 26.44
C VAL D 263 -14.08 1.40 27.35
N SER D 264 -13.77 1.19 28.63
CA SER D 264 -14.68 0.63 29.62
C SER D 264 -14.85 1.57 30.81
N ILE D 265 -16.07 1.55 31.37
CA ILE D 265 -16.31 1.96 32.75
C ILE D 265 -16.33 0.68 33.58
N LEU D 266 -15.39 0.58 34.52
CA LEU D 266 -15.23 -0.61 35.35
C LEU D 266 -15.92 -0.40 36.70
N GLY D 267 -16.03 -1.51 37.43
CA GLY D 267 -16.72 -1.50 38.71
C GLY D 267 -15.90 -0.99 39.90
N LYS D 268 -14.60 -0.77 39.72
CA LYS D 268 -13.77 -0.16 40.76
C LYS D 268 -12.68 0.68 40.12
N LYS D 269 -12.14 1.59 40.91
CA LYS D 269 -11.00 2.39 40.50
C LYS D 269 -9.79 1.48 40.37
N VAL D 270 -9.01 1.67 39.30
CA VAL D 270 -7.87 0.80 39.02
C VAL D 270 -6.67 1.65 38.65
N THR D 271 -5.50 1.03 38.70
CA THR D 271 -4.32 1.59 38.06
C THR D 271 -3.96 0.75 36.83
N ALA D 272 -3.10 1.33 35.99
CA ALA D 272 -2.64 0.61 34.80
C ALA D 272 -1.93 -0.68 35.21
N GLU D 273 -1.09 -0.64 36.24
CA GLU D 273 -0.36 -1.82 36.68
C GLU D 273 -1.30 -2.90 37.17
N GLU D 274 -2.35 -2.49 37.87
CA GLU D 274 -3.39 -3.40 38.34
C GLU D 274 -4.10 -4.07 37.18
N VAL D 275 -4.51 -3.28 36.19
CA VAL D 275 -5.13 -3.87 34.99
C VAL D 275 -4.18 -4.84 34.32
N ASN D 276 -2.93 -4.40 34.06
CA ASN D 276 -2.00 -5.25 33.32
C ASN D 276 -1.67 -6.53 34.09
N ASN D 277 -1.57 -6.45 35.42
CA ASN D 277 -1.27 -7.67 36.17
C ASN D 277 -2.44 -8.64 36.14
N ALA D 278 -3.68 -8.13 36.18
CA ALA D 278 -4.83 -9.02 36.04
C ALA D 278 -4.81 -9.71 34.68
N LEU D 279 -4.52 -8.96 33.62
CA LEU D 279 -4.48 -9.58 32.30
C LEU D 279 -3.36 -10.60 32.23
N LYS D 280 -2.20 -10.27 32.82
CA LYS D 280 -1.09 -11.22 32.81
C LYS D 280 -1.50 -12.52 33.45
N GLN D 281 -2.24 -12.45 34.57
CA GLN D 281 -2.70 -13.67 35.22
C GLN D 281 -3.68 -14.45 34.33
N ALA D 282 -4.62 -13.76 33.67
CA ALA D 282 -5.57 -14.44 32.80
C ALA D 282 -4.91 -15.07 31.58
N THR D 283 -3.75 -14.58 31.16
CA THR D 283 -3.06 -15.12 29.99
C THR D 283 -2.06 -16.21 30.35
N THR D 284 -1.80 -16.42 31.63
CA THR D 284 -0.81 -17.40 32.04
C THR D 284 -1.30 -18.82 31.77
N ASN D 285 -0.45 -19.61 31.09
CA ASN D 285 -0.81 -20.96 30.65
C ASN D 285 -2.15 -20.95 29.93
N ASN D 286 -2.32 -19.98 29.05
CA ASN D 286 -3.57 -19.83 28.32
C ASN D 286 -3.20 -19.93 26.85
N GLU D 287 -3.52 -21.07 26.21
CA GLU D 287 -3.09 -21.28 24.85
C GLU D 287 -3.79 -20.37 23.87
N SER D 288 -4.94 -19.80 24.25
CA SER D 288 -5.76 -18.97 23.37
C SER D 288 -5.48 -17.48 23.52
N PHE D 289 -4.94 -17.04 24.66
CA PHE D 289 -4.91 -15.61 25.01
C PHE D 289 -3.50 -15.26 25.45
N GLY D 290 -2.82 -14.44 24.65
CA GLY D 290 -1.43 -14.10 24.90
C GLY D 290 -1.27 -12.70 25.51
N TYR D 291 -0.03 -12.42 25.89
CA TYR D 291 0.35 -11.19 26.57
C TYR D 291 1.64 -10.67 25.98
N THR D 292 1.72 -9.35 25.78
CA THR D 292 2.99 -8.73 25.45
C THR D 292 3.14 -7.42 26.20
N ASP D 293 4.37 -7.12 26.59
CA ASP D 293 4.71 -5.77 27.02
C ASP D 293 5.82 -5.23 26.15
N GLU D 294 5.93 -5.75 24.94
CA GLU D 294 6.89 -5.29 23.95
C GLU D 294 6.17 -4.36 22.97
N GLU D 295 6.95 -3.48 22.37
CA GLU D 295 6.42 -2.42 21.52
C GLU D 295 6.14 -2.90 20.10
N ILE D 296 5.22 -3.87 19.98
CA ILE D 296 4.98 -4.53 18.71
C ILE D 296 4.06 -3.69 17.84
N VAL D 297 4.04 -4.05 16.55
CA VAL D 297 3.19 -3.44 15.54
C VAL D 297 2.49 -4.59 14.82
N SER D 298 1.53 -4.27 13.95
CA SER D 298 0.63 -5.30 13.45
C SER D 298 1.36 -6.45 12.75
N SER D 299 2.43 -6.19 11.99
CA SER D 299 3.04 -7.29 11.27
C SER D 299 3.64 -8.33 12.22
N ASP D 300 3.96 -7.95 13.45
CA ASP D 300 4.43 -8.89 14.45
C ASP D 300 3.37 -9.88 14.88
N ILE D 301 2.08 -9.60 14.64
CA ILE D 301 1.02 -10.55 15.00
C ILE D 301 0.69 -11.52 13.88
N ILE D 302 1.21 -11.33 12.67
CA ILE D 302 0.90 -12.23 11.57
C ILE D 302 1.45 -13.61 11.88
N GLY D 303 0.58 -14.62 11.80
CA GLY D 303 0.98 -15.97 12.13
C GLY D 303 0.83 -16.32 13.61
N SER D 304 0.29 -15.42 14.41
CA SER D 304 0.09 -15.68 15.83
C SER D 304 -0.70 -16.97 16.01
N HIS D 305 -0.36 -17.70 17.06
CA HIS D 305 -1.09 -18.91 17.42
C HIS D 305 -2.06 -18.65 18.55
N PHE D 306 -2.33 -17.39 18.85
CA PHE D 306 -3.36 -16.97 19.80
C PHE D 306 -4.56 -16.40 19.07
N GLY D 307 -5.70 -16.46 19.70
CA GLY D 307 -6.82 -15.70 19.22
C GLY D 307 -6.78 -14.23 19.56
N SER D 308 -5.94 -13.85 20.51
CA SER D 308 -5.87 -12.49 21.04
C SER D 308 -4.57 -12.32 21.83
N VAL D 309 -3.96 -11.14 21.76
CA VAL D 309 -2.71 -10.86 22.47
C VAL D 309 -2.85 -9.49 23.13
N PHE D 310 -3.07 -9.50 24.45
CA PHE D 310 -3.20 -8.26 25.21
C PHE D 310 -1.89 -7.52 25.21
N ASP D 311 -1.95 -6.22 24.94
CA ASP D 311 -0.76 -5.37 24.86
C ASP D 311 -0.73 -4.39 26.04
N ALA D 312 0.11 -4.69 27.03
CA ALA D 312 0.11 -3.85 28.23
C ALA D 312 0.69 -2.47 27.96
N THR D 313 1.39 -2.26 26.84
CA THR D 313 2.00 -0.96 26.59
C THR D 313 0.96 0.08 26.24
N GLN D 314 -0.24 -0.35 25.87
CA GLN D 314 -1.26 0.57 25.42
C GLN D 314 -2.33 0.81 26.46
N THR D 315 -2.23 0.19 27.64
CA THR D 315 -3.21 0.44 28.68
C THR D 315 -3.22 1.90 29.09
N GLU D 316 -4.43 2.46 29.23
CA GLU D 316 -4.59 3.87 29.60
C GLU D 316 -5.76 4.04 30.57
N ILE D 317 -5.52 4.72 31.69
CA ILE D 317 -6.54 5.05 32.69
C ILE D 317 -6.72 6.55 32.71
N THR D 318 -7.93 7.03 32.43
CA THR D 318 -8.26 8.45 32.49
C THR D 318 -9.22 8.69 33.66
N ALA D 319 -8.79 9.43 34.67
CA ALA D 319 -9.58 9.55 35.89
C ALA D 319 -9.82 11.02 36.23
N VAL D 320 -11.08 11.37 36.47
CA VAL D 320 -11.49 12.67 36.94
C VAL D 320 -12.44 12.42 38.10
N GLY D 321 -11.90 12.43 39.30
CA GLY D 321 -12.76 12.22 40.45
C GLY D 321 -13.30 10.83 40.49
N ASP D 322 -14.62 10.73 40.65
CA ASP D 322 -15.26 9.44 40.70
C ASP D 322 -15.37 8.80 39.32
N LEU D 323 -15.14 9.56 38.26
CA LEU D 323 -15.26 9.00 36.91
C LEU D 323 -13.91 8.44 36.46
N GLN D 324 -13.99 7.41 35.63
CA GLN D 324 -12.79 6.70 35.18
C GLN D 324 -13.11 6.01 33.87
N LEU D 325 -12.21 6.16 32.88
CA LEU D 325 -12.29 5.44 31.62
C LEU D 325 -11.05 4.60 31.53
N VAL D 326 -11.22 3.33 31.18
CA VAL D 326 -10.12 2.42 31.05
C VAL D 326 -10.04 1.99 29.60
N LYS D 327 -8.90 2.21 28.97
CA LYS D 327 -8.64 1.72 27.61
C LYS D 327 -7.67 0.55 27.68
N THR D 328 -8.13 -0.61 27.19
CA THR D 328 -7.31 -1.78 27.00
C THR D 328 -7.29 -2.19 25.53
N VAL D 329 -6.15 -2.72 25.10
CA VAL D 329 -5.85 -2.97 23.69
C VAL D 329 -5.28 -4.37 23.54
N ALA D 330 -5.80 -5.12 22.57
CA ALA D 330 -5.34 -6.45 22.24
C ALA D 330 -5.18 -6.63 20.73
N TRP D 331 -4.06 -7.23 20.34
CA TRP D 331 -3.78 -7.55 18.94
C TRP D 331 -4.43 -8.88 18.55
N TYR D 332 -4.74 -9.03 17.24
CA TYR D 332 -5.14 -10.35 16.75
C TYR D 332 -4.79 -10.53 15.28
N ASP D 333 -4.29 -11.69 14.94
CA ASP D 333 -4.25 -12.05 13.53
C ASP D 333 -5.62 -12.57 13.15
N ASN D 334 -6.39 -11.67 12.53
CA ASN D 334 -7.78 -11.94 12.15
C ASN D 334 -7.92 -13.12 11.22
N GLU D 335 -6.86 -13.51 10.53
CA GLU D 335 -6.89 -14.76 9.76
C GLU D 335 -6.35 -15.91 10.60
N TYR D 336 -5.03 -16.05 10.69
CA TYR D 336 -4.46 -17.28 11.26
C TYR D 336 -4.75 -17.42 12.75
N GLY D 337 -4.68 -16.33 13.50
CA GLY D 337 -4.93 -16.41 14.93
C GLY D 337 -6.33 -16.88 15.24
N PHE D 338 -7.30 -16.24 14.62
CA PHE D 338 -8.67 -16.70 14.67
C PHE D 338 -8.78 -18.17 14.28
N VAL D 339 -8.07 -18.59 13.23
CA VAL D 339 -8.22 -19.98 12.83
C VAL D 339 -7.70 -20.93 13.90
N THR D 340 -6.64 -20.56 14.62
CA THR D 340 -6.18 -21.45 15.70
C THR D 340 -7.27 -21.67 16.74
N GLN D 341 -8.09 -20.65 17.00
CA GLN D 341 -9.25 -20.78 17.88
C GLN D 341 -10.32 -21.67 17.26
N LEU D 342 -10.59 -21.50 15.96
CA LEU D 342 -11.55 -22.36 15.29
C LEU D 342 -11.12 -23.82 15.42
N ILE D 343 -9.83 -24.11 15.24
CA ILE D 343 -9.31 -25.47 15.33
C ILE D 343 -9.39 -26.00 16.76
N ARG D 344 -8.99 -25.20 17.76
CA ARG D 344 -9.19 -25.63 19.15
C ARG D 344 -10.63 -26.04 19.38
N THR D 345 -11.58 -25.22 18.93
CA THR D 345 -12.99 -25.53 19.14
C THR D 345 -13.39 -26.78 18.38
N LEU D 346 -12.84 -26.94 17.18
CA LEU D 346 -13.18 -28.07 16.34
C LEU D 346 -12.72 -29.37 16.97
N GLU D 347 -11.49 -29.38 17.50
CA GLU D 347 -10.93 -30.61 18.05
C GLU D 347 -11.74 -31.07 19.26
N LYS D 348 -12.25 -30.13 20.04
CA LYS D 348 -13.11 -30.44 21.18
C LYS D 348 -14.52 -30.84 20.75
N PHE D 349 -15.08 -30.09 19.82
CA PHE D 349 -16.38 -30.39 19.22
C PHE D 349 -16.44 -31.81 18.68
N ALA D 350 -15.32 -32.31 18.17
CA ALA D 350 -15.28 -33.61 17.53
C ALA D 350 -15.18 -34.78 18.51
N LYS D 351 -14.86 -34.50 19.78
CA LYS D 351 -14.75 -35.55 20.79
C LYS D 351 -16.01 -35.69 21.65
N LEU D 352 -16.93 -34.73 21.59
CA LEU D 352 -18.04 -34.68 22.54
C LEU D 352 -19.12 -35.73 22.25
PA NAD E . -15.33 -1.29 -13.47
O1A NAD E . -15.44 -2.68 -12.88
O2A NAD E . -14.78 -0.23 -12.58
O5B NAD E . -16.77 -0.78 -14.13
C5B NAD E . -17.62 -1.76 -14.72
C4B NAD E . -19.04 -1.14 -14.47
O4B NAD E . -19.88 -1.75 -15.24
C3B NAD E . -19.45 -1.40 -12.99
O3B NAD E . -19.97 -0.27 -12.45
C2B NAD E . -20.49 -2.53 -13.12
O2B NAD E . -21.50 -2.48 -12.03
C1B NAD E . -21.06 -2.31 -14.30
N9A NAD E . -21.54 -3.46 -15.01
C8A NAD E . -20.99 -4.69 -15.05
N7A NAD E . -21.74 -5.46 -15.85
C5A NAD E . -22.75 -4.69 -16.31
C6A NAD E . -23.79 -4.99 -17.16
N6A NAD E . -24.02 -6.28 -17.78
N1A NAD E . -24.69 -4.07 -17.50
C2A NAD E . -24.55 -2.81 -16.98
N3A NAD E . -23.53 -2.52 -16.14
C4A NAD E . -22.62 -3.47 -15.81
O3 NAD E . -14.37 -1.46 -14.83
PN NAD E . -13.54 -0.24 -15.48
O1N NAD E . -12.10 -0.20 -14.89
O2N NAD E . -14.35 1.00 -15.36
O5D NAD E . -13.35 -0.73 -17.08
C5D NAD E . -14.51 -0.72 -17.86
C4D NAD E . -14.05 -0.95 -19.33
O4D NAD E . -13.07 -0.06 -19.60
C3D NAD E . -13.45 -2.33 -19.41
O3D NAD E . -13.74 -2.86 -20.61
C2D NAD E . -11.90 -2.06 -19.22
O2D NAD E . -11.10 -3.11 -19.90
C1D NAD E . -11.74 -0.90 -19.86
N1N NAD E . -10.61 -0.04 -19.44
C2N NAD E . -10.19 0.07 -18.13
C3N NAD E . -9.11 0.90 -17.80
C7N NAD E . -8.60 1.03 -16.36
O7N NAD E . -7.47 1.38 -16.10
N7N NAD E . -9.50 0.70 -15.30
C4N NAD E . -8.50 1.61 -18.79
C5N NAD E . -8.91 1.52 -20.08
C6N NAD E . -9.99 0.69 -20.42
H51A NAD E . -17.52 -2.62 -14.29
H52A NAD E . -17.43 -1.83 -15.68
H4B NAD E . -19.04 -0.19 -14.67
H3B NAD E . -18.69 -1.71 -12.47
HO3A NAD E . -19.71 -0.19 -11.65
H2B NAD E . -20.05 -3.40 -13.12
HO2A NAD E . -21.20 -2.84 -11.33
H1B NAD E . -21.76 -1.65 -14.21
H8A NAD E . -20.24 -4.96 -14.60
H61A NAD E . -23.66 -6.48 -18.53
H62A NAD E . -24.53 -6.87 -17.38
H2A NAD E . -25.18 -2.15 -17.21
H51N NAD E . -15.09 -1.45 -17.58
H52N NAD E . -14.97 0.12 -17.76
H4D NAD E . -14.78 -0.85 -19.95
H3D NAD E . -13.78 -2.89 -18.69
HO3N NAD E . -13.58 -3.69 -20.60
H2D NAD E . -11.66 -1.97 -18.29
HO2N NAD E . -10.88 -3.70 -19.33
H1D NAD E . -11.66 -1.09 -20.81
H2N NAD E . -10.61 -0.43 -17.46
H71N NAD E . -10.30 0.45 -15.48
H72N NAD E . -9.24 0.76 -14.48
H4N NAD E . -7.79 2.17 -18.57
H5N NAD E . -8.49 2.01 -20.75
H6N NAD E . -9.96 0.89 -21.33
P PO4 F . 0.04 -0.16 0.21
O1 PO4 F . 0.59 -0.48 1.59
O2 PO4 F . 0.06 -1.45 -0.61
O3 PO4 F . 0.86 0.92 -0.47
O4 PO4 F . -1.41 0.33 0.31
CL CL G . 1.91 -10.53 -26.97
CL CL H . 11.56 27.79 -24.13
PA NAD I . 19.69 -0.10 5.71
O1A NAD I . 19.41 1.38 5.63
O2A NAD I . 18.50 -0.91 6.02
O5B NAD I . 20.84 -0.44 6.85
C5B NAD I . 22.07 0.27 6.89
C4B NAD I . 22.63 0.19 8.37
O4B NAD I . 23.78 0.77 8.37
C3B NAD I . 21.69 0.94 9.38
O3B NAD I . 21.37 0.21 10.49
C2B NAD I . 22.53 2.18 9.72
O2B NAD I . 22.21 2.62 11.12
C1B NAD I . 23.78 1.76 9.62
N9A NAD I . 24.77 2.73 9.25
C8A NAD I . 24.69 3.73 8.35
N7A NAD I . 25.87 4.37 8.32
C5A NAD I . 26.68 3.74 9.19
C6A NAD I . 27.98 3.99 9.56
N6A NAD I . 28.78 5.08 8.99
N1A NAD I . 28.58 3.21 10.46
C2A NAD I . 27.88 2.18 11.03
N3A NAD I . 26.59 1.94 10.69
C4A NAD I . 26.01 2.72 9.76
O3 NAD I . 20.34 -0.54 4.26
PN NAD I . 20.24 -2.07 3.68
O1N NAD I . 20.43 -3.03 4.81
O2N NAD I . 18.93 -2.29 2.89
O5D NAD I . 21.54 -2.17 2.64
C5D NAD I . 22.82 -2.10 3.18
C4D NAD I . 23.84 -2.47 2.05
O4D NAD I . 23.44 -3.58 1.42
C3D NAD I . 23.85 -1.37 1.01
O3D NAD I . 25.11 -1.27 0.53
C2D NAD I . 22.77 -1.88 -0.03
O2D NAD I . 23.02 -1.28 -1.38
C1D NAD I . 22.97 -3.17 -0.07
N1N NAD I . 21.82 -4.01 -0.50
C2N NAD I . 20.51 -3.83 -0.14
C3N NAD I . 19.52 -4.70 -0.64
C7N NAD I . 18.01 -4.53 -0.31
O7N NAD I . 17.14 -4.99 -1.03
N7N NAD I . 17.66 -3.73 0.83
C4N NAD I . 19.87 -5.72 -1.48
C5N NAD I . 21.17 -5.91 -1.81
C6N NAD I . 22.16 -5.05 -1.32
H51A NAD I . 21.91 1.20 6.63
H52A NAD I . 22.70 -0.13 6.27
H4B NAD I . 22.72 -0.74 8.64
H3B NAD I . 20.88 1.23 8.92
HO3A NAD I . 20.53 0.18 10.58
H2B NAD I . 22.37 2.89 9.09
HO2A NAD I . 21.37 2.78 11.19
H1B NAD I . 24.04 1.28 10.42
H8A NAD I . 23.95 3.95 7.84
H61A NAD I . 29.22 4.97 8.26
H62A NAD I . 28.83 5.84 9.41
H2A NAD I . 28.29 1.63 11.67
H51N NAD I . 22.90 -2.73 3.93
H52N NAD I . 23.00 -1.20 3.49
H4D NAD I . 24.74 -2.59 2.41
H3D NAD I . 23.56 -0.53 1.40
HO3N NAD I . 25.12 -0.79 -0.17
H2D NAD I . 21.86 -1.67 0.27
HO2N NAD I . 22.59 -0.55 -1.46
H1D NAD I . 23.71 -3.33 -0.67
H2N NAD I . 20.27 -3.12 0.40
H71N NAD I . 16.83 -3.60 1.04
H72N NAD I . 18.28 -3.38 1.33
H4N NAD I . 19.23 -6.31 -1.80
H5N NAD I . 21.41 -6.61 -2.36
H6N NAD I . 22.85 -5.49 -1.76
CL CL J . 23.08 0.76 -17.69
PA NAD K . 8.98 17.17 6.91
O1A NAD K . 10.05 16.19 7.30
O2A NAD K . 8.20 16.79 5.69
O5B NAD K . 9.60 18.68 6.73
C5B NAD K . 10.65 19.15 7.58
C4B NAD K . 11.52 20.14 6.68
O4B NAD K . 12.32 20.82 7.44
C3B NAD K . 12.38 19.31 5.69
O3B NAD K . 12.37 19.84 4.41
C2B NAD K . 13.79 19.44 6.29
O2B NAD K . 14.75 19.44 5.13
C1B NAD K . 13.80 20.60 6.88
N9A NAD K . 14.66 20.73 8.05
C8A NAD K . 14.93 19.85 9.03
N7A NAD K . 15.74 20.43 9.91
C5A NAD K . 15.94 21.70 9.51
C6A NAD K . 16.69 22.73 10.02
N6A NAD K . 17.47 22.72 11.25
N1A NAD K . 16.72 23.91 9.41
C2A NAD K . 16.03 24.08 8.25
N3A NAD K . 15.29 23.06 7.74
C4A NAD K . 15.26 21.88 8.37
O3 NAD K . 7.99 17.30 8.20
PN NAD K . 6.47 17.90 8.17
O1N NAD K . 5.56 16.68 7.93
O2N NAD K . 6.41 19.03 7.17
O5D NAD K . 6.22 18.50 9.70
C5D NAD K . 6.93 19.65 10.01
C4D NAD K . 6.36 20.27 11.32
O4D NAD K . 5.03 20.41 11.24
C3D NAD K . 6.60 19.34 12.50
O3D NAD K . 6.70 20.09 13.63
C2D NAD K . 5.28 18.47 12.48
O2D NAD K . 5.04 17.88 13.83
C1D NAD K . 4.36 19.35 12.24
N1N NAD K . 3.12 18.85 11.61
C2N NAD K . 3.14 17.86 10.66
C3N NAD K . 1.94 17.45 10.11
C7N NAD K . 1.96 16.32 9.09
O7N NAD K . 2.90 16.06 8.42
N7N NAD K . 0.79 15.51 9.03
C4N NAD K . 0.75 18.00 10.49
C5N NAD K . 0.72 18.99 11.43
C6N NAD K . 1.94 19.42 11.99
H51A NAD K . 11.20 18.41 7.89
H52A NAD K . 10.28 19.63 8.34
H4B NAD K . 10.94 20.74 6.19
H3B NAD K . 12.10 18.38 5.68
HO3A NAD K . 12.17 19.23 3.86
H2B NAD K . 13.98 18.72 6.91
HO2A NAD K . 14.97 18.65 4.94
H1B NAD K . 14.01 21.30 6.24
H8A NAD K . 14.63 18.98 9.06
H61A NAD K . 17.13 22.97 11.99
H62A NAD K . 18.29 22.46 11.23
H2A NAD K . 16.05 24.91 7.82
H51N NAD K . 6.85 20.28 9.29
H52N NAD K . 7.86 19.42 10.15
H4D NAD K . 6.77 21.14 11.50
H3D NAD K . 7.39 18.80 12.36
HO3N NAD K . 7.13 19.67 14.22
H2D NAD K . 5.32 17.80 11.80
HO2N NAD K . 5.41 17.12 13.88
H1D NAD K . 4.14 19.80 13.07
H2N NAD K . 3.94 17.46 10.40
H71N NAD K . 0.75 14.86 8.47
H72N NAD K . 0.11 15.69 9.52
H4N NAD K . -0.05 17.70 10.11
H5N NAD K . -0.08 19.38 11.68
H6N NAD K . 1.54 20.06 12.53
CL CL L . -2.44 11.21 27.01
PA NAD M . -13.25 -15.65 1.32
O1A NAD M . -13.98 -14.79 0.29
O2A NAD M . -11.79 -15.60 1.32
O5B NAD M . -13.70 -17.23 1.21
C5B NAD M . -15.03 -17.56 0.78
C4B NAD M . -14.86 -18.92 0.00
O4B NAD M . -16.01 -19.51 -0.09
C3B NAD M . -14.38 -18.58 -1.45
O3B NAD M . -13.40 -19.44 -1.86
C2B NAD M . -15.65 -18.73 -2.29
O2B NAD M . -15.20 -19.18 -3.66
C1B NAD M . -16.36 -19.66 -1.66
N9A NAD M . -17.82 -19.57 -1.77
C8A NAD M . -18.64 -18.50 -1.80
N7A NAD M . -19.90 -18.95 -1.89
C5A NAD M . -19.85 -20.29 -1.92
C6A NAD M . -20.84 -21.26 -2.00
N6A NAD M . -22.29 -21.06 -2.10
N1A NAD M . -20.51 -22.54 -2.00
C2A NAD M . -19.22 -22.91 -1.92
N3A NAD M . -18.25 -21.96 -1.83
C4A NAD M . -18.58 -20.67 -1.83
O3 NAD M . -13.85 -15.14 2.78
PN NAD M . -13.06 -15.46 4.19
O1N NAD M . -12.16 -14.23 4.48
O2N NAD M . -12.31 -16.76 4.10
O5D NAD M . -14.26 -15.63 5.31
C5D NAD M . -15.01 -16.80 5.25
C4D NAD M . -15.91 -16.85 6.53
O4D NAD M . -15.15 -16.72 7.61
C3D NAD M . -16.86 -15.66 6.48
O3D NAD M . -18.08 -15.96 7.00
C2D NAD M . -16.09 -14.58 7.36
O2D NAD M . -17.08 -13.64 7.97
C1D NAD M . -15.50 -15.28 8.28
N1N NAD M . -14.27 -14.68 8.87
C2N NAD M . -13.29 -13.99 8.16
C3N NAD M . -12.19 -13.46 8.81
C7N NAD M . -11.08 -12.69 8.05
O7N NAD M . -10.30 -11.99 8.62
N7N NAD M . -11.03 -12.82 6.61
C4N NAD M . -12.06 -13.60 10.17
C5N NAD M . -13.01 -14.26 10.88
C6N NAD M . -14.12 -14.82 10.22
H51A NAD M . -15.61 -17.67 1.55
H52A NAD M . -15.37 -16.87 0.19
H4B NAD M . -14.21 -19.50 0.44
H3B NAD M . -14.06 -17.66 -1.49
HO3A NAD M . -12.71 -18.99 -2.12
H2B NAD M . -16.14 -17.89 -2.34
HO2A NAD M . -15.58 -18.70 -4.25
H1B NAD M . -16.08 -20.53 -1.97
H8A NAD M . -18.37 -17.60 -1.77
H61A NAD M . -22.77 -21.08 -1.40
H62A NAD M . -22.65 -20.94 -2.87
H2A NAD M . -18.98 -23.81 -1.92
H51N NAD M . -15.58 -16.78 4.46
H52N NAD M . -14.43 -17.57 5.22
H4D NAD M . -16.41 -17.69 6.56
H3D NAD M . -16.95 -15.34 5.58
HO3N NAD M . -18.67 -15.45 6.65
H2D NAD M . -15.44 -14.11 6.82
HO2N NAD M . -17.22 -12.99 7.44
H1D NAD M . -16.13 -15.44 9.00
H2N NAD M . -13.39 -13.89 7.24
H71N NAD M . -11.59 -13.33 6.20
H72N NAD M . -10.43 -12.40 6.16
H4N NAD M . -11.32 -13.25 10.61
H5N NAD M . -12.92 -14.37 11.80
H6N NAD M . -14.50 -15.15 11.00
CL CL N . -22.79 -1.93 18.21
#